data_1N8U
# 
_entry.id   1N8U 
# 
_audit_conform.dict_name       mmcif_pdbx.dic 
_audit_conform.dict_version    5.398 
_audit_conform.dict_location   http://mmcif.pdb.org/dictionaries/ascii/mmcif_pdbx.dic 
# 
loop_
_database_2.database_id 
_database_2.database_code 
_database_2.pdbx_database_accession 
_database_2.pdbx_DOI 
PDB   1N8U         pdb_00001n8u 10.2210/pdb1n8u/pdb 
RCSB  RCSB017663   ?            ?                   
WWPDB D_1000017663 ?            ?                   
# 
loop_
_pdbx_audit_revision_history.ordinal 
_pdbx_audit_revision_history.data_content_type 
_pdbx_audit_revision_history.major_revision 
_pdbx_audit_revision_history.minor_revision 
_pdbx_audit_revision_history.revision_date 
1 'Structure model' 1 0 2003-04-01 
2 'Structure model' 1 1 2008-04-28 
3 'Structure model' 1 2 2011-07-13 
4 'Structure model' 1 3 2024-04-03 
5 'Structure model' 1 4 2024-10-30 
# 
_pdbx_audit_revision_details.ordinal             1 
_pdbx_audit_revision_details.revision_ordinal    1 
_pdbx_audit_revision_details.data_content_type   'Structure model' 
_pdbx_audit_revision_details.provider            repository 
_pdbx_audit_revision_details.type                'Initial release' 
_pdbx_audit_revision_details.description         ? 
_pdbx_audit_revision_details.details             ? 
# 
loop_
_pdbx_audit_revision_group.ordinal 
_pdbx_audit_revision_group.revision_ordinal 
_pdbx_audit_revision_group.data_content_type 
_pdbx_audit_revision_group.group 
1 2 'Structure model' 'Version format compliance' 
2 3 'Structure model' 'Version format compliance' 
3 4 'Structure model' 'Data collection'           
4 4 'Structure model' 'Database references'       
5 4 'Structure model' 'Derived calculations'      
6 4 'Structure model' 'Refinement description'    
7 5 'Structure model' 'Structure summary'         
# 
loop_
_pdbx_audit_revision_category.ordinal 
_pdbx_audit_revision_category.revision_ordinal 
_pdbx_audit_revision_category.data_content_type 
_pdbx_audit_revision_category.category 
1 4 'Structure model' chem_comp_atom                
2 4 'Structure model' chem_comp_bond                
3 4 'Structure model' database_2                    
4 4 'Structure model' pdbx_initial_refinement_model 
5 4 'Structure model' struct_site                   
6 5 'Structure model' pdbx_entry_details            
7 5 'Structure model' pdbx_modification_feature     
# 
loop_
_pdbx_audit_revision_item.ordinal 
_pdbx_audit_revision_item.revision_ordinal 
_pdbx_audit_revision_item.data_content_type 
_pdbx_audit_revision_item.item 
1 4 'Structure model' '_database_2.pdbx_DOI'                
2 4 'Structure model' '_database_2.pdbx_database_accession' 
3 4 'Structure model' '_struct_site.pdbx_auth_asym_id'      
4 4 'Structure model' '_struct_site.pdbx_auth_comp_id'      
5 4 'Structure model' '_struct_site.pdbx_auth_seq_id'       
# 
_pdbx_database_status.status_code                     REL 
_pdbx_database_status.entry_id                        1N8U 
_pdbx_database_status.recvd_initial_deposition_date   2002-11-21 
_pdbx_database_status.deposit_site                    RCSB 
_pdbx_database_status.process_site                    RCSB 
_pdbx_database_status.status_code_sf                  REL 
_pdbx_database_status.SG_entry                        . 
_pdbx_database_status.pdb_format_compatible           Y 
_pdbx_database_status.status_code_mr                  ? 
_pdbx_database_status.status_code_cs                  ? 
_pdbx_database_status.status_code_nmr_data            ? 
_pdbx_database_status.methods_development_category    ? 
# 
loop_
_pdbx_database_related.db_name 
_pdbx_database_related.db_id 
_pdbx_database_related.details 
_pdbx_database_related.content_type 
PDB 1K19 . unspecified 
PDB 1KX8 . unspecified 
PDB 1KX9 . unspecified 
PDB 1N8V . unspecified 
# 
loop_
_audit_author.name 
_audit_author.pdbx_ordinal 
'Campanacci, V.'         1 
'Lartigue, A.'           2 
'Hallberg, B.M.'         3 
'Jones, T.A.'            4 
'Giudici-Orticoni, M.T.' 5 
'Tegoni, M.'             6 
'Cambillau, C.'          7 
# 
_citation.id                        primary 
_citation.title                     
'Moth chemosensory protein exhibits drastic conformational changes and cooperativity on ligand binding.' 
_citation.journal_abbrev            Proc.Natl.Acad.Sci.USA 
_citation.journal_volume            100 
_citation.page_first                5069 
_citation.page_last                 5074 
_citation.year                      2003 
_citation.journal_id_ASTM           PNASA6 
_citation.country                   US 
_citation.journal_id_ISSN           0027-8424 
_citation.journal_id_CSD            0040 
_citation.book_publisher            ? 
_citation.pdbx_database_id_PubMed   12697900 
_citation.pdbx_database_id_DOI      10.1073/pnas.0836654100 
# 
loop_
_citation_author.citation_id 
_citation_author.name 
_citation_author.ordinal 
_citation_author.identifier_ORCID 
primary 'Campanacci, V.'         1 ? 
primary 'Lartigue, A.'           2 ? 
primary 'Hallberg, B.M.'         3 ? 
primary 'Jones, T.A.'            4 ? 
primary 'Giudici-Orticoni, M.T.' 5 ? 
primary 'Tegoni, M.'             6 ? 
primary 'Cambillau, C.'          7 ? 
# 
loop_
_entity.id 
_entity.type 
_entity.src_method 
_entity.pdbx_description 
_entity.formula_weight 
_entity.pdbx_number_of_molecules 
_entity.pdbx_ec 
_entity.pdbx_mutation 
_entity.pdbx_fragment 
_entity.details 
1 polymer     man 'chemosensory protein' 13094.840 1   ? ? ? ? 
2 non-polymer syn BROMO-DODECANOL        265.230   3   ? ? ? ? 
3 water       nat water                  18.015    110 ? ? ? ? 
# 
_entity_poly.entity_id                      1 
_entity_poly.type                           'polypeptide(L)' 
_entity_poly.nstd_linkage                   no 
_entity_poly.nstd_monomer                   no 
_entity_poly.pdbx_seq_one_letter_code       
;EDKYTDKYDNINLDEILANKRLLVAYVNCVMERGKCSPEGKELKEHLQDAIENGCKKCTENQEKGAYRVIEHLIKNEIEI
WRELTAKYDPTGNWRKKYEDRAKAAGIVIPEE
;
_entity_poly.pdbx_seq_one_letter_code_can   
;EDKYTDKYDNINLDEILANKRLLVAYVNCVMERGKCSPEGKELKEHLQDAIENGCKKCTENQEKGAYRVIEHLIKNEIEI
WRELTAKYDPTGNWRKKYEDRAKAAGIVIPEE
;
_entity_poly.pdbx_strand_id                 A 
_entity_poly.pdbx_target_identifier         ? 
# 
loop_
_pdbx_entity_nonpoly.entity_id 
_pdbx_entity_nonpoly.name 
_pdbx_entity_nonpoly.comp_id 
2 BROMO-DODECANOL BDD 
3 water           HOH 
# 
loop_
_entity_poly_seq.entity_id 
_entity_poly_seq.num 
_entity_poly_seq.mon_id 
_entity_poly_seq.hetero 
1 1   GLU n 
1 2   ASP n 
1 3   LYS n 
1 4   TYR n 
1 5   THR n 
1 6   ASP n 
1 7   LYS n 
1 8   TYR n 
1 9   ASP n 
1 10  ASN n 
1 11  ILE n 
1 12  ASN n 
1 13  LEU n 
1 14  ASP n 
1 15  GLU n 
1 16  ILE n 
1 17  LEU n 
1 18  ALA n 
1 19  ASN n 
1 20  LYS n 
1 21  ARG n 
1 22  LEU n 
1 23  LEU n 
1 24  VAL n 
1 25  ALA n 
1 26  TYR n 
1 27  VAL n 
1 28  ASN n 
1 29  CYS n 
1 30  VAL n 
1 31  MET n 
1 32  GLU n 
1 33  ARG n 
1 34  GLY n 
1 35  LYS n 
1 36  CYS n 
1 37  SER n 
1 38  PRO n 
1 39  GLU n 
1 40  GLY n 
1 41  LYS n 
1 42  GLU n 
1 43  LEU n 
1 44  LYS n 
1 45  GLU n 
1 46  HIS n 
1 47  LEU n 
1 48  GLN n 
1 49  ASP n 
1 50  ALA n 
1 51  ILE n 
1 52  GLU n 
1 53  ASN n 
1 54  GLY n 
1 55  CYS n 
1 56  LYS n 
1 57  LYS n 
1 58  CYS n 
1 59  THR n 
1 60  GLU n 
1 61  ASN n 
1 62  GLN n 
1 63  GLU n 
1 64  LYS n 
1 65  GLY n 
1 66  ALA n 
1 67  TYR n 
1 68  ARG n 
1 69  VAL n 
1 70  ILE n 
1 71  GLU n 
1 72  HIS n 
1 73  LEU n 
1 74  ILE n 
1 75  LYS n 
1 76  ASN n 
1 77  GLU n 
1 78  ILE n 
1 79  GLU n 
1 80  ILE n 
1 81  TRP n 
1 82  ARG n 
1 83  GLU n 
1 84  LEU n 
1 85  THR n 
1 86  ALA n 
1 87  LYS n 
1 88  TYR n 
1 89  ASP n 
1 90  PRO n 
1 91  THR n 
1 92  GLY n 
1 93  ASN n 
1 94  TRP n 
1 95  ARG n 
1 96  LYS n 
1 97  LYS n 
1 98  TYR n 
1 99  GLU n 
1 100 ASP n 
1 101 ARG n 
1 102 ALA n 
1 103 LYS n 
1 104 ALA n 
1 105 ALA n 
1 106 GLY n 
1 107 ILE n 
1 108 VAL n 
1 109 ILE n 
1 110 PRO n 
1 111 GLU n 
1 112 GLU n 
# 
_entity_src_gen.entity_id                          1 
_entity_src_gen.pdbx_src_id                        1 
_entity_src_gen.pdbx_alt_source_flag               sample 
_entity_src_gen.pdbx_seq_type                      ? 
_entity_src_gen.pdbx_beg_seq_num                   ? 
_entity_src_gen.pdbx_end_seq_num                   ? 
_entity_src_gen.gene_src_common_name               'cabbage moth' 
_entity_src_gen.gene_src_genus                     Mamestra 
_entity_src_gen.pdbx_gene_src_gene                 ? 
_entity_src_gen.gene_src_species                   ? 
_entity_src_gen.gene_src_strain                    ? 
_entity_src_gen.gene_src_tissue                    ? 
_entity_src_gen.gene_src_tissue_fraction           ? 
_entity_src_gen.gene_src_details                   ? 
_entity_src_gen.pdbx_gene_src_fragment             ? 
_entity_src_gen.pdbx_gene_src_scientific_name      'Mamestra brassicae' 
_entity_src_gen.pdbx_gene_src_ncbi_taxonomy_id     55057 
_entity_src_gen.pdbx_gene_src_variant              ? 
_entity_src_gen.pdbx_gene_src_cell_line            ? 
_entity_src_gen.pdbx_gene_src_atcc                 ? 
_entity_src_gen.pdbx_gene_src_organ                ? 
_entity_src_gen.pdbx_gene_src_organelle            ? 
_entity_src_gen.pdbx_gene_src_cell                 ? 
_entity_src_gen.pdbx_gene_src_cellular_location    ? 
_entity_src_gen.host_org_common_name               ? 
_entity_src_gen.pdbx_host_org_scientific_name      'Escherichia coli BL21(DE3)' 
_entity_src_gen.pdbx_host_org_ncbi_taxonomy_id     469008 
_entity_src_gen.host_org_genus                     Escherichia 
_entity_src_gen.pdbx_host_org_gene                 ? 
_entity_src_gen.pdbx_host_org_organ                ? 
_entity_src_gen.host_org_species                   'Escherichia coli' 
_entity_src_gen.pdbx_host_org_tissue               ? 
_entity_src_gen.pdbx_host_org_tissue_fraction      ? 
_entity_src_gen.pdbx_host_org_strain               BL21-DE3 
_entity_src_gen.pdbx_host_org_variant              ? 
_entity_src_gen.pdbx_host_org_cell_line            ? 
_entity_src_gen.pdbx_host_org_atcc                 ? 
_entity_src_gen.pdbx_host_org_culture_collection   ? 
_entity_src_gen.pdbx_host_org_cell                 ? 
_entity_src_gen.pdbx_host_org_organelle            ? 
_entity_src_gen.pdbx_host_org_cellular_location    ? 
_entity_src_gen.pdbx_host_org_vector_type          plasmid 
_entity_src_gen.pdbx_host_org_vector               ? 
_entity_src_gen.host_org_details                   ? 
_entity_src_gen.expression_system_id               ? 
_entity_src_gen.plasmid_name                       PET-22B 
_entity_src_gen.plasmid_details                    ? 
_entity_src_gen.pdbx_description                   ? 
# 
loop_
_chem_comp.id 
_chem_comp.type 
_chem_comp.mon_nstd_flag 
_chem_comp.name 
_chem_comp.pdbx_synonyms 
_chem_comp.formula 
_chem_comp.formula_weight 
ALA 'L-peptide linking' y ALANINE         ? 'C3 H7 N O2'     89.093  
ARG 'L-peptide linking' y ARGININE        ? 'C6 H15 N4 O2 1' 175.209 
ASN 'L-peptide linking' y ASPARAGINE      ? 'C4 H8 N2 O3'    132.118 
ASP 'L-peptide linking' y 'ASPARTIC ACID' ? 'C4 H7 N O4'     133.103 
BDD non-polymer         . BROMO-DODECANOL ? 'C12 H25 Br O'   265.230 
CYS 'L-peptide linking' y CYSTEINE        ? 'C3 H7 N O2 S'   121.158 
GLN 'L-peptide linking' y GLUTAMINE       ? 'C5 H10 N2 O3'   146.144 
GLU 'L-peptide linking' y 'GLUTAMIC ACID' ? 'C5 H9 N O4'     147.129 
GLY 'peptide linking'   y GLYCINE         ? 'C2 H5 N O2'     75.067  
HIS 'L-peptide linking' y HISTIDINE       ? 'C6 H10 N3 O2 1' 156.162 
HOH non-polymer         . WATER           ? 'H2 O'           18.015  
ILE 'L-peptide linking' y ISOLEUCINE      ? 'C6 H13 N O2'    131.173 
LEU 'L-peptide linking' y LEUCINE         ? 'C6 H13 N O2'    131.173 
LYS 'L-peptide linking' y LYSINE          ? 'C6 H15 N2 O2 1' 147.195 
MET 'L-peptide linking' y METHIONINE      ? 'C5 H11 N O2 S'  149.211 
PRO 'L-peptide linking' y PROLINE         ? 'C5 H9 N O2'     115.130 
SER 'L-peptide linking' y SERINE          ? 'C3 H7 N O3'     105.093 
THR 'L-peptide linking' y THREONINE       ? 'C4 H9 N O3'     119.119 
TRP 'L-peptide linking' y TRYPTOPHAN      ? 'C11 H12 N2 O2'  204.225 
TYR 'L-peptide linking' y TYROSINE        ? 'C9 H11 N O3'    181.189 
VAL 'L-peptide linking' y VALINE          ? 'C5 H11 N O2'    117.146 
# 
loop_
_pdbx_poly_seq_scheme.asym_id 
_pdbx_poly_seq_scheme.entity_id 
_pdbx_poly_seq_scheme.seq_id 
_pdbx_poly_seq_scheme.mon_id 
_pdbx_poly_seq_scheme.ndb_seq_num 
_pdbx_poly_seq_scheme.pdb_seq_num 
_pdbx_poly_seq_scheme.auth_seq_num 
_pdbx_poly_seq_scheme.pdb_mon_id 
_pdbx_poly_seq_scheme.auth_mon_id 
_pdbx_poly_seq_scheme.pdb_strand_id 
_pdbx_poly_seq_scheme.pdb_ins_code 
_pdbx_poly_seq_scheme.hetero 
A 1 1   GLU 1   1   ?   ?   ?   A . n 
A 1 2   ASP 2   2   ?   ?   ?   A . n 
A 1 3   LYS 3   3   3   LYS ALA A . n 
A 1 4   TYR 4   4   4   TYR TYR A . n 
A 1 5   THR 5   5   5   THR THR A . n 
A 1 6   ASP 6   6   6   ASP ASP A . n 
A 1 7   LYS 7   7   7   LYS LYS A . n 
A 1 8   TYR 8   8   8   TYR TYR A . n 
A 1 9   ASP 9   9   9   ASP ASP A . n 
A 1 10  ASN 10  10  10  ASN ASN A . n 
A 1 11  ILE 11  11  11  ILE ILE A . n 
A 1 12  ASN 12  12  12  ASN ASN A . n 
A 1 13  LEU 13  13  13  LEU LEU A . n 
A 1 14  ASP 14  14  14  ASP ASP A . n 
A 1 15  GLU 15  15  15  GLU ALA A . n 
A 1 16  ILE 16  16  16  ILE ILE A . n 
A 1 17  LEU 17  17  17  LEU LEU A . n 
A 1 18  ALA 18  18  18  ALA ALA A . n 
A 1 19  ASN 19  19  19  ASN ASN A . n 
A 1 20  LYS 20  20  20  LYS LYS A . n 
A 1 21  ARG 21  21  21  ARG ARG A . n 
A 1 22  LEU 22  22  22  LEU LEU A . n 
A 1 23  LEU 23  23  23  LEU LEU A . n 
A 1 24  VAL 24  24  24  VAL VAL A . n 
A 1 25  ALA 25  25  25  ALA ALA A . n 
A 1 26  TYR 26  26  26  TYR TYR A . n 
A 1 27  VAL 27  27  27  VAL VAL A . n 
A 1 28  ASN 28  28  28  ASN ASN A . n 
A 1 29  CYS 29  29  29  CYS CYS A . n 
A 1 30  VAL 30  30  30  VAL VAL A . n 
A 1 31  MET 31  31  31  MET MET A . n 
A 1 32  GLU 32  32  32  GLU GLU A . n 
A 1 33  ARG 33  33  33  ARG ARG A . n 
A 1 34  GLY 34  34  34  GLY GLY A . n 
A 1 35  LYS 35  35  35  LYS LYS A . n 
A 1 36  CYS 36  36  36  CYS CYS A . n 
A 1 37  SER 37  37  37  SER SER A . n 
A 1 38  PRO 38  38  38  PRO PRO A . n 
A 1 39  GLU 39  39  39  GLU GLU A . n 
A 1 40  GLY 40  40  40  GLY GLY A . n 
A 1 41  LYS 41  41  41  LYS LYS A . n 
A 1 42  GLU 42  42  42  GLU GLU A . n 
A 1 43  LEU 43  43  43  LEU LEU A . n 
A 1 44  LYS 44  44  44  LYS LYS A . n 
A 1 45  GLU 45  45  45  GLU GLU A . n 
A 1 46  HIS 46  46  46  HIS HIS A . n 
A 1 47  LEU 47  47  47  LEU LEU A . n 
A 1 48  GLN 48  48  48  GLN GLN A . n 
A 1 49  ASP 49  49  49  ASP ASP A . n 
A 1 50  ALA 50  50  50  ALA ALA A . n 
A 1 51  ILE 51  51  51  ILE ILE A . n 
A 1 52  GLU 52  52  52  GLU GLU A . n 
A 1 53  ASN 53  53  53  ASN ASN A . n 
A 1 54  GLY 54  54  54  GLY GLY A . n 
A 1 55  CYS 55  55  55  CYS CYS A . n 
A 1 56  LYS 56  56  56  LYS LYS A . n 
A 1 57  LYS 57  57  57  LYS LYS A . n 
A 1 58  CYS 58  58  58  CYS CYS A . n 
A 1 59  THR 59  59  59  THR THR A . n 
A 1 60  GLU 60  60  60  GLU GLU A . n 
A 1 61  ASN 61  61  61  ASN ASN A . n 
A 1 62  GLN 62  62  62  GLN GLN A . n 
A 1 63  GLU 63  63  63  GLU GLU A . n 
A 1 64  LYS 64  64  64  LYS LYS A . n 
A 1 65  GLY 65  65  65  GLY GLY A . n 
A 1 66  ALA 66  66  66  ALA ALA A . n 
A 1 67  TYR 67  67  67  TYR TYR A . n 
A 1 68  ARG 68  68  68  ARG ARG A . n 
A 1 69  VAL 69  69  69  VAL VAL A . n 
A 1 70  ILE 70  70  70  ILE ILE A . n 
A 1 71  GLU 71  71  71  GLU GLU A . n 
A 1 72  HIS 72  72  72  HIS HIS A . n 
A 1 73  LEU 73  73  73  LEU LEU A . n 
A 1 74  ILE 74  74  74  ILE ILE A . n 
A 1 75  LYS 75  75  75  LYS LYS A . n 
A 1 76  ASN 76  76  76  ASN ASN A . n 
A 1 77  GLU 77  77  77  GLU GLU A . n 
A 1 78  ILE 78  78  78  ILE ILE A . n 
A 1 79  GLU 79  79  79  GLU GLU A . n 
A 1 80  ILE 80  80  80  ILE ILE A . n 
A 1 81  TRP 81  81  81  TRP TRP A . n 
A 1 82  ARG 82  82  82  ARG ARG A . n 
A 1 83  GLU 83  83  83  GLU GLU A . n 
A 1 84  LEU 84  84  84  LEU LEU A . n 
A 1 85  THR 85  85  85  THR THR A . n 
A 1 86  ALA 86  86  86  ALA ALA A . n 
A 1 87  LYS 87  87  87  LYS LYS A . n 
A 1 88  TYR 88  88  88  TYR TYR A . n 
A 1 89  ASP 89  89  89  ASP ASP A . n 
A 1 90  PRO 90  90  90  PRO PRO A . n 
A 1 91  THR 91  91  91  THR THR A . n 
A 1 92  GLY 92  92  92  GLY GLY A . n 
A 1 93  ASN 93  93  93  ASN ASN A . n 
A 1 94  TRP 94  94  94  TRP TRP A . n 
A 1 95  ARG 95  95  95  ARG ARG A . n 
A 1 96  LYS 96  96  96  LYS LYS A . n 
A 1 97  LYS 97  97  97  LYS LYS A . n 
A 1 98  TYR 98  98  98  TYR TYR A . n 
A 1 99  GLU 99  99  99  GLU GLU A . n 
A 1 100 ASP 100 100 100 ASP ASP A . n 
A 1 101 ARG 101 101 101 ARG ARG A . n 
A 1 102 ALA 102 102 102 ALA ALA A . n 
A 1 103 LYS 103 103 ?   ?   ?   A . n 
A 1 104 ALA 104 104 ?   ?   ?   A . n 
A 1 105 ALA 105 105 ?   ?   ?   A . n 
A 1 106 GLY 106 106 ?   ?   ?   A . n 
A 1 107 ILE 107 107 ?   ?   ?   A . n 
A 1 108 VAL 108 108 ?   ?   ?   A . n 
A 1 109 ILE 109 109 ?   ?   ?   A . n 
A 1 110 PRO 110 110 ?   ?   ?   A . n 
A 1 111 GLU 111 111 ?   ?   ?   A . n 
A 1 112 GLU 112 112 ?   ?   ?   A . n 
# 
loop_
_pdbx_nonpoly_scheme.asym_id 
_pdbx_nonpoly_scheme.entity_id 
_pdbx_nonpoly_scheme.mon_id 
_pdbx_nonpoly_scheme.ndb_seq_num 
_pdbx_nonpoly_scheme.pdb_seq_num 
_pdbx_nonpoly_scheme.auth_seq_num 
_pdbx_nonpoly_scheme.pdb_mon_id 
_pdbx_nonpoly_scheme.auth_mon_id 
_pdbx_nonpoly_scheme.pdb_strand_id 
_pdbx_nonpoly_scheme.pdb_ins_code 
B 2 BDD 1   411 411 BDD BRD A . 
C 2 BDD 1   412 412 BDD BRD A . 
D 2 BDD 1   413 413 BDD BRD A . 
E 3 HOH 1   414 1   HOH HOH A . 
E 3 HOH 2   415 3   HOH HOH A . 
E 3 HOH 3   416 4   HOH HOH A . 
E 3 HOH 4   417 5   HOH HOH A . 
E 3 HOH 5   418 6   HOH HOH A . 
E 3 HOH 6   419 7   HOH HOH A . 
E 3 HOH 7   420 8   HOH HOH A . 
E 3 HOH 8   421 9   HOH HOH A . 
E 3 HOH 9   422 10  HOH HOH A . 
E 3 HOH 10  423 11  HOH HOH A . 
E 3 HOH 11  424 12  HOH HOH A . 
E 3 HOH 12  425 13  HOH HOH A . 
E 3 HOH 13  426 14  HOH HOH A . 
E 3 HOH 14  427 15  HOH HOH A . 
E 3 HOH 15  428 16  HOH HOH A . 
E 3 HOH 16  429 17  HOH HOH A . 
E 3 HOH 17  430 18  HOH HOH A . 
E 3 HOH 18  431 19  HOH HOH A . 
E 3 HOH 19  432 20  HOH HOH A . 
E 3 HOH 20  433 21  HOH HOH A . 
E 3 HOH 21  434 22  HOH HOH A . 
E 3 HOH 22  435 23  HOH HOH A . 
E 3 HOH 23  436 24  HOH HOH A . 
E 3 HOH 24  437 26  HOH HOH A . 
E 3 HOH 25  438 27  HOH HOH A . 
E 3 HOH 26  439 28  HOH HOH A . 
E 3 HOH 27  440 29  HOH HOH A . 
E 3 HOH 28  441 30  HOH HOH A . 
E 3 HOH 29  442 31  HOH HOH A . 
E 3 HOH 30  443 32  HOH HOH A . 
E 3 HOH 31  444 33  HOH HOH A . 
E 3 HOH 32  445 34  HOH HOH A . 
E 3 HOH 33  446 35  HOH HOH A . 
E 3 HOH 34  447 36  HOH HOH A . 
E 3 HOH 35  448 37  HOH HOH A . 
E 3 HOH 36  449 38  HOH HOH A . 
E 3 HOH 37  450 39  HOH HOH A . 
E 3 HOH 38  451 40  HOH HOH A . 
E 3 HOH 39  452 41  HOH HOH A . 
E 3 HOH 40  453 42  HOH HOH A . 
E 3 HOH 41  454 43  HOH HOH A . 
E 3 HOH 42  455 44  HOH HOH A . 
E 3 HOH 43  456 45  HOH HOH A . 
E 3 HOH 44  457 46  HOH HOH A . 
E 3 HOH 45  458 47  HOH HOH A . 
E 3 HOH 46  459 48  HOH HOH A . 
E 3 HOH 47  460 49  HOH HOH A . 
E 3 HOH 48  461 50  HOH HOH A . 
E 3 HOH 49  462 51  HOH HOH A . 
E 3 HOH 50  463 52  HOH HOH A . 
E 3 HOH 51  464 53  HOH HOH A . 
E 3 HOH 52  465 54  HOH HOH A . 
E 3 HOH 53  466 55  HOH HOH A . 
E 3 HOH 54  467 56  HOH HOH A . 
E 3 HOH 55  468 57  HOH HOH A . 
E 3 HOH 56  469 58  HOH HOH A . 
E 3 HOH 57  470 59  HOH HOH A . 
E 3 HOH 58  471 60  HOH HOH A . 
E 3 HOH 59  472 61  HOH HOH A . 
E 3 HOH 60  473 62  HOH HOH A . 
E 3 HOH 61  474 63  HOH HOH A . 
E 3 HOH 62  475 64  HOH HOH A . 
E 3 HOH 63  476 65  HOH HOH A . 
E 3 HOH 64  477 66  HOH HOH A . 
E 3 HOH 65  478 67  HOH HOH A . 
E 3 HOH 66  479 68  HOH HOH A . 
E 3 HOH 67  480 69  HOH HOH A . 
E 3 HOH 68  481 70  HOH HOH A . 
E 3 HOH 69  482 71  HOH HOH A . 
E 3 HOH 70  483 72  HOH HOH A . 
E 3 HOH 71  484 73  HOH HOH A . 
E 3 HOH 72  485 74  HOH HOH A . 
E 3 HOH 73  486 75  HOH HOH A . 
E 3 HOH 74  487 77  HOH HOH A . 
E 3 HOH 75  488 78  HOH HOH A . 
E 3 HOH 76  489 79  HOH HOH A . 
E 3 HOH 77  490 80  HOH HOH A . 
E 3 HOH 78  491 81  HOH HOH A . 
E 3 HOH 79  492 82  HOH HOH A . 
E 3 HOH 80  493 83  HOH HOH A . 
E 3 HOH 81  494 84  HOH HOH A . 
E 3 HOH 82  495 85  HOH HOH A . 
E 3 HOH 83  496 86  HOH HOH A . 
E 3 HOH 84  497 87  HOH HOH A . 
E 3 HOH 85  498 88  HOH HOH A . 
E 3 HOH 86  499 89  HOH HOH A . 
E 3 HOH 87  500 90  HOH HOH A . 
E 3 HOH 88  501 91  HOH HOH A . 
E 3 HOH 89  502 92  HOH HOH A . 
E 3 HOH 90  503 93  HOH HOH A . 
E 3 HOH 91  504 94  HOH HOH A . 
E 3 HOH 92  505 95  HOH HOH A . 
E 3 HOH 93  506 96  HOH HOH A . 
E 3 HOH 94  507 97  HOH HOH A . 
E 3 HOH 95  508 98  HOH HOH A . 
E 3 HOH 96  509 100 HOH HOH A . 
E 3 HOH 97  510 101 HOH HOH A . 
E 3 HOH 98  511 102 HOH HOH A . 
E 3 HOH 99  512 103 HOH HOH A . 
E 3 HOH 100 513 104 HOH HOH A . 
E 3 HOH 101 514 105 HOH HOH A . 
E 3 HOH 102 515 106 HOH HOH A . 
E 3 HOH 103 516 107 HOH HOH A . 
E 3 HOH 104 517 108 HOH HOH A . 
E 3 HOH 105 518 109 HOH HOH A . 
E 3 HOH 106 519 110 HOH HOH A . 
E 3 HOH 107 520 112 HOH HOH A . 
E 3 HOH 108 521 113 HOH HOH A . 
E 3 HOH 109 522 115 HOH HOH A . 
E 3 HOH 110 523 116 HOH HOH A . 
# 
loop_
_pdbx_unobs_or_zero_occ_atoms.id 
_pdbx_unobs_or_zero_occ_atoms.PDB_model_num 
_pdbx_unobs_or_zero_occ_atoms.polymer_flag 
_pdbx_unobs_or_zero_occ_atoms.occupancy_flag 
_pdbx_unobs_or_zero_occ_atoms.auth_asym_id 
_pdbx_unobs_or_zero_occ_atoms.auth_comp_id 
_pdbx_unobs_or_zero_occ_atoms.auth_seq_id 
_pdbx_unobs_or_zero_occ_atoms.PDB_ins_code 
_pdbx_unobs_or_zero_occ_atoms.auth_atom_id 
_pdbx_unobs_or_zero_occ_atoms.label_alt_id 
_pdbx_unobs_or_zero_occ_atoms.label_asym_id 
_pdbx_unobs_or_zero_occ_atoms.label_comp_id 
_pdbx_unobs_or_zero_occ_atoms.label_seq_id 
_pdbx_unobs_or_zero_occ_atoms.label_atom_id 
1 1 Y 1 A LYS 3  ? CG  ? A LYS 3  CG  
2 1 Y 1 A LYS 3  ? CD  ? A LYS 3  CD  
3 1 Y 1 A LYS 3  ? CE  ? A LYS 3  CE  
4 1 Y 1 A LYS 3  ? NZ  ? A LYS 3  NZ  
5 1 Y 1 A GLU 15 ? CG  ? A GLU 15 CG  
6 1 Y 1 A GLU 15 ? CD  ? A GLU 15 CD  
7 1 Y 1 A GLU 15 ? OE1 ? A GLU 15 OE1 
8 1 Y 1 A GLU 15 ? OE2 ? A GLU 15 OE2 
# 
loop_
_software.name 
_software.classification 
_software.version 
_software.citation_id 
_software.pdbx_ordinal 
DENZO  'data reduction' .         ? 1 
SCALA  'data scaling'   .         ? 2 
AMoRE  phasing          .         ? 3 
REFMAC refinement       5.0       ? 4 
CCP4   'data scaling'   '(SCALA)' ? 5 
# 
_cell.entry_id           1N8U 
_cell.length_a           61.529 
_cell.length_b           54.579 
_cell.length_c           33.226 
_cell.angle_alpha        90.00 
_cell.angle_beta         116.59 
_cell.angle_gamma        90.00 
_cell.Z_PDB              4 
_cell.pdbx_unique_axis   ? 
# 
_symmetry.entry_id                         1N8U 
_symmetry.space_group_name_H-M             'C 1 2 1' 
_symmetry.pdbx_full_space_group_name_H-M   ? 
_symmetry.cell_setting                     ? 
_symmetry.Int_Tables_number                5 
# 
_exptl.entry_id          1N8U 
_exptl.method            'X-RAY DIFFRACTION' 
_exptl.crystals_number   1 
# 
_exptl_crystal.id                    1 
_exptl_crystal.density_meas          ? 
_exptl_crystal.density_Matthews      1.83 
_exptl_crystal.density_percent_sol   32.37 
_exptl_crystal.description           ? 
# 
_exptl_crystal_grow.crystal_id      1 
_exptl_crystal_grow.method          'VAPOR DIFFUSION, HANGING DROP' 
_exptl_crystal_grow.temp            293 
_exptl_crystal_grow.temp_details    ? 
_exptl_crystal_grow.pH              6.5 
_exptl_crystal_grow.pdbx_details    '34% PEG 2000, 0.1M Na-cacodylate, pH 6.5, VAPOR DIFFUSION, HANGING DROP, temperature 293K' 
_exptl_crystal_grow.pdbx_pH_range   ? 
# 
_diffrn.id                     1 
_diffrn.ambient_temp           100 
_diffrn.ambient_temp_details   ? 
_diffrn.crystal_id             1 
# 
_diffrn_detector.diffrn_id              1 
_diffrn_detector.detector               CCD 
_diffrn_detector.type                   'ADSC QUANTUM 4' 
_diffrn_detector.pdbx_collection_date   2000-11-09 
_diffrn_detector.details                ? 
# 
_diffrn_radiation.diffrn_id                        1 
_diffrn_radiation.wavelength_id                    1 
_diffrn_radiation.pdbx_monochromatic_or_laue_m_l   M 
_diffrn_radiation.monochromator                    Mirrors 
_diffrn_radiation.pdbx_diffrn_protocol             'SINGLE WAVELENGTH' 
_diffrn_radiation.pdbx_scattering_type             x-ray 
# 
_diffrn_radiation_wavelength.id           1 
_diffrn_radiation_wavelength.wavelength   0.933 
_diffrn_radiation_wavelength.wt           1.0 
# 
_diffrn_source.diffrn_id                   1 
_diffrn_source.source                      SYNCHROTRON 
_diffrn_source.type                        'ESRF BEAMLINE ID14-2' 
_diffrn_source.pdbx_synchrotron_site       ESRF 
_diffrn_source.pdbx_synchrotron_beamline   ID14-2 
_diffrn_source.pdbx_wavelength             ? 
_diffrn_source.pdbx_wavelength_list        0.933 
# 
_reflns.entry_id                     1N8U 
_reflns.observed_criterion_sigma_F   1 
_reflns.observed_criterion_sigma_I   1 
_reflns.d_resolution_high            1.8 
_reflns.d_resolution_low             40.0 
_reflns.number_all                   7693 
_reflns.number_obs                   7693 
_reflns.percent_possible_obs         81.3 
_reflns.pdbx_Rmerge_I_obs            0.031 
_reflns.pdbx_Rsym_value              ? 
_reflns.pdbx_netI_over_sigmaI        11.8 
_reflns.B_iso_Wilson_estimate        ? 
_reflns.pdbx_redundancy              1.6 
_reflns.R_free_details               ? 
_reflns.limit_h_max                  ? 
_reflns.limit_h_min                  ? 
_reflns.limit_k_max                  ? 
_reflns.limit_k_min                  ? 
_reflns.limit_l_max                  ? 
_reflns.limit_l_min                  ? 
_reflns.observed_criterion_F_max     ? 
_reflns.observed_criterion_F_min     ? 
_reflns.pdbx_diffrn_id               1 
_reflns.pdbx_ordinal                 1 
# 
_reflns_shell.d_res_high             1.8 
_reflns_shell.d_res_low              1.9 
_reflns_shell.percent_possible_all   71 
_reflns_shell.Rmerge_I_obs           0.087 
_reflns_shell.pdbx_Rsym_value        ? 
_reflns_shell.meanI_over_sigI_obs    6.9 
_reflns_shell.pdbx_redundancy        ? 
_reflns_shell.percent_possible_obs   ? 
_reflns_shell.number_unique_all      ? 
_reflns_shell.pdbx_diffrn_id         ? 
_reflns_shell.pdbx_ordinal           1 
# 
_refine.entry_id                                 1N8U 
_refine.ls_number_reflns_obs                     6730 
_refine.ls_number_reflns_all                     7693 
_refine.pdbx_ls_sigma_I                          ? 
_refine.pdbx_ls_sigma_F                          1 
_refine.pdbx_data_cutoff_high_absF               ? 
_refine.pdbx_data_cutoff_low_absF                ? 
_refine.ls_d_res_low                             38.63 
_refine.ls_d_res_high                            1.80 
_refine.ls_percent_reflns_obs                    80.74 
_refine.ls_R_factor_obs                          0.19033 
_refine.ls_R_factor_all                          0.19033 
_refine.ls_R_factor_R_work                       0.18379 
_refine.ls_R_factor_R_free                       0.24571 
_refine.ls_R_factor_R_free_error                 ? 
_refine.ls_R_factor_R_free_error_details         ? 
_refine.ls_percent_reflns_R_free                 9.2 
_refine.ls_number_reflns_R_free                  683 
_refine.ls_number_parameters                     ? 
_refine.ls_number_restraints                     ? 
_refine.occupancy_min                            ? 
_refine.occupancy_max                            ? 
_refine.correlation_coeff_Fo_to_Fc               0.944 
_refine.correlation_coeff_Fo_to_Fc_free          0.883 
_refine.B_iso_mean                               18.038 
_refine.aniso_B[1][1]                            -0.96 
_refine.aniso_B[2][2]                            0.90 
_refine.aniso_B[3][3]                            -1.02 
_refine.aniso_B[1][2]                            0.00 
_refine.aniso_B[1][3]                            -1.21 
_refine.aniso_B[2][3]                            0.00 
_refine.solvent_model_details                    'BABINET MODEL WITH MASK' 
_refine.solvent_model_param_ksol                 ? 
_refine.solvent_model_param_bsol                 ? 
_refine.pdbx_solvent_vdw_probe_radii             1.40 
_refine.pdbx_solvent_ion_probe_radii             0.80 
_refine.pdbx_solvent_shrinkage_radii             0.80 
_refine.pdbx_ls_cross_valid_method               THROUGHOUT 
_refine.details                                  'HYDROGENS HAVE BEEN ADDED IN THE RIDING POSITIONS' 
_refine.pdbx_starting_model                      'CSP complexed with bromo-dodecanol, form P 2<1>' 
_refine.pdbx_method_to_determine_struct          'MOLECULAR REPLACEMENT' 
_refine.pdbx_isotropic_thermal_model             ? 
_refine.pdbx_stereochemistry_target_values       'MAXIMUM LIKELIHOOD' 
_refine.pdbx_stereochem_target_val_spec_case     ? 
_refine.pdbx_R_Free_selection_details            RANDOM 
_refine.pdbx_overall_ESU_R_Free                  0.187 
_refine.overall_SU_B                             4.873 
_refine.ls_redundancy_reflns_obs                 ? 
_refine.B_iso_min                                ? 
_refine.B_iso_max                                ? 
_refine.overall_SU_R_Cruickshank_DPI             ? 
_refine.overall_SU_R_free                        ? 
_refine.overall_SU_ML                            0.157 
_refine.pdbx_overall_ESU_R                       0.215 
_refine.pdbx_data_cutoff_high_rms_absF           ? 
_refine.pdbx_refine_id                           'X-RAY DIFFRACTION' 
_refine.pdbx_diffrn_id                           1 
_refine.pdbx_TLS_residual_ADP_flag               ? 
_refine.pdbx_overall_phase_error                 ? 
_refine.pdbx_overall_SU_R_free_Cruickshank_DPI   ? 
_refine.pdbx_overall_SU_R_Blow_DPI               ? 
_refine.pdbx_overall_SU_R_free_Blow_DPI          ? 
# 
_refine_hist.pdbx_refine_id                   'X-RAY DIFFRACTION' 
_refine_hist.cycle_id                         LAST 
_refine_hist.pdbx_number_atoms_protein        820 
_refine_hist.pdbx_number_atoms_nucleic_acid   0 
_refine_hist.pdbx_number_atoms_ligand         42 
_refine_hist.number_atoms_solvent             110 
_refine_hist.number_atoms_total               972 
_refine_hist.d_res_high                       1.80 
_refine_hist.d_res_low                        38.63 
# 
loop_
_refine_ls_restr.type 
_refine_ls_restr.dev_ideal 
_refine_ls_restr.dev_ideal_target 
_refine_ls_restr.weight 
_refine_ls_restr.number 
_refine_ls_restr.pdbx_refine_id 
_refine_ls_restr.pdbx_restraint_function 
r_bond_refined_d         0.014  0.021  ? 875  'X-RAY DIFFRACTION' ? 
r_bond_other_d           0.001  0.020  ? 812  'X-RAY DIFFRACTION' ? 
r_angle_refined_deg      1.479  1.993  ? 1160 'X-RAY DIFFRACTION' ? 
r_angle_other_deg        0.794  3.000  ? 1917 'X-RAY DIFFRACTION' ? 
r_dihedral_angle_1_deg   3.962  3.000  ? 99   'X-RAY DIFFRACTION' ? 
r_dihedral_angle_3_deg   15.884 15.000 ? 168  'X-RAY DIFFRACTION' ? 
r_chiral_restr           0.086  0.200  ? 118  'X-RAY DIFFRACTION' ? 
r_gen_planes_refined     0.006  0.020  ? 921  'X-RAY DIFFRACTION' ? 
r_gen_planes_other       0.003  0.020  ? 159  'X-RAY DIFFRACTION' ? 
r_nbd_refined            0.239  0.300  ? 226  'X-RAY DIFFRACTION' ? 
r_nbd_other              0.207  0.300  ? 757  'X-RAY DIFFRACTION' ? 
r_xyhbond_nbd_refined    0.266  0.500  ? 71   'X-RAY DIFFRACTION' ? 
r_xyhbond_nbd_other      0.138  0.500  ? 3    'X-RAY DIFFRACTION' ? 
r_symmetry_vdw_refined   0.190  0.300  ? 11   'X-RAY DIFFRACTION' ? 
r_symmetry_vdw_other     0.264  0.300  ? 26   'X-RAY DIFFRACTION' ? 
r_symmetry_hbond_refined 0.741  0.500  ? 17   'X-RAY DIFFRACTION' ? 
r_mcbond_it              0.745  1.500  ? 497  'X-RAY DIFFRACTION' ? 
r_mcangle_it             1.429  2.000  ? 796  'X-RAY DIFFRACTION' ? 
r_scbond_it              2.953  3.000  ? 378  'X-RAY DIFFRACTION' ? 
r_scangle_it             4.504  4.500  ? 364  'X-RAY DIFFRACTION' ? 
# 
_refine_ls_shell.pdbx_total_number_of_bins_used   20 
_refine_ls_shell.d_res_high                       1.801 
_refine_ls_shell.d_res_low                        1.847 
_refine_ls_shell.number_reflns_R_work             552 
_refine_ls_shell.R_factor_R_work                  0.178 
_refine_ls_shell.percent_reflns_obs               ? 
_refine_ls_shell.R_factor_R_free                  ? 
_refine_ls_shell.R_factor_R_free_error            ? 
_refine_ls_shell.percent_reflns_R_free            ? 
_refine_ls_shell.number_reflns_R_free             ? 
_refine_ls_shell.number_reflns_obs                ? 
_refine_ls_shell.redundancy_reflns_obs            ? 
_refine_ls_shell.number_reflns_all                ? 
_refine_ls_shell.pdbx_refine_id                   'X-RAY DIFFRACTION' 
_refine_ls_shell.R_factor_all                     ? 
# 
_struct.entry_id                  1N8U 
_struct.title                     'Chemosensory Protein in Complex with bromo-dodecanol' 
_struct.pdbx_model_details        ? 
_struct.pdbx_CASP_flag            ? 
_struct.pdbx_model_type_details   ? 
# 
_struct_keywords.entry_id        1N8U 
_struct_keywords.pdbx_keywords   'LIPID BINDING PROTEIN' 
_struct_keywords.text            'LIPID BINDING PROTEIN' 
# 
loop_
_struct_asym.id 
_struct_asym.pdbx_blank_PDB_chainid_flag 
_struct_asym.pdbx_modified 
_struct_asym.entity_id 
_struct_asym.details 
A N N 1 ? 
B N N 2 ? 
C N N 2 ? 
D N N 2 ? 
E N N 3 ? 
# 
_struct_ref.id                         1 
_struct_ref.db_name                    UNP 
_struct_ref.db_code                    Q9NG96_MAMBR 
_struct_ref.pdbx_db_accession          Q9NG96 
_struct_ref.entity_id                  1 
_struct_ref.pdbx_seq_one_letter_code   
;EDKYTDKYDNINLDEILANKRLLVAYVNCVMERGKCSPEGKELKEHLQDAIENGCKKCTENQEKGAYRVIEHLIKNEIEI
WRELTAKYDPTGNWRKKYEDRAKAAGIVIPEE
;
_struct_ref.pdbx_align_begin           17 
_struct_ref.pdbx_db_isoform            ? 
# 
_struct_ref_seq.align_id                      1 
_struct_ref_seq.ref_id                        1 
_struct_ref_seq.pdbx_PDB_id_code              1N8U 
_struct_ref_seq.pdbx_strand_id                A 
_struct_ref_seq.seq_align_beg                 1 
_struct_ref_seq.pdbx_seq_align_beg_ins_code   ? 
_struct_ref_seq.seq_align_end                 112 
_struct_ref_seq.pdbx_seq_align_end_ins_code   ? 
_struct_ref_seq.pdbx_db_accession             Q9NG96 
_struct_ref_seq.db_align_beg                  17 
_struct_ref_seq.pdbx_db_align_beg_ins_code    ? 
_struct_ref_seq.db_align_end                  128 
_struct_ref_seq.pdbx_db_align_end_ins_code    ? 
_struct_ref_seq.pdbx_auth_seq_align_beg       1 
_struct_ref_seq.pdbx_auth_seq_align_end       112 
# 
_pdbx_struct_assembly.id                   1 
_pdbx_struct_assembly.details              author_defined_assembly 
_pdbx_struct_assembly.method_details       ? 
_pdbx_struct_assembly.oligomeric_details   monomeric 
_pdbx_struct_assembly.oligomeric_count     1 
# 
_pdbx_struct_assembly_gen.assembly_id       1 
_pdbx_struct_assembly_gen.oper_expression   1 
_pdbx_struct_assembly_gen.asym_id_list      A,B,C,D,E 
# 
_pdbx_struct_oper_list.id                   1 
_pdbx_struct_oper_list.type                 'identity operation' 
_pdbx_struct_oper_list.name                 1_555 
_pdbx_struct_oper_list.symmetry_operation   x,y,z 
_pdbx_struct_oper_list.matrix[1][1]         1.0000000000 
_pdbx_struct_oper_list.matrix[1][2]         0.0000000000 
_pdbx_struct_oper_list.matrix[1][3]         0.0000000000 
_pdbx_struct_oper_list.vector[1]            0.0000000000 
_pdbx_struct_oper_list.matrix[2][1]         0.0000000000 
_pdbx_struct_oper_list.matrix[2][2]         1.0000000000 
_pdbx_struct_oper_list.matrix[2][3]         0.0000000000 
_pdbx_struct_oper_list.vector[2]            0.0000000000 
_pdbx_struct_oper_list.matrix[3][1]         0.0000000000 
_pdbx_struct_oper_list.matrix[3][2]         0.0000000000 
_pdbx_struct_oper_list.matrix[3][3]         1.0000000000 
_pdbx_struct_oper_list.vector[3]            0.0000000000 
# 
_struct_biol.id                    1 
_struct_biol.pdbx_parent_biol_id   ? 
_struct_biol.details               ? 
# 
loop_
_struct_conf.conf_type_id 
_struct_conf.id 
_struct_conf.pdbx_PDB_helix_id 
_struct_conf.beg_label_comp_id 
_struct_conf.beg_label_asym_id 
_struct_conf.beg_label_seq_id 
_struct_conf.pdbx_beg_PDB_ins_code 
_struct_conf.end_label_comp_id 
_struct_conf.end_label_asym_id 
_struct_conf.end_label_seq_id 
_struct_conf.pdbx_end_PDB_ins_code 
_struct_conf.beg_auth_comp_id 
_struct_conf.beg_auth_asym_id 
_struct_conf.beg_auth_seq_id 
_struct_conf.end_auth_comp_id 
_struct_conf.end_auth_asym_id 
_struct_conf.end_auth_seq_id 
_struct_conf.pdbx_PDB_helix_class 
_struct_conf.details 
_struct_conf.pdbx_PDB_helix_length 
HELX_P HELX_P1 1 ASN A 12 ? ASN A 19  ? ASN A 12 ASN A 19  1 ? 8  
HELX_P HELX_P2 2 ASN A 19 ? MET A 31  ? ASN A 19 MET A 31  1 ? 13 
HELX_P HELX_P3 3 SER A 37 ? GLY A 54  ? SER A 37 GLY A 54  1 ? 18 
HELX_P HELX_P4 4 THR A 59 ? GLU A 77  ? THR A 59 GLU A 77  1 ? 19 
HELX_P HELX_P5 5 GLU A 77 ? ASP A 89  ? GLU A 77 ASP A 89  1 ? 13 
HELX_P HELX_P6 6 TRP A 94 ? ALA A 102 ? TRP A 94 ALA A 102 1 ? 9  
# 
_struct_conf_type.id          HELX_P 
_struct_conf_type.criteria    ? 
_struct_conf_type.reference   ? 
# 
loop_
_struct_conn.id 
_struct_conn.conn_type_id 
_struct_conn.pdbx_leaving_atom_flag 
_struct_conn.pdbx_PDB_id 
_struct_conn.ptnr1_label_asym_id 
_struct_conn.ptnr1_label_comp_id 
_struct_conn.ptnr1_label_seq_id 
_struct_conn.ptnr1_label_atom_id 
_struct_conn.pdbx_ptnr1_label_alt_id 
_struct_conn.pdbx_ptnr1_PDB_ins_code 
_struct_conn.pdbx_ptnr1_standard_comp_id 
_struct_conn.ptnr1_symmetry 
_struct_conn.ptnr2_label_asym_id 
_struct_conn.ptnr2_label_comp_id 
_struct_conn.ptnr2_label_seq_id 
_struct_conn.ptnr2_label_atom_id 
_struct_conn.pdbx_ptnr2_label_alt_id 
_struct_conn.pdbx_ptnr2_PDB_ins_code 
_struct_conn.ptnr1_auth_asym_id 
_struct_conn.ptnr1_auth_comp_id 
_struct_conn.ptnr1_auth_seq_id 
_struct_conn.ptnr2_auth_asym_id 
_struct_conn.ptnr2_auth_comp_id 
_struct_conn.ptnr2_auth_seq_id 
_struct_conn.ptnr2_symmetry 
_struct_conn.pdbx_ptnr3_label_atom_id 
_struct_conn.pdbx_ptnr3_label_seq_id 
_struct_conn.pdbx_ptnr3_label_comp_id 
_struct_conn.pdbx_ptnr3_label_asym_id 
_struct_conn.pdbx_ptnr3_label_alt_id 
_struct_conn.pdbx_ptnr3_PDB_ins_code 
_struct_conn.details 
_struct_conn.pdbx_dist_value 
_struct_conn.pdbx_value_order 
_struct_conn.pdbx_role 
disulf1 disulf ? ? A CYS 29 SG ? ? ? 1_555 A CYS 36 SG ? ? A CYS 29 A CYS 36 1_555 ? ? ? ? ? ? ? 2.059 ? ? 
disulf2 disulf ? ? A CYS 55 SG ? ? ? 1_555 A CYS 58 SG ? ? A CYS 55 A CYS 58 1_555 ? ? ? ? ? ? ? 2.047 ? ? 
# 
_struct_conn_type.id          disulf 
_struct_conn_type.criteria    ? 
_struct_conn_type.reference   ? 
# 
loop_
_pdbx_modification_feature.ordinal 
_pdbx_modification_feature.label_comp_id 
_pdbx_modification_feature.label_asym_id 
_pdbx_modification_feature.label_seq_id 
_pdbx_modification_feature.label_alt_id 
_pdbx_modification_feature.modified_residue_label_comp_id 
_pdbx_modification_feature.modified_residue_label_asym_id 
_pdbx_modification_feature.modified_residue_label_seq_id 
_pdbx_modification_feature.modified_residue_label_alt_id 
_pdbx_modification_feature.auth_comp_id 
_pdbx_modification_feature.auth_asym_id 
_pdbx_modification_feature.auth_seq_id 
_pdbx_modification_feature.PDB_ins_code 
_pdbx_modification_feature.symmetry 
_pdbx_modification_feature.modified_residue_auth_comp_id 
_pdbx_modification_feature.modified_residue_auth_asym_id 
_pdbx_modification_feature.modified_residue_auth_seq_id 
_pdbx_modification_feature.modified_residue_PDB_ins_code 
_pdbx_modification_feature.modified_residue_symmetry 
_pdbx_modification_feature.comp_id_linking_atom 
_pdbx_modification_feature.modified_residue_id_linking_atom 
_pdbx_modification_feature.modified_residue_id 
_pdbx_modification_feature.ref_pcm_id 
_pdbx_modification_feature.ref_comp_id 
_pdbx_modification_feature.type 
_pdbx_modification_feature.category 
1 CYS A 29 ? CYS A 36 ? CYS A 29 ? 1_555 CYS A 36 ? 1_555 SG SG . . . None 'Disulfide bridge' 
2 CYS A 55 ? CYS A 58 ? CYS A 55 ? 1_555 CYS A 58 ? 1_555 SG SG . . . None 'Disulfide bridge' 
# 
loop_
_struct_site.id 
_struct_site.pdbx_evidence_code 
_struct_site.pdbx_auth_asym_id 
_struct_site.pdbx_auth_comp_id 
_struct_site.pdbx_auth_seq_id 
_struct_site.pdbx_auth_ins_code 
_struct_site.pdbx_num_residues 
_struct_site.details 
AC1 Software A BDD 411 ? 7 'BINDING SITE FOR RESIDUE BDD A 411' 
AC2 Software A BDD 412 ? 9 'BINDING SITE FOR RESIDUE BDD A 412' 
AC3 Software A BDD 413 ? 5 'BINDING SITE FOR RESIDUE BDD A 413' 
# 
loop_
_struct_site_gen.id 
_struct_site_gen.site_id 
_struct_site_gen.pdbx_num_res 
_struct_site_gen.label_comp_id 
_struct_site_gen.label_asym_id 
_struct_site_gen.label_seq_id 
_struct_site_gen.pdbx_auth_ins_code 
_struct_site_gen.auth_comp_id 
_struct_site_gen.auth_asym_id 
_struct_site_gen.auth_seq_id 
_struct_site_gen.label_atom_id 
_struct_site_gen.label_alt_id 
_struct_site_gen.symmetry 
_struct_site_gen.details 
1  AC1 7 TYR A 8  ? TYR A 8   . ? 1_555 ? 
2  AC1 7 ASP A 9  ? ASP A 9   . ? 1_555 ? 
3  AC1 7 LEU A 23 ? LEU A 23  . ? 1_555 ? 
4  AC1 7 VAL A 27 ? VAL A 27  . ? 1_555 ? 
5  AC1 7 GLN A 62 ? GLN A 62  . ? 1_555 ? 
6  AC1 7 BDD C .  ? BDD A 412 . ? 1_555 ? 
7  AC1 7 HOH E .  ? HOH A 419 . ? 1_555 ? 
8  AC2 9 GLU A 42 ? GLU A 42  . ? 1_555 ? 
9  AC2 9 LEU A 43 ? LEU A 43  . ? 1_555 ? 
10 AC2 9 ALA A 50 ? ALA A 50  . ? 1_555 ? 
11 AC2 9 ILE A 51 ? ILE A 51  . ? 1_555 ? 
12 AC2 9 GLN A 62 ? GLN A 62  . ? 1_555 ? 
13 AC2 9 TRP A 94 ? TRP A 94  . ? 1_555 ? 
14 AC2 9 TYR A 98 ? TYR A 98  . ? 1_555 ? 
15 AC2 9 BDD B .  ? BDD A 411 . ? 1_555 ? 
16 AC2 9 HOH E .  ? HOH A 522 . ? 1_555 ? 
17 AC3 5 ILE A 51 ? ILE A 51  . ? 1_555 ? 
18 AC3 5 THR A 85 ? THR A 85  . ? 1_555 ? 
19 AC3 5 ASP A 89 ? ASP A 89  . ? 1_555 ? 
20 AC3 5 ARG A 95 ? ARG A 95  . ? 1_555 ? 
21 AC3 5 HOH E .  ? HOH A 416 . ? 1_555 ? 
# 
_pdbx_entry_details.entry_id                   1N8U 
_pdbx_entry_details.compound_details           ? 
_pdbx_entry_details.source_details             ? 
_pdbx_entry_details.nonpolymer_details         ? 
_pdbx_entry_details.sequence_details           ? 
_pdbx_entry_details.has_ligand_of_interest     ? 
_pdbx_entry_details.has_protein_modification   Y 
# 
_pdbx_validate_close_contact.id               1 
_pdbx_validate_close_contact.PDB_model_num    1 
_pdbx_validate_close_contact.auth_atom_id_1   NZ 
_pdbx_validate_close_contact.auth_asym_id_1   A 
_pdbx_validate_close_contact.auth_comp_id_1   LYS 
_pdbx_validate_close_contact.auth_seq_id_1    35 
_pdbx_validate_close_contact.PDB_ins_code_1   ? 
_pdbx_validate_close_contact.label_alt_id_1   ? 
_pdbx_validate_close_contact.auth_atom_id_2   O 
_pdbx_validate_close_contact.auth_asym_id_2   A 
_pdbx_validate_close_contact.auth_comp_id_2   HOH 
_pdbx_validate_close_contact.auth_seq_id_2    433 
_pdbx_validate_close_contact.PDB_ins_code_2   ? 
_pdbx_validate_close_contact.label_alt_id_2   ? 
_pdbx_validate_close_contact.dist             2.11 
# 
loop_
_pdbx_validate_symm_contact.id 
_pdbx_validate_symm_contact.PDB_model_num 
_pdbx_validate_symm_contact.auth_atom_id_1 
_pdbx_validate_symm_contact.auth_asym_id_1 
_pdbx_validate_symm_contact.auth_comp_id_1 
_pdbx_validate_symm_contact.auth_seq_id_1 
_pdbx_validate_symm_contact.PDB_ins_code_1 
_pdbx_validate_symm_contact.label_alt_id_1 
_pdbx_validate_symm_contact.site_symmetry_1 
_pdbx_validate_symm_contact.auth_atom_id_2 
_pdbx_validate_symm_contact.auth_asym_id_2 
_pdbx_validate_symm_contact.auth_comp_id_2 
_pdbx_validate_symm_contact.auth_seq_id_2 
_pdbx_validate_symm_contact.PDB_ins_code_2 
_pdbx_validate_symm_contact.label_alt_id_2 
_pdbx_validate_symm_contact.site_symmetry_2 
_pdbx_validate_symm_contact.dist 
1 1 O A HOH 483 ? ? 1_555 O A HOH 483 ? ? 2_656 1.15 
2 1 O A HOH 481 ? ? 1_555 O A HOH 481 ? ? 2_555 1.32 
3 1 O A HOH 505 ? ? 1_555 O A HOH 505 ? ? 2_656 1.34 
4 1 O A HOH 450 ? ? 1_555 O A HOH 450 ? ? 2_555 1.39 
5 1 O A HOH 450 ? ? 1_555 O A HOH 469 ? ? 2_555 2.16 
# 
_pdbx_validate_torsion.id              1 
_pdbx_validate_torsion.PDB_model_num   1 
_pdbx_validate_torsion.auth_comp_id    GLU 
_pdbx_validate_torsion.auth_asym_id    A 
_pdbx_validate_torsion.auth_seq_id     77 
_pdbx_validate_torsion.PDB_ins_code    ? 
_pdbx_validate_torsion.label_alt_id    ? 
_pdbx_validate_torsion.phi             -144.36 
_pdbx_validate_torsion.psi             57.34 
# 
_pdbx_refine_tls.id               1 
_pdbx_refine_tls.details          ? 
_pdbx_refine_tls.method           refined 
_pdbx_refine_tls.origin_x         -0.2717 
_pdbx_refine_tls.origin_y         0.2034 
_pdbx_refine_tls.origin_z         0.1391 
_pdbx_refine_tls.T[1][1]          0.0057 
_pdbx_refine_tls.T[2][2]          0.0013 
_pdbx_refine_tls.T[3][3]          0.0124 
_pdbx_refine_tls.T[1][2]          -0.0005 
_pdbx_refine_tls.T[1][3]          0.0017 
_pdbx_refine_tls.T[2][3]          -0.0041 
_pdbx_refine_tls.L[1][1]          1.6216 
_pdbx_refine_tls.L[2][2]          1.1708 
_pdbx_refine_tls.L[3][3]          1.1219 
_pdbx_refine_tls.L[1][2]          -0.0249 
_pdbx_refine_tls.L[1][3]          -0.3757 
_pdbx_refine_tls.L[2][3]          -0.2879 
_pdbx_refine_tls.S[1][1]          0.0271 
_pdbx_refine_tls.S[1][2]          -0.0125 
_pdbx_refine_tls.S[1][3]          0.1248 
_pdbx_refine_tls.S[2][1]          -0.0418 
_pdbx_refine_tls.S[2][2]          0.0043 
_pdbx_refine_tls.S[2][3]          -0.0080 
_pdbx_refine_tls.S[3][1]          -0.0458 
_pdbx_refine_tls.S[3][2]          -0.0418 
_pdbx_refine_tls.S[3][3]          -0.0314 
_pdbx_refine_tls.pdbx_refine_id   'X-RAY DIFFRACTION' 
# 
_pdbx_refine_tls_group.id                  1 
_pdbx_refine_tls_group.refine_tls_id       1 
_pdbx_refine_tls_group.beg_label_asym_id   A 
_pdbx_refine_tls_group.beg_label_seq_id    3 
_pdbx_refine_tls_group.beg_auth_seq_id     3 
_pdbx_refine_tls_group.end_label_asym_id   A 
_pdbx_refine_tls_group.end_label_seq_id    102 
_pdbx_refine_tls_group.end_auth_seq_id     102 
_pdbx_refine_tls_group.selection           ? 
_pdbx_refine_tls_group.beg_auth_asym_id    A 
_pdbx_refine_tls_group.end_auth_asym_id    A 
_pdbx_refine_tls_group.pdbx_refine_id      'X-RAY DIFFRACTION' 
_pdbx_refine_tls_group.selection_details   ? 
# 
loop_
_pdbx_unobs_or_zero_occ_residues.id 
_pdbx_unobs_or_zero_occ_residues.PDB_model_num 
_pdbx_unobs_or_zero_occ_residues.polymer_flag 
_pdbx_unobs_or_zero_occ_residues.occupancy_flag 
_pdbx_unobs_or_zero_occ_residues.auth_asym_id 
_pdbx_unobs_or_zero_occ_residues.auth_comp_id 
_pdbx_unobs_or_zero_occ_residues.auth_seq_id 
_pdbx_unobs_or_zero_occ_residues.PDB_ins_code 
_pdbx_unobs_or_zero_occ_residues.label_asym_id 
_pdbx_unobs_or_zero_occ_residues.label_comp_id 
_pdbx_unobs_or_zero_occ_residues.label_seq_id 
1  1 Y 1 A GLU 1   ? A GLU 1   
2  1 Y 1 A ASP 2   ? A ASP 2   
3  1 Y 1 A LYS 103 ? A LYS 103 
4  1 Y 1 A ALA 104 ? A ALA 104 
5  1 Y 1 A ALA 105 ? A ALA 105 
6  1 Y 1 A GLY 106 ? A GLY 106 
7  1 Y 1 A ILE 107 ? A ILE 107 
8  1 Y 1 A VAL 108 ? A VAL 108 
9  1 Y 1 A ILE 109 ? A ILE 109 
10 1 Y 1 A PRO 110 ? A PRO 110 
11 1 Y 1 A GLU 111 ? A GLU 111 
12 1 Y 1 A GLU 112 ? A GLU 112 
# 
loop_
_chem_comp_atom.comp_id 
_chem_comp_atom.atom_id 
_chem_comp_atom.type_symbol 
_chem_comp_atom.pdbx_aromatic_flag 
_chem_comp_atom.pdbx_stereo_config 
_chem_comp_atom.pdbx_ordinal 
ALA N    N  N N 1   
ALA CA   C  N S 2   
ALA C    C  N N 3   
ALA O    O  N N 4   
ALA CB   C  N N 5   
ALA OXT  O  N N 6   
ALA H    H  N N 7   
ALA H2   H  N N 8   
ALA HA   H  N N 9   
ALA HB1  H  N N 10  
ALA HB2  H  N N 11  
ALA HB3  H  N N 12  
ALA HXT  H  N N 13  
ARG N    N  N N 14  
ARG CA   C  N S 15  
ARG C    C  N N 16  
ARG O    O  N N 17  
ARG CB   C  N N 18  
ARG CG   C  N N 19  
ARG CD   C  N N 20  
ARG NE   N  N N 21  
ARG CZ   C  N N 22  
ARG NH1  N  N N 23  
ARG NH2  N  N N 24  
ARG OXT  O  N N 25  
ARG H    H  N N 26  
ARG H2   H  N N 27  
ARG HA   H  N N 28  
ARG HB2  H  N N 29  
ARG HB3  H  N N 30  
ARG HG2  H  N N 31  
ARG HG3  H  N N 32  
ARG HD2  H  N N 33  
ARG HD3  H  N N 34  
ARG HE   H  N N 35  
ARG HH11 H  N N 36  
ARG HH12 H  N N 37  
ARG HH21 H  N N 38  
ARG HH22 H  N N 39  
ARG HXT  H  N N 40  
ASN N    N  N N 41  
ASN CA   C  N S 42  
ASN C    C  N N 43  
ASN O    O  N N 44  
ASN CB   C  N N 45  
ASN CG   C  N N 46  
ASN OD1  O  N N 47  
ASN ND2  N  N N 48  
ASN OXT  O  N N 49  
ASN H    H  N N 50  
ASN H2   H  N N 51  
ASN HA   H  N N 52  
ASN HB2  H  N N 53  
ASN HB3  H  N N 54  
ASN HD21 H  N N 55  
ASN HD22 H  N N 56  
ASN HXT  H  N N 57  
ASP N    N  N N 58  
ASP CA   C  N S 59  
ASP C    C  N N 60  
ASP O    O  N N 61  
ASP CB   C  N N 62  
ASP CG   C  N N 63  
ASP OD1  O  N N 64  
ASP OD2  O  N N 65  
ASP OXT  O  N N 66  
ASP H    H  N N 67  
ASP H2   H  N N 68  
ASP HA   H  N N 69  
ASP HB2  H  N N 70  
ASP HB3  H  N N 71  
ASP HD2  H  N N 72  
ASP HXT  H  N N 73  
BDD O1   O  N N 74  
BDD C1   C  N N 75  
BDD C2   C  N N 76  
BDD C3   C  N N 77  
BDD C4   C  N N 78  
BDD C5   C  N N 79  
BDD C6   C  N N 80  
BDD C7   C  N N 81  
BDD C8   C  N N 82  
BDD C9   C  N N 83  
BDD C10  C  N N 84  
BDD C11  C  N N 85  
BDD C12  C  N N 86  
BDD BR   BR N N 87  
BDD HO1  H  N N 88  
BDD H11  H  N N 89  
BDD H12  H  N N 90  
BDD H21  H  N N 91  
BDD H22  H  N N 92  
BDD H31  H  N N 93  
BDD H32  H  N N 94  
BDD H41  H  N N 95  
BDD H42  H  N N 96  
BDD H51  H  N N 97  
BDD H52  H  N N 98  
BDD H61  H  N N 99  
BDD H62  H  N N 100 
BDD H71  H  N N 101 
BDD H72  H  N N 102 
BDD H81  H  N N 103 
BDD H82  H  N N 104 
BDD H91  H  N N 105 
BDD H92  H  N N 106 
BDD H101 H  N N 107 
BDD H102 H  N N 108 
BDD H111 H  N N 109 
BDD H112 H  N N 110 
BDD H121 H  N N 111 
BDD H122 H  N N 112 
CYS N    N  N N 113 
CYS CA   C  N R 114 
CYS C    C  N N 115 
CYS O    O  N N 116 
CYS CB   C  N N 117 
CYS SG   S  N N 118 
CYS OXT  O  N N 119 
CYS H    H  N N 120 
CYS H2   H  N N 121 
CYS HA   H  N N 122 
CYS HB2  H  N N 123 
CYS HB3  H  N N 124 
CYS HG   H  N N 125 
CYS HXT  H  N N 126 
GLN N    N  N N 127 
GLN CA   C  N S 128 
GLN C    C  N N 129 
GLN O    O  N N 130 
GLN CB   C  N N 131 
GLN CG   C  N N 132 
GLN CD   C  N N 133 
GLN OE1  O  N N 134 
GLN NE2  N  N N 135 
GLN OXT  O  N N 136 
GLN H    H  N N 137 
GLN H2   H  N N 138 
GLN HA   H  N N 139 
GLN HB2  H  N N 140 
GLN HB3  H  N N 141 
GLN HG2  H  N N 142 
GLN HG3  H  N N 143 
GLN HE21 H  N N 144 
GLN HE22 H  N N 145 
GLN HXT  H  N N 146 
GLU N    N  N N 147 
GLU CA   C  N S 148 
GLU C    C  N N 149 
GLU O    O  N N 150 
GLU CB   C  N N 151 
GLU CG   C  N N 152 
GLU CD   C  N N 153 
GLU OE1  O  N N 154 
GLU OE2  O  N N 155 
GLU OXT  O  N N 156 
GLU H    H  N N 157 
GLU H2   H  N N 158 
GLU HA   H  N N 159 
GLU HB2  H  N N 160 
GLU HB3  H  N N 161 
GLU HG2  H  N N 162 
GLU HG3  H  N N 163 
GLU HE2  H  N N 164 
GLU HXT  H  N N 165 
GLY N    N  N N 166 
GLY CA   C  N N 167 
GLY C    C  N N 168 
GLY O    O  N N 169 
GLY OXT  O  N N 170 
GLY H    H  N N 171 
GLY H2   H  N N 172 
GLY HA2  H  N N 173 
GLY HA3  H  N N 174 
GLY HXT  H  N N 175 
HIS N    N  N N 176 
HIS CA   C  N S 177 
HIS C    C  N N 178 
HIS O    O  N N 179 
HIS CB   C  N N 180 
HIS CG   C  Y N 181 
HIS ND1  N  Y N 182 
HIS CD2  C  Y N 183 
HIS CE1  C  Y N 184 
HIS NE2  N  Y N 185 
HIS OXT  O  N N 186 
HIS H    H  N N 187 
HIS H2   H  N N 188 
HIS HA   H  N N 189 
HIS HB2  H  N N 190 
HIS HB3  H  N N 191 
HIS HD1  H  N N 192 
HIS HD2  H  N N 193 
HIS HE1  H  N N 194 
HIS HE2  H  N N 195 
HIS HXT  H  N N 196 
HOH O    O  N N 197 
HOH H1   H  N N 198 
HOH H2   H  N N 199 
ILE N    N  N N 200 
ILE CA   C  N S 201 
ILE C    C  N N 202 
ILE O    O  N N 203 
ILE CB   C  N S 204 
ILE CG1  C  N N 205 
ILE CG2  C  N N 206 
ILE CD1  C  N N 207 
ILE OXT  O  N N 208 
ILE H    H  N N 209 
ILE H2   H  N N 210 
ILE HA   H  N N 211 
ILE HB   H  N N 212 
ILE HG12 H  N N 213 
ILE HG13 H  N N 214 
ILE HG21 H  N N 215 
ILE HG22 H  N N 216 
ILE HG23 H  N N 217 
ILE HD11 H  N N 218 
ILE HD12 H  N N 219 
ILE HD13 H  N N 220 
ILE HXT  H  N N 221 
LEU N    N  N N 222 
LEU CA   C  N S 223 
LEU C    C  N N 224 
LEU O    O  N N 225 
LEU CB   C  N N 226 
LEU CG   C  N N 227 
LEU CD1  C  N N 228 
LEU CD2  C  N N 229 
LEU OXT  O  N N 230 
LEU H    H  N N 231 
LEU H2   H  N N 232 
LEU HA   H  N N 233 
LEU HB2  H  N N 234 
LEU HB3  H  N N 235 
LEU HG   H  N N 236 
LEU HD11 H  N N 237 
LEU HD12 H  N N 238 
LEU HD13 H  N N 239 
LEU HD21 H  N N 240 
LEU HD22 H  N N 241 
LEU HD23 H  N N 242 
LEU HXT  H  N N 243 
LYS N    N  N N 244 
LYS CA   C  N S 245 
LYS C    C  N N 246 
LYS O    O  N N 247 
LYS CB   C  N N 248 
LYS CG   C  N N 249 
LYS CD   C  N N 250 
LYS CE   C  N N 251 
LYS NZ   N  N N 252 
LYS OXT  O  N N 253 
LYS H    H  N N 254 
LYS H2   H  N N 255 
LYS HA   H  N N 256 
LYS HB2  H  N N 257 
LYS HB3  H  N N 258 
LYS HG2  H  N N 259 
LYS HG3  H  N N 260 
LYS HD2  H  N N 261 
LYS HD3  H  N N 262 
LYS HE2  H  N N 263 
LYS HE3  H  N N 264 
LYS HZ1  H  N N 265 
LYS HZ2  H  N N 266 
LYS HZ3  H  N N 267 
LYS HXT  H  N N 268 
MET N    N  N N 269 
MET CA   C  N S 270 
MET C    C  N N 271 
MET O    O  N N 272 
MET CB   C  N N 273 
MET CG   C  N N 274 
MET SD   S  N N 275 
MET CE   C  N N 276 
MET OXT  O  N N 277 
MET H    H  N N 278 
MET H2   H  N N 279 
MET HA   H  N N 280 
MET HB2  H  N N 281 
MET HB3  H  N N 282 
MET HG2  H  N N 283 
MET HG3  H  N N 284 
MET HE1  H  N N 285 
MET HE2  H  N N 286 
MET HE3  H  N N 287 
MET HXT  H  N N 288 
PRO N    N  N N 289 
PRO CA   C  N S 290 
PRO C    C  N N 291 
PRO O    O  N N 292 
PRO CB   C  N N 293 
PRO CG   C  N N 294 
PRO CD   C  N N 295 
PRO OXT  O  N N 296 
PRO H    H  N N 297 
PRO HA   H  N N 298 
PRO HB2  H  N N 299 
PRO HB3  H  N N 300 
PRO HG2  H  N N 301 
PRO HG3  H  N N 302 
PRO HD2  H  N N 303 
PRO HD3  H  N N 304 
PRO HXT  H  N N 305 
SER N    N  N N 306 
SER CA   C  N S 307 
SER C    C  N N 308 
SER O    O  N N 309 
SER CB   C  N N 310 
SER OG   O  N N 311 
SER OXT  O  N N 312 
SER H    H  N N 313 
SER H2   H  N N 314 
SER HA   H  N N 315 
SER HB2  H  N N 316 
SER HB3  H  N N 317 
SER HG   H  N N 318 
SER HXT  H  N N 319 
THR N    N  N N 320 
THR CA   C  N S 321 
THR C    C  N N 322 
THR O    O  N N 323 
THR CB   C  N R 324 
THR OG1  O  N N 325 
THR CG2  C  N N 326 
THR OXT  O  N N 327 
THR H    H  N N 328 
THR H2   H  N N 329 
THR HA   H  N N 330 
THR HB   H  N N 331 
THR HG1  H  N N 332 
THR HG21 H  N N 333 
THR HG22 H  N N 334 
THR HG23 H  N N 335 
THR HXT  H  N N 336 
TRP N    N  N N 337 
TRP CA   C  N S 338 
TRP C    C  N N 339 
TRP O    O  N N 340 
TRP CB   C  N N 341 
TRP CG   C  Y N 342 
TRP CD1  C  Y N 343 
TRP CD2  C  Y N 344 
TRP NE1  N  Y N 345 
TRP CE2  C  Y N 346 
TRP CE3  C  Y N 347 
TRP CZ2  C  Y N 348 
TRP CZ3  C  Y N 349 
TRP CH2  C  Y N 350 
TRP OXT  O  N N 351 
TRP H    H  N N 352 
TRP H2   H  N N 353 
TRP HA   H  N N 354 
TRP HB2  H  N N 355 
TRP HB3  H  N N 356 
TRP HD1  H  N N 357 
TRP HE1  H  N N 358 
TRP HE3  H  N N 359 
TRP HZ2  H  N N 360 
TRP HZ3  H  N N 361 
TRP HH2  H  N N 362 
TRP HXT  H  N N 363 
TYR N    N  N N 364 
TYR CA   C  N S 365 
TYR C    C  N N 366 
TYR O    O  N N 367 
TYR CB   C  N N 368 
TYR CG   C  Y N 369 
TYR CD1  C  Y N 370 
TYR CD2  C  Y N 371 
TYR CE1  C  Y N 372 
TYR CE2  C  Y N 373 
TYR CZ   C  Y N 374 
TYR OH   O  N N 375 
TYR OXT  O  N N 376 
TYR H    H  N N 377 
TYR H2   H  N N 378 
TYR HA   H  N N 379 
TYR HB2  H  N N 380 
TYR HB3  H  N N 381 
TYR HD1  H  N N 382 
TYR HD2  H  N N 383 
TYR HE1  H  N N 384 
TYR HE2  H  N N 385 
TYR HH   H  N N 386 
TYR HXT  H  N N 387 
VAL N    N  N N 388 
VAL CA   C  N S 389 
VAL C    C  N N 390 
VAL O    O  N N 391 
VAL CB   C  N N 392 
VAL CG1  C  N N 393 
VAL CG2  C  N N 394 
VAL OXT  O  N N 395 
VAL H    H  N N 396 
VAL H2   H  N N 397 
VAL HA   H  N N 398 
VAL HB   H  N N 399 
VAL HG11 H  N N 400 
VAL HG12 H  N N 401 
VAL HG13 H  N N 402 
VAL HG21 H  N N 403 
VAL HG22 H  N N 404 
VAL HG23 H  N N 405 
VAL HXT  H  N N 406 
# 
loop_
_chem_comp_bond.comp_id 
_chem_comp_bond.atom_id_1 
_chem_comp_bond.atom_id_2 
_chem_comp_bond.value_order 
_chem_comp_bond.pdbx_aromatic_flag 
_chem_comp_bond.pdbx_stereo_config 
_chem_comp_bond.pdbx_ordinal 
ALA N   CA   sing N N 1   
ALA N   H    sing N N 2   
ALA N   H2   sing N N 3   
ALA CA  C    sing N N 4   
ALA CA  CB   sing N N 5   
ALA CA  HA   sing N N 6   
ALA C   O    doub N N 7   
ALA C   OXT  sing N N 8   
ALA CB  HB1  sing N N 9   
ALA CB  HB2  sing N N 10  
ALA CB  HB3  sing N N 11  
ALA OXT HXT  sing N N 12  
ARG N   CA   sing N N 13  
ARG N   H    sing N N 14  
ARG N   H2   sing N N 15  
ARG CA  C    sing N N 16  
ARG CA  CB   sing N N 17  
ARG CA  HA   sing N N 18  
ARG C   O    doub N N 19  
ARG C   OXT  sing N N 20  
ARG CB  CG   sing N N 21  
ARG CB  HB2  sing N N 22  
ARG CB  HB3  sing N N 23  
ARG CG  CD   sing N N 24  
ARG CG  HG2  sing N N 25  
ARG CG  HG3  sing N N 26  
ARG CD  NE   sing N N 27  
ARG CD  HD2  sing N N 28  
ARG CD  HD3  sing N N 29  
ARG NE  CZ   sing N N 30  
ARG NE  HE   sing N N 31  
ARG CZ  NH1  sing N N 32  
ARG CZ  NH2  doub N N 33  
ARG NH1 HH11 sing N N 34  
ARG NH1 HH12 sing N N 35  
ARG NH2 HH21 sing N N 36  
ARG NH2 HH22 sing N N 37  
ARG OXT HXT  sing N N 38  
ASN N   CA   sing N N 39  
ASN N   H    sing N N 40  
ASN N   H2   sing N N 41  
ASN CA  C    sing N N 42  
ASN CA  CB   sing N N 43  
ASN CA  HA   sing N N 44  
ASN C   O    doub N N 45  
ASN C   OXT  sing N N 46  
ASN CB  CG   sing N N 47  
ASN CB  HB2  sing N N 48  
ASN CB  HB3  sing N N 49  
ASN CG  OD1  doub N N 50  
ASN CG  ND2  sing N N 51  
ASN ND2 HD21 sing N N 52  
ASN ND2 HD22 sing N N 53  
ASN OXT HXT  sing N N 54  
ASP N   CA   sing N N 55  
ASP N   H    sing N N 56  
ASP N   H2   sing N N 57  
ASP CA  C    sing N N 58  
ASP CA  CB   sing N N 59  
ASP CA  HA   sing N N 60  
ASP C   O    doub N N 61  
ASP C   OXT  sing N N 62  
ASP CB  CG   sing N N 63  
ASP CB  HB2  sing N N 64  
ASP CB  HB3  sing N N 65  
ASP CG  OD1  doub N N 66  
ASP CG  OD2  sing N N 67  
ASP OD2 HD2  sing N N 68  
ASP OXT HXT  sing N N 69  
BDD O1  C1   sing N N 70  
BDD O1  HO1  sing N N 71  
BDD C1  C2   sing N N 72  
BDD C1  H11  sing N N 73  
BDD C1  H12  sing N N 74  
BDD C2  C3   sing N N 75  
BDD C2  H21  sing N N 76  
BDD C2  H22  sing N N 77  
BDD C3  C4   sing N N 78  
BDD C3  H31  sing N N 79  
BDD C3  H32  sing N N 80  
BDD C4  C5   sing N N 81  
BDD C4  H41  sing N N 82  
BDD C4  H42  sing N N 83  
BDD C5  C6   sing N N 84  
BDD C5  H51  sing N N 85  
BDD C5  H52  sing N N 86  
BDD C6  C7   sing N N 87  
BDD C6  H61  sing N N 88  
BDD C6  H62  sing N N 89  
BDD C7  C8   sing N N 90  
BDD C7  H71  sing N N 91  
BDD C7  H72  sing N N 92  
BDD C8  C9   sing N N 93  
BDD C8  H81  sing N N 94  
BDD C8  H82  sing N N 95  
BDD C9  C10  sing N N 96  
BDD C9  H91  sing N N 97  
BDD C9  H92  sing N N 98  
BDD C10 C11  sing N N 99  
BDD C10 H101 sing N N 100 
BDD C10 H102 sing N N 101 
BDD C11 C12  sing N N 102 
BDD C11 H111 sing N N 103 
BDD C11 H112 sing N N 104 
BDD C12 BR   sing N N 105 
BDD C12 H121 sing N N 106 
BDD C12 H122 sing N N 107 
CYS N   CA   sing N N 108 
CYS N   H    sing N N 109 
CYS N   H2   sing N N 110 
CYS CA  C    sing N N 111 
CYS CA  CB   sing N N 112 
CYS CA  HA   sing N N 113 
CYS C   O    doub N N 114 
CYS C   OXT  sing N N 115 
CYS CB  SG   sing N N 116 
CYS CB  HB2  sing N N 117 
CYS CB  HB3  sing N N 118 
CYS SG  HG   sing N N 119 
CYS OXT HXT  sing N N 120 
GLN N   CA   sing N N 121 
GLN N   H    sing N N 122 
GLN N   H2   sing N N 123 
GLN CA  C    sing N N 124 
GLN CA  CB   sing N N 125 
GLN CA  HA   sing N N 126 
GLN C   O    doub N N 127 
GLN C   OXT  sing N N 128 
GLN CB  CG   sing N N 129 
GLN CB  HB2  sing N N 130 
GLN CB  HB3  sing N N 131 
GLN CG  CD   sing N N 132 
GLN CG  HG2  sing N N 133 
GLN CG  HG3  sing N N 134 
GLN CD  OE1  doub N N 135 
GLN CD  NE2  sing N N 136 
GLN NE2 HE21 sing N N 137 
GLN NE2 HE22 sing N N 138 
GLN OXT HXT  sing N N 139 
GLU N   CA   sing N N 140 
GLU N   H    sing N N 141 
GLU N   H2   sing N N 142 
GLU CA  C    sing N N 143 
GLU CA  CB   sing N N 144 
GLU CA  HA   sing N N 145 
GLU C   O    doub N N 146 
GLU C   OXT  sing N N 147 
GLU CB  CG   sing N N 148 
GLU CB  HB2  sing N N 149 
GLU CB  HB3  sing N N 150 
GLU CG  CD   sing N N 151 
GLU CG  HG2  sing N N 152 
GLU CG  HG3  sing N N 153 
GLU CD  OE1  doub N N 154 
GLU CD  OE2  sing N N 155 
GLU OE2 HE2  sing N N 156 
GLU OXT HXT  sing N N 157 
GLY N   CA   sing N N 158 
GLY N   H    sing N N 159 
GLY N   H2   sing N N 160 
GLY CA  C    sing N N 161 
GLY CA  HA2  sing N N 162 
GLY CA  HA3  sing N N 163 
GLY C   O    doub N N 164 
GLY C   OXT  sing N N 165 
GLY OXT HXT  sing N N 166 
HIS N   CA   sing N N 167 
HIS N   H    sing N N 168 
HIS N   H2   sing N N 169 
HIS CA  C    sing N N 170 
HIS CA  CB   sing N N 171 
HIS CA  HA   sing N N 172 
HIS C   O    doub N N 173 
HIS C   OXT  sing N N 174 
HIS CB  CG   sing N N 175 
HIS CB  HB2  sing N N 176 
HIS CB  HB3  sing N N 177 
HIS CG  ND1  sing Y N 178 
HIS CG  CD2  doub Y N 179 
HIS ND1 CE1  doub Y N 180 
HIS ND1 HD1  sing N N 181 
HIS CD2 NE2  sing Y N 182 
HIS CD2 HD2  sing N N 183 
HIS CE1 NE2  sing Y N 184 
HIS CE1 HE1  sing N N 185 
HIS NE2 HE2  sing N N 186 
HIS OXT HXT  sing N N 187 
HOH O   H1   sing N N 188 
HOH O   H2   sing N N 189 
ILE N   CA   sing N N 190 
ILE N   H    sing N N 191 
ILE N   H2   sing N N 192 
ILE CA  C    sing N N 193 
ILE CA  CB   sing N N 194 
ILE CA  HA   sing N N 195 
ILE C   O    doub N N 196 
ILE C   OXT  sing N N 197 
ILE CB  CG1  sing N N 198 
ILE CB  CG2  sing N N 199 
ILE CB  HB   sing N N 200 
ILE CG1 CD1  sing N N 201 
ILE CG1 HG12 sing N N 202 
ILE CG1 HG13 sing N N 203 
ILE CG2 HG21 sing N N 204 
ILE CG2 HG22 sing N N 205 
ILE CG2 HG23 sing N N 206 
ILE CD1 HD11 sing N N 207 
ILE CD1 HD12 sing N N 208 
ILE CD1 HD13 sing N N 209 
ILE OXT HXT  sing N N 210 
LEU N   CA   sing N N 211 
LEU N   H    sing N N 212 
LEU N   H2   sing N N 213 
LEU CA  C    sing N N 214 
LEU CA  CB   sing N N 215 
LEU CA  HA   sing N N 216 
LEU C   O    doub N N 217 
LEU C   OXT  sing N N 218 
LEU CB  CG   sing N N 219 
LEU CB  HB2  sing N N 220 
LEU CB  HB3  sing N N 221 
LEU CG  CD1  sing N N 222 
LEU CG  CD2  sing N N 223 
LEU CG  HG   sing N N 224 
LEU CD1 HD11 sing N N 225 
LEU CD1 HD12 sing N N 226 
LEU CD1 HD13 sing N N 227 
LEU CD2 HD21 sing N N 228 
LEU CD2 HD22 sing N N 229 
LEU CD2 HD23 sing N N 230 
LEU OXT HXT  sing N N 231 
LYS N   CA   sing N N 232 
LYS N   H    sing N N 233 
LYS N   H2   sing N N 234 
LYS CA  C    sing N N 235 
LYS CA  CB   sing N N 236 
LYS CA  HA   sing N N 237 
LYS C   O    doub N N 238 
LYS C   OXT  sing N N 239 
LYS CB  CG   sing N N 240 
LYS CB  HB2  sing N N 241 
LYS CB  HB3  sing N N 242 
LYS CG  CD   sing N N 243 
LYS CG  HG2  sing N N 244 
LYS CG  HG3  sing N N 245 
LYS CD  CE   sing N N 246 
LYS CD  HD2  sing N N 247 
LYS CD  HD3  sing N N 248 
LYS CE  NZ   sing N N 249 
LYS CE  HE2  sing N N 250 
LYS CE  HE3  sing N N 251 
LYS NZ  HZ1  sing N N 252 
LYS NZ  HZ2  sing N N 253 
LYS NZ  HZ3  sing N N 254 
LYS OXT HXT  sing N N 255 
MET N   CA   sing N N 256 
MET N   H    sing N N 257 
MET N   H2   sing N N 258 
MET CA  C    sing N N 259 
MET CA  CB   sing N N 260 
MET CA  HA   sing N N 261 
MET C   O    doub N N 262 
MET C   OXT  sing N N 263 
MET CB  CG   sing N N 264 
MET CB  HB2  sing N N 265 
MET CB  HB3  sing N N 266 
MET CG  SD   sing N N 267 
MET CG  HG2  sing N N 268 
MET CG  HG3  sing N N 269 
MET SD  CE   sing N N 270 
MET CE  HE1  sing N N 271 
MET CE  HE2  sing N N 272 
MET CE  HE3  sing N N 273 
MET OXT HXT  sing N N 274 
PRO N   CA   sing N N 275 
PRO N   CD   sing N N 276 
PRO N   H    sing N N 277 
PRO CA  C    sing N N 278 
PRO CA  CB   sing N N 279 
PRO CA  HA   sing N N 280 
PRO C   O    doub N N 281 
PRO C   OXT  sing N N 282 
PRO CB  CG   sing N N 283 
PRO CB  HB2  sing N N 284 
PRO CB  HB3  sing N N 285 
PRO CG  CD   sing N N 286 
PRO CG  HG2  sing N N 287 
PRO CG  HG3  sing N N 288 
PRO CD  HD2  sing N N 289 
PRO CD  HD3  sing N N 290 
PRO OXT HXT  sing N N 291 
SER N   CA   sing N N 292 
SER N   H    sing N N 293 
SER N   H2   sing N N 294 
SER CA  C    sing N N 295 
SER CA  CB   sing N N 296 
SER CA  HA   sing N N 297 
SER C   O    doub N N 298 
SER C   OXT  sing N N 299 
SER CB  OG   sing N N 300 
SER CB  HB2  sing N N 301 
SER CB  HB3  sing N N 302 
SER OG  HG   sing N N 303 
SER OXT HXT  sing N N 304 
THR N   CA   sing N N 305 
THR N   H    sing N N 306 
THR N   H2   sing N N 307 
THR CA  C    sing N N 308 
THR CA  CB   sing N N 309 
THR CA  HA   sing N N 310 
THR C   O    doub N N 311 
THR C   OXT  sing N N 312 
THR CB  OG1  sing N N 313 
THR CB  CG2  sing N N 314 
THR CB  HB   sing N N 315 
THR OG1 HG1  sing N N 316 
THR CG2 HG21 sing N N 317 
THR CG2 HG22 sing N N 318 
THR CG2 HG23 sing N N 319 
THR OXT HXT  sing N N 320 
TRP N   CA   sing N N 321 
TRP N   H    sing N N 322 
TRP N   H2   sing N N 323 
TRP CA  C    sing N N 324 
TRP CA  CB   sing N N 325 
TRP CA  HA   sing N N 326 
TRP C   O    doub N N 327 
TRP C   OXT  sing N N 328 
TRP CB  CG   sing N N 329 
TRP CB  HB2  sing N N 330 
TRP CB  HB3  sing N N 331 
TRP CG  CD1  doub Y N 332 
TRP CG  CD2  sing Y N 333 
TRP CD1 NE1  sing Y N 334 
TRP CD1 HD1  sing N N 335 
TRP CD2 CE2  doub Y N 336 
TRP CD2 CE3  sing Y N 337 
TRP NE1 CE2  sing Y N 338 
TRP NE1 HE1  sing N N 339 
TRP CE2 CZ2  sing Y N 340 
TRP CE3 CZ3  doub Y N 341 
TRP CE3 HE3  sing N N 342 
TRP CZ2 CH2  doub Y N 343 
TRP CZ2 HZ2  sing N N 344 
TRP CZ3 CH2  sing Y N 345 
TRP CZ3 HZ3  sing N N 346 
TRP CH2 HH2  sing N N 347 
TRP OXT HXT  sing N N 348 
TYR N   CA   sing N N 349 
TYR N   H    sing N N 350 
TYR N   H2   sing N N 351 
TYR CA  C    sing N N 352 
TYR CA  CB   sing N N 353 
TYR CA  HA   sing N N 354 
TYR C   O    doub N N 355 
TYR C   OXT  sing N N 356 
TYR CB  CG   sing N N 357 
TYR CB  HB2  sing N N 358 
TYR CB  HB3  sing N N 359 
TYR CG  CD1  doub Y N 360 
TYR CG  CD2  sing Y N 361 
TYR CD1 CE1  sing Y N 362 
TYR CD1 HD1  sing N N 363 
TYR CD2 CE2  doub Y N 364 
TYR CD2 HD2  sing N N 365 
TYR CE1 CZ   doub Y N 366 
TYR CE1 HE1  sing N N 367 
TYR CE2 CZ   sing Y N 368 
TYR CE2 HE2  sing N N 369 
TYR CZ  OH   sing N N 370 
TYR OH  HH   sing N N 371 
TYR OXT HXT  sing N N 372 
VAL N   CA   sing N N 373 
VAL N   H    sing N N 374 
VAL N   H2   sing N N 375 
VAL CA  C    sing N N 376 
VAL CA  CB   sing N N 377 
VAL CA  HA   sing N N 378 
VAL C   O    doub N N 379 
VAL C   OXT  sing N N 380 
VAL CB  CG1  sing N N 381 
VAL CB  CG2  sing N N 382 
VAL CB  HB   sing N N 383 
VAL CG1 HG11 sing N N 384 
VAL CG1 HG12 sing N N 385 
VAL CG1 HG13 sing N N 386 
VAL CG2 HG21 sing N N 387 
VAL CG2 HG22 sing N N 388 
VAL CG2 HG23 sing N N 389 
VAL OXT HXT  sing N N 390 
# 
_pdbx_initial_refinement_model.accession_code   1N8V 
_pdbx_initial_refinement_model.id               1 
_pdbx_initial_refinement_model.entity_id_list   ? 
_pdbx_initial_refinement_model.type             'experimental model' 
_pdbx_initial_refinement_model.source_name      PDB 
_pdbx_initial_refinement_model.details          'CSP complexed with bromo-dodecanol, form P 2<1>' 
# 
_atom_sites.entry_id                    1N8U 
_atom_sites.fract_transf_matrix[1][1]   -0.00888971 
_atom_sites.fract_transf_matrix[1][2]   0.01159613 
_atom_sites.fract_transf_matrix[1][3]   -0.01080781 
_atom_sites.fract_transf_matrix[2][1]   -0.00370669 
_atom_sites.fract_transf_matrix[2][2]   -0.01367199 
_atom_sites.fract_transf_matrix[2][3]   -0.01162037 
_atom_sites.fract_transf_matrix[3][1]   -0.03290390 
_atom_sites.fract_transf_matrix[3][2]   0.00389641 
_atom_sites.fract_transf_matrix[3][3]   0.00591143 
_atom_sites.fract_transf_vector[1]      0.255153 
_atom_sites.fract_transf_vector[2]      0.004453 
_atom_sites.fract_transf_vector[3]      0.112090 
# 
loop_
_atom_type.symbol 
BR 
C  
N  
O  
S  
# 
loop_
_atom_site.group_PDB 
_atom_site.id 
_atom_site.type_symbol 
_atom_site.label_atom_id 
_atom_site.label_alt_id 
_atom_site.label_comp_id 
_atom_site.label_asym_id 
_atom_site.label_entity_id 
_atom_site.label_seq_id 
_atom_site.pdbx_PDB_ins_code 
_atom_site.Cartn_x 
_atom_site.Cartn_y 
_atom_site.Cartn_z 
_atom_site.occupancy 
_atom_site.B_iso_or_equiv 
_atom_site.pdbx_formal_charge 
_atom_site.auth_seq_id 
_atom_site.auth_comp_id 
_atom_site.auth_asym_id 
_atom_site.auth_atom_id 
_atom_site.pdbx_PDB_model_num 
ATOM   1   N  N   . LYS A 1 3   ? 13.583  -12.157 -1.669  1.00 23.20 ? 3   LYS A N   1 
ATOM   2   C  CA  . LYS A 1 3   ? 12.947  -10.864 -1.313  1.00 22.64 ? 3   LYS A CA  1 
ATOM   3   C  C   . LYS A 1 3   ? 12.497  -10.121 -2.538  1.00 22.19 ? 3   LYS A C   1 
ATOM   4   O  O   . LYS A 1 3   ? 13.041  -10.287 -3.632  1.00 22.87 ? 3   LYS A O   1 
ATOM   5   C  CB  . LYS A 1 3   ? 13.901  -9.973  -0.489  1.00 23.72 ? 3   LYS A CB  1 
ATOM   6   N  N   . TYR A 1 4   ? 11.486  -9.290  -2.364  1.00 19.95 ? 4   TYR A N   1 
ATOM   7   C  CA  . TYR A 1 4   ? 11.081  -8.412  -3.427  1.00 19.57 ? 4   TYR A CA  1 
ATOM   8   C  C   . TYR A 1 4   ? 12.289  -7.515  -3.722  1.00 19.28 ? 4   TYR A C   1 
ATOM   9   O  O   . TYR A 1 4   ? 13.167  -7.338  -2.873  1.00 17.89 ? 4   TYR A O   1 
ATOM   10  C  CB  . TYR A 1 4   ? 9.897   -7.557  -2.985  1.00 19.55 ? 4   TYR A CB  1 
ATOM   11  C  CG  . TYR A 1 4   ? 8.637   -8.336  -2.592  1.00 17.25 ? 4   TYR A CG  1 
ATOM   12  C  CD1 . TYR A 1 4   ? 8.183   -9.378  -3.358  1.00 18.84 ? 4   TYR A CD1 1 
ATOM   13  C  CD2 . TYR A 1 4   ? 7.889   -7.970  -1.472  1.00 15.76 ? 4   TYR A CD2 1 
ATOM   14  C  CE1 . TYR A 1 4   ? 7.056   -10.084 -3.004  1.00 17.00 ? 4   TYR A CE1 1 
ATOM   15  C  CE2 . TYR A 1 4   ? 6.764   -8.656  -1.112  1.00 14.79 ? 4   TYR A CE2 1 
ATOM   16  C  CZ  . TYR A 1 4   ? 6.348   -9.715  -1.877  1.00 15.40 ? 4   TYR A CZ  1 
ATOM   17  O  OH  . TYR A 1 4   ? 5.231   -10.413 -1.553  1.00 13.99 ? 4   TYR A OH  1 
ATOM   18  N  N   . THR A 1 5   ? 12.341  -6.957  -4.924  1.00 19.29 ? 5   THR A N   1 
ATOM   19  C  CA  . THR A 1 5   ? 13.451  -6.051  -5.264  1.00 19.08 ? 5   THR A CA  1 
ATOM   20  C  C   . THR A 1 5   ? 13.468  -4.801  -4.376  1.00 18.23 ? 5   THR A C   1 
ATOM   21  O  O   . THR A 1 5   ? 12.430  -4.294  -3.955  1.00 17.84 ? 5   THR A O   1 
ATOM   22  C  CB  . THR A 1 5   ? 13.368  -5.627  -6.751  1.00 19.35 ? 5   THR A CB  1 
ATOM   23  O  OG1 . THR A 1 5   ? 14.460  -4.732  -7.053  1.00 21.07 ? 5   THR A OG1 1 
ATOM   24  C  CG2 . THR A 1 5   ? 12.119  -4.817  -7.044  1.00 19.99 ? 5   THR A CG2 1 
ATOM   25  N  N   . ASP A 1 6   ? 14.656  -4.296  -4.078  1.00 17.10 ? 6   ASP A N   1 
ATOM   26  C  CA  . ASP A 1 6   ? 14.759  -3.090  -3.272  1.00 16.86 ? 6   ASP A CA  1 
ATOM   27  C  C   . ASP A 1 6   ? 15.050  -1.847  -4.117  1.00 16.29 ? 6   ASP A C   1 
ATOM   28  O  O   . ASP A 1 6   ? 15.296  -0.771  -3.577  1.00 15.01 ? 6   ASP A O   1 
ATOM   29  C  CB  . ASP A 1 6   ? 15.861  -3.249  -2.230  1.00 17.09 ? 6   ASP A CB  1 
ATOM   30  C  CG  . ASP A 1 6   ? 17.253  -3.399  -2.843  1.00 17.01 ? 6   ASP A CG  1 
ATOM   31  O  OD1 . ASP A 1 6   ? 17.435  -3.373  -4.099  1.00 14.70 ? 6   ASP A OD1 1 
ATOM   32  O  OD2 . ASP A 1 6   ? 18.232  -3.533  -2.083  1.00 20.24 ? 6   ASP A OD2 1 
ATOM   33  N  N   . LYS A 1 7   ? 14.997  -1.992  -5.433  1.00 15.68 ? 7   LYS A N   1 
ATOM   34  C  CA  . LYS A 1 7   ? 15.438  -0.914  -6.323  1.00 16.64 ? 7   LYS A CA  1 
ATOM   35  C  C   . LYS A 1 7   ? 14.624  0.396   -6.235  1.00 16.71 ? 7   LYS A C   1 
ATOM   36  O  O   . LYS A 1 7   ? 15.138  1.486   -6.568  1.00 16.51 ? 7   LYS A O   1 
ATOM   37  C  CB  . LYS A 1 7   ? 15.485  -1.428  -7.752  1.00 17.47 ? 7   LYS A CB  1 
ATOM   38  C  CG  . LYS A 1 7   ? 14.129  -1.560  -8.429  1.00 18.03 ? 7   LYS A CG  1 
ATOM   39  C  CD  . LYS A 1 7   ? 14.319  -2.208  -9.817  1.00 21.88 ? 7   LYS A CD  1 
ATOM   40  C  CE  . LYS A 1 7   ? 12.979  -2.386  -10.564 1.00 23.38 ? 7   LYS A CE  1 
ATOM   41  N  NZ  . LYS A 1 7   ? 13.121  -3.336  -11.734 1.00 24.52 ? 7   LYS A NZ  1 
ATOM   42  N  N   . TYR A 1 8   ? 13.378  0.309   -5.766  1.00 16.12 ? 8   TYR A N   1 
ATOM   43  C  CA  . TYR A 1 8   ? 12.563  1.487   -5.576  1.00 16.26 ? 8   TYR A CA  1 
ATOM   44  C  C   . TYR A 1 8   ? 12.474  1.907   -4.118  1.00 16.88 ? 8   TYR A C   1 
ATOM   45  O  O   . TYR A 1 8   ? 11.689  2.789   -3.800  1.00 17.30 ? 8   TYR A O   1 
ATOM   46  C  CB  . TYR A 1 8   ? 11.141  1.220   -6.057  1.00 16.96 ? 8   TYR A CB  1 
ATOM   47  C  CG  . TYR A 1 8   ? 11.004  0.857   -7.508  1.00 17.04 ? 8   TYR A CG  1 
ATOM   48  C  CD1 . TYR A 1 8   ? 11.518  1.674   -8.496  1.00 18.48 ? 8   TYR A CD1 1 
ATOM   49  C  CD2 . TYR A 1 8   ? 10.330  -0.292  -7.893  1.00 18.69 ? 8   TYR A CD2 1 
ATOM   50  C  CE1 . TYR A 1 8   ? 11.390  1.343   -9.844  1.00 19.62 ? 8   TYR A CE1 1 
ATOM   51  C  CE2 . TYR A 1 8   ? 10.192  -0.620  -9.212  1.00 21.66 ? 8   TYR A CE2 1 
ATOM   52  C  CZ  . TYR A 1 8   ? 10.716  0.198   -10.186 1.00 20.38 ? 8   TYR A CZ  1 
ATOM   53  O  OH  . TYR A 1 8   ? 10.561  -0.146  -11.524 1.00 24.02 ? 8   TYR A OH  1 
ATOM   54  N  N   . ASP A 1 9   ? 13.293  1.316   -3.244  1.00 17.11 ? 9   ASP A N   1 
ATOM   55  C  CA  . ASP A 1 9   ? 13.139  1.529   -1.792  1.00 17.69 ? 9   ASP A CA  1 
ATOM   56  C  C   . ASP A 1 9   ? 13.404  2.923   -1.258  1.00 17.87 ? 9   ASP A C   1 
ATOM   57  O  O   . ASP A 1 9   ? 13.042  3.227   -0.087  1.00 18.50 ? 9   ASP A O   1 
ATOM   58  C  CB  . ASP A 1 9   ? 13.944  0.491   -1.004  1.00 17.33 ? 9   ASP A CB  1 
ATOM   59  C  CG  . ASP A 1 9   ? 13.179  -0.794  -0.792  1.00 17.41 ? 9   ASP A CG  1 
ATOM   60  O  OD1 . ASP A 1 9   ? 12.082  -0.943  -1.374  1.00 19.40 ? 9   ASP A OD1 1 
ATOM   61  O  OD2 . ASP A 1 9   ? 13.609  -1.719  -0.075  1.00 19.09 ? 9   ASP A OD2 1 
ATOM   62  N  N   . ASN A 1 10  ? 14.062  3.757   -2.073  1.00 17.97 ? 10  ASN A N   1 
ATOM   63  C  CA  . ASN A 1 10  ? 14.312  5.144   -1.715  1.00 18.34 ? 10  ASN A CA  1 
ATOM   64  C  C   . ASN A 1 10  ? 13.196  6.099   -2.177  1.00 19.02 ? 10  ASN A C   1 
ATOM   65  O  O   . ASN A 1 10  ? 13.309  7.314   -2.050  1.00 18.85 ? 10  ASN A O   1 
ATOM   66  C  CB  . ASN A 1 10  ? 15.687  5.592   -2.236  1.00 17.48 ? 10  ASN A CB  1 
ATOM   67  C  CG  . ASN A 1 10  ? 16.833  5.015   -1.413  1.00 18.02 ? 10  ASN A CG  1 
ATOM   68  O  OD1 . ASN A 1 10  ? 17.899  4.627   -1.939  1.00 18.39 ? 10  ASN A OD1 1 
ATOM   69  N  ND2 . ASN A 1 10  ? 16.622  4.956   -0.104  1.00 13.94 ? 10  ASN A ND2 1 
ATOM   70  N  N   . ILE A 1 11  ? 12.132  5.560   -2.736  1.00 20.53 ? 11  ILE A N   1 
ATOM   71  C  CA  . ILE A 1 11  ? 10.984  6.393   -3.103  1.00 21.60 ? 11  ILE A CA  1 
ATOM   72  C  C   . ILE A 1 11  ? 10.623  7.324   -1.954  1.00 21.53 ? 11  ILE A C   1 
ATOM   73  O  O   . ILE A 1 11  ? 10.678  6.947   -0.764  1.00 21.00 ? 11  ILE A O   1 
ATOM   74  C  CB  . ILE A 1 11  ? 9.756   5.512   -3.487  1.00 22.22 ? 11  ILE A CB  1 
ATOM   75  C  CG1 . ILE A 1 11  ? 8.699   6.345   -4.211  1.00 23.89 ? 11  ILE A CG1 1 
ATOM   76  C  CG2 . ILE A 1 11  ? 9.193   4.772   -2.256  1.00 22.70 ? 11  ILE A CG2 1 
ATOM   77  C  CD1 . ILE A 1 11  ? 7.649   5.508   -4.906  1.00 25.38 ? 11  ILE A CD1 1 
ATOM   78  N  N   . ASN A 1 12  ? 10.232  8.537   -2.315  1.00 20.58 ? 12  ASN A N   1 
ATOM   79  C  CA  . ASN A 1 12  ? 9.823   9.524   -1.321  1.00 20.08 ? 12  ASN A CA  1 
ATOM   80  C  C   . ASN A 1 12  ? 8.369   9.335   -0.915  1.00 18.69 ? 12  ASN A C   1 
ATOM   81  O  O   . ASN A 1 12  ? 7.469   9.862   -1.550  1.00 19.01 ? 12  ASN A O   1 
ATOM   82  C  CB  . ASN A 1 12  ? 10.043  10.949  -1.852  1.00 20.03 ? 12  ASN A CB  1 
ATOM   83  C  CG  . ASN A 1 12  ? 9.732   12.018  -0.811  1.00 20.52 ? 12  ASN A CG  1 
ATOM   84  O  OD1 . ASN A 1 12  ? 9.287   11.720  0.299   1.00 22.37 ? 12  ASN A OD1 1 
ATOM   85  N  ND2 . ASN A 1 12  ? 9.979   13.272  -1.162  1.00 25.67 ? 12  ASN A ND2 1 
ATOM   86  N  N   . LEU A 1 13  ? 8.124   8.582   0.151   1.00 18.73 ? 13  LEU A N   1 
ATOM   87  C  CA  . LEU A 1 13  ? 6.747   8.323   0.573   1.00 18.85 ? 13  LEU A CA  1 
ATOM   88  C  C   . LEU A 1 13  ? 6.055   9.552   1.164   1.00 18.77 ? 13  LEU A C   1 
ATOM   89  O  O   . LEU A 1 13  ? 4.855   9.763   0.958   1.00 17.97 ? 13  LEU A O   1 
ATOM   90  C  CB  . LEU A 1 13  ? 6.698   7.182   1.591   1.00 19.75 ? 13  LEU A CB  1 
ATOM   91  C  CG  . LEU A 1 13  ? 7.130   5.806   1.120   1.00 19.98 ? 13  LEU A CG  1 
ATOM   92  C  CD1 . LEU A 1 13  ? 7.145   4.869   2.317   1.00 22.16 ? 13  LEU A CD1 1 
ATOM   93  C  CD2 . LEU A 1 13  ? 6.181   5.336   0.039   1.00 21.47 ? 13  LEU A CD2 1 
ATOM   94  N  N   . ASP A 1 14  ? 6.827   10.373  1.871   1.00 18.97 ? 14  ASP A N   1 
ATOM   95  C  CA  . ASP A 1 14  ? 6.299   11.568  2.508   1.00 19.73 ? 14  ASP A CA  1 
ATOM   96  C  C   . ASP A 1 14  ? 5.679   12.508  1.457   1.00 19.30 ? 14  ASP A C   1 
ATOM   97  O  O   . ASP A 1 14  ? 4.563   13.001  1.647   1.00 18.76 ? 14  ASP A O   1 
ATOM   98  C  CB  . ASP A 1 14  ? 7.386   12.262  3.332   1.00 20.26 ? 14  ASP A CB  1 
ATOM   99  C  CG  . ASP A 1 14  ? 7.649   11.564  4.685   1.00 23.46 ? 14  ASP A CG  1 
ATOM   100 O  OD1 . ASP A 1 14  ? 6.886   10.646  5.094   1.00 29.69 ? 14  ASP A OD1 1 
ATOM   101 O  OD2 . ASP A 1 14  ? 8.604   11.869  5.422   1.00 27.20 ? 14  ASP A OD2 1 
ATOM   102 N  N   . GLU A 1 15  ? 6.340   12.675  0.313   1.00 19.07 ? 15  GLU A N   1 
ATOM   103 C  CA  . GLU A 1 15  ? 5.784   13.508  -0.733  1.00 18.73 ? 15  GLU A CA  1 
ATOM   104 C  C   . GLU A 1 15  ? 4.522   12.886  -1.332  1.00 18.35 ? 15  GLU A C   1 
ATOM   105 O  O   . GLU A 1 15  ? 3.563   13.597  -1.583  1.00 17.70 ? 15  GLU A O   1 
ATOM   106 C  CB  . GLU A 1 15  ? 6.814   13.834  -1.801  1.00 20.08 ? 15  GLU A CB  1 
ATOM   107 N  N   . ILE A 1 16  ? 4.483   11.553  -1.480  1.00 17.84 ? 16  ILE A N   1 
ATOM   108 C  CA  . ILE A 1 16  ? 3.299   10.905  -2.010  1.00 18.09 ? 16  ILE A CA  1 
ATOM   109 C  C   . ILE A 1 16  ? 2.120   11.126  -1.069  1.00 17.16 ? 16  ILE A C   1 
ATOM   110 O  O   . ILE A 1 16  ? 1.047   11.470  -1.515  1.00 17.48 ? 16  ILE A O   1 
ATOM   111 C  CB  . ILE A 1 16  ? 3.569   9.393   -2.266  1.00 18.97 ? 16  ILE A CB  1 
ATOM   112 C  CG1 . ILE A 1 16  ? 4.620   9.213   -3.362  1.00 19.10 ? 16  ILE A CG1 1 
ATOM   113 C  CG2 . ILE A 1 16  ? 2.275   8.649   -2.681  1.00 19.51 ? 16  ILE A CG2 1 
ATOM   114 C  CD1 . ILE A 1 16  ? 5.201   7.776   -3.421  1.00 21.02 ? 16  ILE A CD1 1 
ATOM   115 N  N   . LEU A 1 17  ? 2.346   10.987  0.237   1.00 16.97 ? 17  LEU A N   1 
ATOM   116 C  CA  . LEU A 1 17  ? 1.294   11.167  1.238   1.00 18.03 ? 17  LEU A CA  1 
ATOM   117 C  C   . LEU A 1 17  ? 0.831   12.600  1.431   1.00 18.31 ? 17  LEU A C   1 
ATOM   118 O  O   . LEU A 1 17  ? -0.310  12.843  1.815   1.00 18.26 ? 17  LEU A O   1 
ATOM   119 C  CB  . LEU A 1 17  ? 1.752   10.579  2.570   1.00 18.54 ? 17  LEU A CB  1 
ATOM   120 C  CG  . LEU A 1 17  ? 2.072   9.091   2.480   1.00 18.67 ? 17  LEU A CG  1 
ATOM   121 C  CD1 . LEU A 1 17  ? 2.514   8.567   3.869   1.00 20.50 ? 17  LEU A CD1 1 
ATOM   122 C  CD2 . LEU A 1 17  ? 0.886   8.263   1.993   1.00 19.55 ? 17  LEU A CD2 1 
ATOM   123 N  N   . ALA A 1 18  ? 1.716   13.545  1.130   1.00 17.35 ? 18  ALA A N   1 
ATOM   124 C  CA  . ALA A 1 18  ? 1.428   14.970  1.272   1.00 17.70 ? 18  ALA A CA  1 
ATOM   125 C  C   . ALA A 1 18  ? 0.702   15.579  0.072   1.00 17.71 ? 18  ALA A C   1 
ATOM   126 O  O   . ALA A 1 18  ? 0.181   16.713  0.158   1.00 17.64 ? 18  ALA A O   1 
ATOM   127 C  CB  . ALA A 1 18  ? 2.728   15.711  1.460   1.00 17.56 ? 18  ALA A CB  1 
ATOM   128 N  N   . ASN A 1 19  ? 0.686   14.850  -1.041  1.00 17.03 ? 19  ASN A N   1 
ATOM   129 C  CA  . ASN A 1 19  ? 0.154   15.377  -2.289  1.00 17.97 ? 19  ASN A CA  1 
ATOM   130 C  C   . ASN A 1 19  ? -0.971  14.501  -2.843  1.00 17.36 ? 19  ASN A C   1 
ATOM   131 O  O   . ASN A 1 19  ? -0.722  13.463  -3.400  1.00 16.99 ? 19  ASN A O   1 
ATOM   132 C  CB  . ASN A 1 19  ? 1.316   15.559  -3.266  1.00 18.14 ? 19  ASN A CB  1 
ATOM   133 C  CG  . ASN A 1 19  ? 2.325   16.628  -2.787  1.00 20.37 ? 19  ASN A CG  1 
ATOM   134 O  OD1 . ASN A 1 19  ? 2.138   17.847  -3.013  1.00 25.86 ? 19  ASN A OD1 1 
ATOM   135 N  ND2 . ASN A 1 19  ? 3.394   16.184  -2.123  1.00 22.73 ? 19  ASN A ND2 1 
ATOM   136 N  N   . LYS A 1 20  ? -2.218  14.942  -2.683  1.00 18.09 ? 20  LYS A N   1 
ATOM   137 C  CA  . LYS A 1 20  ? -3.380  14.099  -3.012  1.00 18.23 ? 20  LYS A CA  1 
ATOM   138 C  C   . LYS A 1 20  ? -3.380  13.544  -4.444  1.00 18.34 ? 20  LYS A C   1 
ATOM   139 O  O   . LYS A 1 20  ? -3.813  12.393  -4.685  1.00 16.38 ? 20  LYS A O   1 
ATOM   140 C  CB  . LYS A 1 20  ? -4.683  14.861  -2.737  1.00 19.09 ? 20  LYS A CB  1 
ATOM   141 C  CG  . LYS A 1 20  ? -5.967  14.053  -2.958  1.00 21.03 ? 20  LYS A CG  1 
ATOM   142 C  CD  . LYS A 1 20  ? -6.111  12.893  -2.016  1.00 22.54 ? 20  LYS A CD  1 
ATOM   143 C  CE  . LYS A 1 20  ? -7.582  12.464  -1.870  1.00 24.60 ? 20  LYS A CE  1 
ATOM   144 N  NZ  . LYS A 1 20  ? -8.242  12.809  -0.587  1.00 25.92 ? 20  LYS A NZ  1 
ATOM   145 N  N   . ARG A 1 21  ? -2.899  14.355  -5.391  1.00 18.51 ? 21  ARG A N   1 
ATOM   146 C  CA  . ARG A 1 21  ? -2.860  13.949  -6.803  1.00 19.70 ? 21  ARG A CA  1 
ATOM   147 C  C   . ARG A 1 21  ? -1.975  12.738  -7.036  1.00 18.89 ? 21  ARG A C   1 
ATOM   148 O  O   . ARG A 1 21  ? -2.309  11.856  -7.826  1.00 18.87 ? 21  ARG A O   1 
ATOM   149 C  CB  . ARG A 1 21  ? -2.349  15.085  -7.674  1.00 20.47 ? 21  ARG A CB  1 
ATOM   150 C  CG  . ARG A 1 21  ? -1.127  15.840  -7.124  1.00 24.96 ? 21  ARG A CG  1 
ATOM   151 C  CD  . ARG A 1 21  ? 0.211   15.187  -7.360  1.00 31.38 ? 21  ARG A CD  1 
ATOM   152 N  NE  . ARG A 1 21  ? 0.408   14.839  -8.769  1.00 35.96 ? 21  ARG A NE  1 
ATOM   153 C  CZ  . ARG A 1 21  ? 1.297   15.412  -9.575  1.00 37.75 ? 21  ARG A CZ  1 
ATOM   154 N  NH1 . ARG A 1 21  ? 2.105   16.375  -9.134  1.00 37.85 ? 21  ARG A NH1 1 
ATOM   155 N  NH2 . ARG A 1 21  ? 1.382   14.999  -10.831 1.00 38.50 ? 21  ARG A NH2 1 
ATOM   156 N  N   . LEU A 1 22  ? -0.835  12.742  -6.355  1.00 18.70 ? 22  LEU A N   1 
ATOM   157 C  CA  . LEU A 1 22  ? 0.133   11.654  -6.379  1.00 18.87 ? 22  LEU A CA  1 
ATOM   158 C  C   . LEU A 1 22  ? -0.434  10.414  -5.741  1.00 18.06 ? 22  LEU A C   1 
ATOM   159 O  O   . LEU A 1 22  ? -0.346  9.309   -6.304  1.00 18.43 ? 22  LEU A O   1 
ATOM   160 C  CB  . LEU A 1 22  ? 1.376   12.043  -5.584  1.00 19.88 ? 22  LEU A CB  1 
ATOM   161 C  CG  . LEU A 1 22  ? 2.705   12.293  -6.287  1.00 24.03 ? 22  LEU A CG  1 
ATOM   162 C  CD1 . LEU A 1 22  ? 2.502   12.916  -7.652  1.00 25.89 ? 22  LEU A CD1 1 
ATOM   163 C  CD2 . LEU A 1 22  ? 3.618   13.186  -5.435  1.00 25.79 ? 22  LEU A CD2 1 
ATOM   164 N  N   . LEU A 1 23  ? -0.958  10.584  -4.533  1.00 17.71 ? 23  LEU A N   1 
ATOM   165 C  CA  . LEU A 1 23  ? -1.504  9.451   -3.797  1.00 17.91 ? 23  LEU A CA  1 
ATOM   166 C  C   . LEU A 1 23  ? -2.602  8.761   -4.592  1.00 17.05 ? 23  LEU A C   1 
ATOM   167 O  O   . LEU A 1 23  ? -2.636  7.537   -4.681  1.00 15.30 ? 23  LEU A O   1 
ATOM   168 C  CB  . LEU A 1 23  ? -2.040  9.899   -2.444  1.00 17.49 ? 23  LEU A CB  1 
ATOM   169 C  CG  . LEU A 1 23  ? -2.653  8.841   -1.537  1.00 20.19 ? 23  LEU A CG  1 
ATOM   170 C  CD1 . LEU A 1 23  ? -1.650  7.751   -1.192  1.00 22.27 ? 23  LEU A CD1 1 
ATOM   171 C  CD2 . LEU A 1 23  ? -3.167  9.497   -0.264  1.00 20.83 ? 23  LEU A CD2 1 
ATOM   172 N  N   . VAL A 1 24  ? -3.488  9.553   -5.189  1.00 16.00 ? 24  VAL A N   1 
ATOM   173 C  CA  . VAL A 1 24  ? -4.615  8.978   -5.937  1.00 15.94 ? 24  VAL A CA  1 
ATOM   174 C  C   . VAL A 1 24  ? -4.172  8.280   -7.234  1.00 15.69 ? 24  VAL A C   1 
ATOM   175 O  O   . VAL A 1 24  ? -4.806  7.316   -7.672  1.00 15.90 ? 24  VAL A O   1 
ATOM   176 C  CB  . VAL A 1 24  ? -5.702  10.004  -6.226  1.00 16.28 ? 24  VAL A CB  1 
ATOM   177 C  CG1 . VAL A 1 24  ? -6.747  9.428   -7.150  1.00 17.09 ? 24  VAL A CG1 1 
ATOM   178 C  CG2 . VAL A 1 24  ? -6.414  10.439  -4.941  1.00 17.19 ? 24  VAL A CG2 1 
ATOM   179 N  N   . ALA A 1 25  ? -3.080  8.728   -7.832  1.00 15.78 ? 25  ALA A N   1 
ATOM   180 C  CA  . ALA A 1 25  ? -2.515  8.046   -9.004  1.00 16.27 ? 25  ALA A CA  1 
ATOM   181 C  C   . ALA A 1 25  ? -2.128  6.604   -8.656  1.00 16.11 ? 25  ALA A C   1 
ATOM   182 O  O   . ALA A 1 25  ? -2.429  5.674   -9.416  1.00 15.74 ? 25  ALA A O   1 
ATOM   183 C  CB  . ALA A 1 25  ? -1.292  8.813   -9.535  1.00 16.96 ? 25  ALA A CB  1 
ATOM   184 N  N   . TYR A 1 26  ? -1.458  6.406   -7.514  1.00 16.16 ? 26  TYR A N   1 
ATOM   185 C  CA  . TYR A 1 26  ? -1.113  5.047   -7.044  1.00 16.01 ? 26  TYR A CA  1 
ATOM   186 C  C   . TYR A 1 26  ? -2.355  4.230   -6.681  1.00 15.62 ? 26  TYR A C   1 
ATOM   187 O  O   . TYR A 1 26  ? -2.443  3.037   -6.976  1.00 15.03 ? 26  TYR A O   1 
ATOM   188 C  CB  . TYR A 1 26  ? -0.169  5.068   -5.830  1.00 16.68 ? 26  TYR A CB  1 
ATOM   189 C  CG  . TYR A 1 26  ? 1.250   5.424   -6.178  1.00 18.21 ? 26  TYR A CG  1 
ATOM   190 C  CD1 . TYR A 1 26  ? 2.103   4.476   -6.741  1.00 18.42 ? 26  TYR A CD1 1 
ATOM   191 C  CD2 . TYR A 1 26  ? 1.727   6.717   -5.991  1.00 19.66 ? 26  TYR A CD2 1 
ATOM   192 C  CE1 . TYR A 1 26  ? 3.378   4.805   -7.104  1.00 21.21 ? 26  TYR A CE1 1 
ATOM   193 C  CE2 . TYR A 1 26  ? 3.030   7.050   -6.343  1.00 22.77 ? 26  TYR A CE2 1 
ATOM   194 C  CZ  . TYR A 1 26  ? 3.847   6.080   -6.884  1.00 23.87 ? 26  TYR A CZ  1 
ATOM   195 O  OH  . TYR A 1 26  ? 5.139   6.393   -7.253  1.00 29.89 ? 26  TYR A OH  1 
ATOM   196 N  N   . VAL A 1 27  ? -3.310  4.876   -6.034  1.00 13.99 ? 27  VAL A N   1 
ATOM   197 C  CA  . VAL A 1 27  ? -4.545  4.212   -5.678  1.00 15.27 ? 27  VAL A CA  1 
ATOM   198 C  C   . VAL A 1 27  ? -5.259  3.713   -6.936  1.00 15.15 ? 27  VAL A C   1 
ATOM   199 O  O   . VAL A 1 27  ? -5.658  2.544   -7.009  1.00 14.62 ? 27  VAL A O   1 
ATOM   200 C  CB  . VAL A 1 27  ? -5.422  5.132   -4.864  1.00 16.44 ? 27  VAL A CB  1 
ATOM   201 C  CG1 . VAL A 1 27  ? -6.823  4.578   -4.747  1.00 17.19 ? 27  VAL A CG1 1 
ATOM   202 C  CG2 . VAL A 1 27  ? -4.769  5.400   -3.504  1.00 16.88 ? 27  VAL A CG2 1 
ATOM   203 N  N   . ASN A 1 28  ? -5.387  4.588   -7.934  1.00 15.25 ? 28  ASN A N   1 
ATOM   204 C  CA  . ASN A 1 28  ? -6.040  4.214   -9.197  1.00 15.61 ? 28  ASN A CA  1 
ATOM   205 C  C   . ASN A 1 28  ? -5.285  3.091   -9.930  1.00 14.98 ? 28  ASN A C   1 
ATOM   206 O  O   . ASN A 1 28  ? -5.910  2.202   -10.498 1.00 15.17 ? 28  ASN A O   1 
ATOM   207 C  CB  . ASN A 1 28  ? -6.214  5.436   -10.126 1.00 15.48 ? 28  ASN A CB  1 
ATOM   208 C  CG  . ASN A 1 28  ? -7.246  6.450   -9.620  1.00 17.11 ? 28  ASN A CG  1 
ATOM   209 O  OD1 . ASN A 1 28  ? -7.239  7.621   -10.042 1.00 21.66 ? 28  ASN A OD1 1 
ATOM   210 N  ND2 . ASN A 1 28  ? -8.144  6.014   -8.777  1.00 18.21 ? 28  ASN A ND2 1 
ATOM   211 N  N   . CYS A 1 29  ? -3.954  3.113   -9.909  1.00 14.48 ? 29  CYS A N   1 
ATOM   212 C  CA  . CYS A 1 29  ? -3.151  2.011   -10.471 1.00 14.57 ? 29  CYS A CA  1 
ATOM   213 C  C   . CYS A 1 29  ? -3.510  0.647   -9.825  1.00 14.83 ? 29  CYS A C   1 
ATOM   214 O  O   . CYS A 1 29  ? -3.826  -0.338  -10.498 1.00 13.44 ? 29  CYS A O   1 
ATOM   215 C  CB  . CYS A 1 29  ? -1.652  2.321   -10.279 1.00 15.61 ? 29  CYS A CB  1 
ATOM   216 S  SG  . CYS A 1 29  ? -0.528  0.916   -10.470 1.00 18.05 ? 29  CYS A SG  1 
ATOM   217 N  N   . VAL A 1 30  ? -3.491  0.604   -8.504  1.00 16.24 ? 30  VAL A N   1 
ATOM   218 C  CA  . VAL A 1 30  ? -3.688  -0.630  -7.768  1.00 16.13 ? 30  VAL A CA  1 
ATOM   219 C  C   . VAL A 1 30  ? -5.160  -1.083  -7.835  1.00 16.66 ? 30  VAL A C   1 
ATOM   220 O  O   . VAL A 1 30  ? -5.462  -2.277  -7.762  1.00 16.74 ? 30  VAL A O   1 
ATOM   221 C  CB  . VAL A 1 30  ? -3.154  -0.386  -6.319  1.00 17.55 ? 30  VAL A CB  1 
ATOM   222 C  CG1 . VAL A 1 30  ? -3.721  -1.301  -5.325  1.00 20.19 ? 30  VAL A CG1 1 
ATOM   223 C  CG2 . VAL A 1 30  ? -1.636  -0.442  -6.331  1.00 17.19 ? 30  VAL A CG2 1 
ATOM   224 N  N   . MET A 1 31  ? -6.061  -0.128  -7.978  1.00 16.98 ? 31  MET A N   1 
ATOM   225 C  CA  . MET A 1 31  ? -7.503  -0.418  -8.083  1.00 17.90 ? 31  MET A CA  1 
ATOM   226 C  C   . MET A 1 31  ? -7.939  -0.641  -9.524  1.00 19.53 ? 31  MET A C   1 
ATOM   227 O  O   . MET A 1 31  ? -9.162  -0.769  -9.809  1.00 20.28 ? 31  MET A O   1 
ATOM   228 C  CB  . MET A 1 31  ? -8.331  0.709   -7.475  1.00 17.68 ? 31  MET A CB  1 
ATOM   229 C  CG  . MET A 1 31  ? -8.252  0.864   -5.961  1.00 15.79 ? 31  MET A CG  1 
ATOM   230 S  SD  . MET A 1 31  ? -8.695  -0.678  -5.081  1.00 19.43 ? 31  MET A SD  1 
ATOM   231 C  CE  . MET A 1 31  ? -10.449 -0.894  -5.609  1.00 21.81 ? 31  MET A CE  1 
ATOM   232 N  N   . GLU A 1 32  ? -6.959  -0.623  -10.446 1.00 20.37 ? 32  GLU A N   1 
ATOM   233 C  CA  . GLU A 1 32  ? -7.157  -0.923  -11.867 1.00 21.86 ? 32  GLU A CA  1 
ATOM   234 C  C   . GLU A 1 32  ? -8.123  0.032   -12.603 1.00 21.95 ? 32  GLU A C   1 
ATOM   235 O  O   . GLU A 1 32  ? -8.970  -0.395  -13.412 1.00 22.96 ? 32  GLU A O   1 
ATOM   236 C  CB  . GLU A 1 32  ? -7.535  -2.402  -12.062 1.00 22.58 ? 32  GLU A CB  1 
ATOM   237 C  CG  . GLU A 1 32  ? -6.676  -3.319  -11.199 1.00 24.42 ? 32  GLU A CG  1 
ATOM   238 C  CD  . GLU A 1 32  ? -6.845  -4.803  -11.471 1.00 28.97 ? 32  GLU A CD  1 
ATOM   239 O  OE1 . GLU A 1 32  ? -6.539  -5.256  -12.593 1.00 30.86 ? 32  GLU A OE1 1 
ATOM   240 O  OE2 . GLU A 1 32  ? -7.250  -5.535  -10.535 1.00 33.18 ? 32  GLU A OE2 1 
ATOM   241 N  N   . ARG A 1 33  ? -7.957  1.326   -12.337 1.00 21.38 ? 33  ARG A N   1 
ATOM   242 C  CA  . ARG A 1 33  ? -8.764  2.372   -12.965 1.00 21.97 ? 33  ARG A CA  1 
ATOM   243 C  C   . ARG A 1 33  ? -7.856  3.537   -13.393 1.00 21.22 ? 33  ARG A C   1 
ATOM   244 O  O   . ARG A 1 33  ? -8.257  4.701   -13.414 1.00 21.72 ? 33  ARG A O   1 
ATOM   245 C  CB  . ARG A 1 33  ? -9.816  2.866   -11.984 1.00 22.13 ? 33  ARG A CB  1 
ATOM   246 C  CG  . ARG A 1 33  ? -9.204  3.429   -10.706 1.00 24.52 ? 33  ARG A CG  1 
ATOM   247 C  CD  . ARG A 1 33  ? -10.180 4.059   -9.736  1.00 27.11 ? 33  ARG A CD  1 
ATOM   248 N  NE  . ARG A 1 33  ? -10.948 3.077   -9.019  1.00 29.28 ? 33  ARG A NE  1 
ATOM   249 C  CZ  . ARG A 1 33  ? -11.213 3.091   -7.716  1.00 24.36 ? 33  ARG A CZ  1 
ATOM   250 N  NH1 . ARG A 1 33  ? -10.792 4.045   -6.915  1.00 27.02 ? 33  ARG A NH1 1 
ATOM   251 N  NH2 . ARG A 1 33  ? -11.946 2.133   -7.237  1.00 25.42 ? 33  ARG A NH2 1 
ATOM   252 N  N   . GLY A 1 34  ? -6.649  3.211   -13.801 1.00 20.73 ? 34  GLY A N   1 
ATOM   253 C  CA  . GLY A 1 34  ? -5.658  4.225   -14.084 1.00 20.22 ? 34  GLY A CA  1 
ATOM   254 C  C   . GLY A 1 34  ? -4.369  3.555   -14.462 1.00 19.83 ? 34  GLY A C   1 
ATOM   255 O  O   . GLY A 1 34  ? -4.158  2.396   -14.140 1.00 19.13 ? 34  GLY A O   1 
ATOM   256 N  N   . LYS A 1 35  ? -3.515  4.272   -15.175 1.00 19.99 ? 35  LYS A N   1 
ATOM   257 C  CA  . LYS A 1 35  ? -2.250  3.704   -15.588 1.00 20.45 ? 35  LYS A CA  1 
ATOM   258 C  C   . LYS A 1 35  ? -1.266  3.678   -14.433 1.00 20.26 ? 35  LYS A C   1 
ATOM   259 O  O   . LYS A 1 35  ? -1.393  4.436   -13.469 1.00 20.90 ? 35  LYS A O   1 
ATOM   260 C  CB  . LYS A 1 35  ? -1.663  4.474   -16.762 1.00 20.70 ? 35  LYS A CB  1 
ATOM   261 C  CG  . LYS A 1 35  ? -2.431  4.238   -18.052 1.00 22.01 ? 35  LYS A CG  1 
ATOM   262 C  CD  . LYS A 1 35  ? -1.650  4.728   -19.235 1.00 23.54 ? 35  LYS A CD  1 
ATOM   263 C  CE  . LYS A 1 35  ? -2.501  4.759   -20.461 1.00 24.31 ? 35  LYS A CE  1 
ATOM   264 N  NZ  . LYS A 1 35  ? -3.233  3.484   -20.748 1.00 27.05 ? 35  LYS A NZ  1 
ATOM   265 N  N   . CYS A 1 36  ? -0.288  2.784   -14.550 1.00 20.40 ? 36  CYS A N   1 
ATOM   266 C  CA  . CYS A 1 36  ? 0.720   2.587   -13.539 1.00 20.43 ? 36  CYS A CA  1 
ATOM   267 C  C   . CYS A 1 36  ? 2.095   3.099   -13.913 1.00 20.59 ? 36  CYS A C   1 
ATOM   268 O  O   . CYS A 1 36  ? 2.576   2.843   -15.001 1.00 20.87 ? 36  CYS A O   1 
ATOM   269 C  CB  . CYS A 1 36  ? 0.865   1.087   -13.267 1.00 20.85 ? 36  CYS A CB  1 
ATOM   270 S  SG  . CYS A 1 36  ? -0.554  0.353   -12.451 1.00 21.40 ? 36  CYS A SG  1 
ATOM   271 N  N   . SER A 1 37  ? 2.719   3.799   -12.976 1.00 20.11 ? 37  SER A N   1 
ATOM   272 C  CA  . SER A 1 37  ? 4.130   4.141   -13.045 1.00 19.70 ? 37  SER A CA  1 
ATOM   273 C  C   . SER A 1 37  ? 4.930   2.836   -12.825 1.00 19.68 ? 37  SER A C   1 
ATOM   274 O  O   . SER A 1 37  ? 4.366   1.824   -12.424 1.00 19.51 ? 37  SER A O   1 
ATOM   275 C  CB  . SER A 1 37  ? 4.457   5.103   -11.922 1.00 19.92 ? 37  SER A CB  1 
ATOM   276 O  OG  . SER A 1 37  ? 4.197   4.502   -10.651 1.00 18.56 ? 37  SER A OG  1 
ATOM   277 N  N   . PRO A 1 38  ? 6.218   2.817   -13.145 1.00 19.90 ? 38  PRO A N   1 
ATOM   278 C  CA  . PRO A 1 38  ? 7.002   1.605   -12.889 1.00 19.52 ? 38  PRO A CA  1 
ATOM   279 C  C   . PRO A 1 38  ? 6.863   1.160   -11.411 1.00 19.34 ? 38  PRO A C   1 
ATOM   280 O  O   . PRO A 1 38  ? 6.622   -0.027  -11.170 1.00 19.00 ? 38  PRO A O   1 
ATOM   281 C  CB  . PRO A 1 38  ? 8.431   2.021   -13.274 1.00 19.35 ? 38  PRO A CB  1 
ATOM   282 C  CG  . PRO A 1 38  ? 8.259   3.115   -14.221 1.00 20.05 ? 38  PRO A CG  1 
ATOM   283 C  CD  . PRO A 1 38  ? 7.012   3.860   -13.821 1.00 20.01 ? 38  PRO A CD  1 
ATOM   284 N  N   . GLU A 1 39  ? 6.977   2.083   -10.453 1.00 19.03 ? 39  GLU A N   1 
ATOM   285 C  CA  . GLU A 1 39  ? 6.807   1.732   -9.042  1.00 19.44 ? 39  GLU A CA  1 
ATOM   286 C  C   . GLU A 1 39  ? 5.417   1.206   -8.723  1.00 18.09 ? 39  GLU A C   1 
ATOM   287 O  O   . GLU A 1 39  ? 5.285   0.224   -7.989  1.00 17.79 ? 39  GLU A O   1 
ATOM   288 C  CB  . GLU A 1 39  ? 7.112   2.916   -8.118  1.00 20.63 ? 39  GLU A CB  1 
ATOM   289 C  CG  . GLU A 1 39  ? 8.511   3.475   -8.284  1.00 24.25 ? 39  GLU A CG  1 
ATOM   290 C  CD  . GLU A 1 39  ? 8.658   4.498   -9.400  1.00 27.10 ? 39  GLU A CD  1 
ATOM   291 O  OE1 . GLU A 1 39  ? 7.936   4.486   -10.431 1.00 25.59 ? 39  GLU A OE1 1 
ATOM   292 O  OE2 . GLU A 1 39  ? 9.547   5.334   -9.250  1.00 30.67 ? 39  GLU A OE2 1 
ATOM   293 N  N   . GLY A 1 40  ? 4.383   1.884   -9.229  1.00 16.79 ? 40  GLY A N   1 
ATOM   294 C  CA  . GLY A 1 40  ? 3.016   1.482   -8.972  1.00 16.42 ? 40  GLY A CA  1 
ATOM   295 C  C   . GLY A 1 40  ? 2.756   0.081   -9.466  1.00 16.05 ? 40  GLY A C   1 
ATOM   296 O  O   . GLY A 1 40  ? 2.108   -0.728  -8.786  1.00 14.21 ? 40  GLY A O   1 
ATOM   297 N  N   . LYS A 1 41  ? 3.284   -0.206  -10.660 1.00 15.19 ? 41  LYS A N   1 
ATOM   298 C  CA  . LYS A 1 41  ? 3.141   -1.516  -11.275 1.00 16.88 ? 41  LYS A CA  1 
ATOM   299 C  C   . LYS A 1 41  ? 3.778   -2.612  -10.410 1.00 17.37 ? 41  LYS A C   1 
ATOM   300 O  O   . LYS A 1 41  ? 3.194   -3.665  -10.213 1.00 17.42 ? 41  LYS A O   1 
ATOM   301 C  CB  . LYS A 1 41  ? 3.822   -1.520  -12.650 1.00 17.04 ? 41  LYS A CB  1 
ATOM   302 C  CG  . LYS A 1 41  ? 3.611   -2.783  -13.444 1.00 19.26 ? 41  LYS A CG  1 
ATOM   303 C  CD  . LYS A 1 41  ? 4.039   -2.594  -14.876 1.00 21.96 ? 41  LYS A CD  1 
ATOM   304 C  CE  . LYS A 1 41  ? 3.933   -3.911  -15.652 1.00 23.54 ? 41  LYS A CE  1 
ATOM   305 N  NZ  . LYS A 1 41  ? 4.888   -4.893  -15.091 1.00 23.48 ? 41  LYS A NZ  1 
ATOM   306 N  N   . GLU A 1 42  ? 4.973   -2.333  -9.882  1.00 17.53 ? 42  GLU A N   1 
ATOM   307 C  CA  . GLU A 1 42  ? 5.686   -3.291  -9.061  1.00 19.02 ? 42  GLU A CA  1 
ATOM   308 C  C   . GLU A 1 42  ? 4.901   -3.538  -7.772  1.00 17.95 ? 42  GLU A C   1 
ATOM   309 O  O   . GLU A 1 42  ? 4.846   -4.674  -7.284  1.00 17.76 ? 42  GLU A O   1 
ATOM   310 C  CB  . GLU A 1 42  ? 7.093   -2.768  -8.769  1.00 19.56 ? 42  GLU A CB  1 
ATOM   311 C  CG  . GLU A 1 42  ? 8.039   -3.813  -8.226  1.00 21.89 ? 42  GLU A CG  1 
ATOM   312 C  CD  . GLU A 1 42  ? 8.604   -4.705  -9.293  1.00 23.99 ? 42  GLU A CD  1 
ATOM   313 O  OE1 . GLU A 1 42  ? 8.787   -4.269  -10.460 1.00 26.91 ? 42  GLU A OE1 1 
ATOM   314 O  OE2 . GLU A 1 42  ? 8.880   -5.855  -8.960  1.00 29.10 ? 42  GLU A OE2 1 
ATOM   315 N  N   . LEU A 1 43  ? 4.293   -2.490  -7.214  1.00 17.19 ? 43  LEU A N   1 
ATOM   316 C  CA  . LEU A 1 43  ? 3.422   -2.662  -6.048  1.00 17.51 ? 43  LEU A CA  1 
ATOM   317 C  C   . LEU A 1 43  ? 2.180   -3.509  -6.362  1.00 16.76 ? 43  LEU A C   1 
ATOM   318 O  O   . LEU A 1 43  ? 1.824   -4.433  -5.616  1.00 17.65 ? 43  LEU A O   1 
ATOM   319 C  CB  . LEU A 1 43  ? 2.965   -1.319  -5.491  1.00 16.44 ? 43  LEU A CB  1 
ATOM   320 C  CG  . LEU A 1 43  ? 1.981   -1.352  -4.320  1.00 18.33 ? 43  LEU A CG  1 
ATOM   321 C  CD1 . LEU A 1 43  ? 2.538   -2.039  -3.040  1.00 17.53 ? 43  LEU A CD1 1 
ATOM   322 C  CD2 . LEU A 1 43  ? 1.571   0.087   -4.007  1.00 19.79 ? 43  LEU A CD2 1 
ATOM   323 N  N   . LYS A 1 44  ? 1.501   -3.163  -7.441  1.00 16.87 ? 44  LYS A N   1 
ATOM   324 C  CA  . LYS A 1 44  ? 0.288   -3.893  -7.838  1.00 17.58 ? 44  LYS A CA  1 
ATOM   325 C  C   . LYS A 1 44  ? 0.556   -5.390  -8.004  1.00 17.48 ? 44  LYS A C   1 
ATOM   326 O  O   . LYS A 1 44  ? -0.285  -6.228  -7.622  1.00 17.43 ? 44  LYS A O   1 
ATOM   327 C  CB  . LYS A 1 44  ? -0.318  -3.323  -9.130  1.00 17.59 ? 44  LYS A CB  1 
ATOM   328 C  CG  . LYS A 1 44  ? -1.731  -3.869  -9.449  1.00 19.23 ? 44  LYS A CG  1 
ATOM   329 C  CD  . LYS A 1 44  ? -2.273  -3.378  -10.804 1.00 20.02 ? 44  LYS A CD  1 
ATOM   330 C  CE  . LYS A 1 44  ? -1.197  -3.278  -11.818 1.00 24.47 ? 44  LYS A CE  1 
ATOM   331 N  NZ  . LYS A 1 44  ? -1.732  -2.799  -13.132 1.00 28.56 ? 44  LYS A NZ  1 
ATOM   332 N  N   . GLU A 1 45  ? 1.727   -5.729  -8.540  1.00 16.64 ? 45  GLU A N   1 
ATOM   333 C  CA  . GLU A 1 45  ? 2.037   -7.125  -8.822  1.00 17.48 ? 45  GLU A CA  1 
ATOM   334 C  C   . GLU A 1 45  ? 2.473   -7.922  -7.593  1.00 17.19 ? 45  GLU A C   1 
ATOM   335 O  O   . GLU A 1 45  ? 2.548   -9.136  -7.656  1.00 17.73 ? 45  GLU A O   1 
ATOM   336 C  CB  . GLU A 1 45  ? 3.077   -7.224  -9.942  1.00 18.23 ? 45  GLU A CB  1 
ATOM   337 C  CG  . GLU A 1 45  ? 2.456   -6.854  -11.282 1.00 21.47 ? 45  GLU A CG  1 
ATOM   338 C  CD  . GLU A 1 45  ? 3.457   -6.496  -12.377 1.00 22.81 ? 45  GLU A CD  1 
ATOM   339 O  OE1 . GLU A 1 45  ? 4.689   -6.554  -12.164 1.00 23.25 ? 45  GLU A OE1 1 
ATOM   340 O  OE2 . GLU A 1 45  ? 2.990   -6.119  -13.454 1.00 26.31 ? 45  GLU A OE2 1 
ATOM   341 N  N   . HIS A 1 46  ? 2.747   -7.258  -6.478  1.00 16.02 ? 46  HIS A N   1 
ATOM   342 C  CA  . HIS A 1 46  ? 3.157   -8.016  -5.298  1.00 16.83 ? 46  HIS A CA  1 
ATOM   343 C  C   . HIS A 1 46  ? 2.272   -7.810  -4.077  1.00 16.08 ? 46  HIS A C   1 
ATOM   344 O  O   . HIS A 1 46  ? 2.486   -8.442  -3.032  1.00 15.58 ? 46  HIS A O   1 
ATOM   345 C  CB  . HIS A 1 46  ? 4.619   -7.699  -4.975  1.00 16.48 ? 46  HIS A CB  1 
ATOM   346 C  CG  . HIS A 1 46  ? 5.566   -8.121  -6.058  1.00 20.34 ? 46  HIS A CG  1 
ATOM   347 N  ND1 . HIS A 1 46  ? 6.064   -7.237  -6.995  1.00 22.85 ? 46  HIS A ND1 1 
ATOM   348 C  CD2 . HIS A 1 46  ? 6.016   -9.345  -6.420  1.00 21.14 ? 46  HIS A CD2 1 
ATOM   349 C  CE1 . HIS A 1 46  ? 6.836   -7.895  -7.844  1.00 23.17 ? 46  HIS A CE1 1 
ATOM   350 N  NE2 . HIS A 1 46  ? 6.833   -9.172  -7.510  1.00 23.51 ? 46  HIS A NE2 1 
ATOM   351 N  N   . LEU A 1 47  ? 1.257   -6.967  -4.196  1.00 16.02 ? 47  LEU A N   1 
ATOM   352 C  CA  . LEU A 1 47  ? 0.454   -6.621  -3.015  1.00 15.76 ? 47  LEU A CA  1 
ATOM   353 C  C   . LEU A 1 47  ? -0.344  -7.807  -2.486  1.00 16.01 ? 47  LEU A C   1 
ATOM   354 O  O   . LEU A 1 47  ? -0.347  -8.090  -1.266  1.00 17.37 ? 47  LEU A O   1 
ATOM   355 C  CB  . LEU A 1 47  ? -0.473  -5.454  -3.349  1.00 15.81 ? 47  LEU A CB  1 
ATOM   356 C  CG  . LEU A 1 47  ? -1.411  -4.977  -2.236  1.00 16.40 ? 47  LEU A CG  1 
ATOM   357 C  CD1 . LEU A 1 47  ? -0.656  -4.665  -0.960  1.00 18.76 ? 47  LEU A CD1 1 
ATOM   358 C  CD2 . LEU A 1 47  ? -2.176  -3.707  -2.741  1.00 18.44 ? 47  LEU A CD2 1 
ATOM   359 N  N   . GLN A 1 48  ? -1.015  -8.543  -3.374  1.00 16.14 ? 48  GLN A N   1 
ATOM   360 C  CA  . GLN A 1 48  ? -1.755  -9.701  -2.884  1.00 16.53 ? 48  GLN A CA  1 
ATOM   361 C  C   . GLN A 1 48  ? -0.825  -10.728 -2.204  1.00 15.69 ? 48  GLN A C   1 
ATOM   362 O  O   . GLN A 1 48  ? -1.151  -11.235 -1.132  1.00 15.91 ? 48  GLN A O   1 
ATOM   363 C  CB  . GLN A 1 48  ? -2.566  -10.358 -4.004  1.00 18.07 ? 48  GLN A CB  1 
ATOM   364 C  CG  . GLN A 1 48  ? -3.544  -11.350 -3.461  1.00 21.86 ? 48  GLN A CG  1 
ATOM   365 C  CD  . GLN A 1 48  ? -4.747  -10.673 -2.821  1.00 28.34 ? 48  GLN A CD  1 
ATOM   366 O  OE1 . GLN A 1 48  ? -5.482  -9.925  -3.490  1.00 30.82 ? 48  GLN A OE1 1 
ATOM   367 N  NE2 . GLN A 1 48  ? -4.974  -10.956 -1.531  1.00 30.35 ? 48  GLN A NE2 1 
ATOM   368 N  N   . ASP A 1 49  ? 0.325   -11.034 -2.811  1.00 14.83 ? 49  ASP A N   1 
ATOM   369 C  CA  . ASP A 1 49  ? 1.272   -11.974 -2.205  1.00 15.59 ? 49  ASP A CA  1 
ATOM   370 C  C   . ASP A 1 49  ? 1.685   -11.532 -0.802  1.00 14.94 ? 49  ASP A C   1 
ATOM   371 O  O   . ASP A 1 49  ? 1.673   -12.329 0.157   1.00 14.65 ? 49  ASP A O   1 
ATOM   372 C  CB  . ASP A 1 49  ? 2.527   -12.096 -3.034  1.00 15.69 ? 49  ASP A CB  1 
ATOM   373 C  CG  . ASP A 1 49  ? 3.504   -13.124 -2.472  1.00 18.11 ? 49  ASP A CG  1 
ATOM   374 O  OD1 . ASP A 1 49  ? 3.146   -14.312 -2.259  1.00 18.60 ? 49  ASP A OD1 1 
ATOM   375 O  OD2 . ASP A 1 49  ? 4.686   -12.852 -2.239  1.00 25.01 ? 49  ASP A OD2 1 
ATOM   376 N  N   . ALA A 1 50  ? 2.060   -10.272 -0.680  1.00 14.12 ? 50  ALA A N   1 
ATOM   377 C  CA  . ALA A 1 50  ? 2.480   -9.745  0.607   1.00 14.90 ? 50  ALA A CA  1 
ATOM   378 C  C   . ALA A 1 50  ? 1.397   -9.897  1.659   1.00 15.27 ? 50  ALA A C   1 
ATOM   379 O  O   . ALA A 1 50  ? 1.671   -10.179 2.816   1.00 14.70 ? 50  ALA A O   1 
ATOM   380 C  CB  . ALA A 1 50  ? 2.939   -8.303  0.489   1.00 15.25 ? 50  ALA A CB  1 
ATOM   381 N  N   . ILE A 1 51  ? 0.147   -9.695  1.264   1.00 16.14 ? 51  ILE A N   1 
ATOM   382 C  CA  . ILE A 1 51  ? -0.969  -9.881  2.173   1.00 16.32 ? 51  ILE A CA  1 
ATOM   383 C  C   . ILE A 1 51  ? -1.159  -11.346 2.600   1.00 17.65 ? 51  ILE A C   1 
ATOM   384 O  O   . ILE A 1 51  ? -1.495  -11.646 3.765   1.00 18.16 ? 51  ILE A O   1 
ATOM   385 C  CB  . ILE A 1 51  ? -2.253  -9.342  1.480   1.00 17.18 ? 51  ILE A CB  1 
ATOM   386 C  CG1 . ILE A 1 51  ? -2.222  -7.827  1.518   1.00 19.49 ? 51  ILE A CG1 1 
ATOM   387 C  CG2 . ILE A 1 51  ? -3.508  -9.898  2.134   1.00 16.87 ? 51  ILE A CG2 1 
ATOM   388 C  CD1 . ILE A 1 51  ? -2.426  -7.242  2.820   1.00 23.93 ? 51  ILE A CD1 1 
ATOM   389 N  N   . GLU A 1 52  ? -0.901  -12.249 1.674   1.00 18.07 ? 52  GLU A N   1 
ATOM   390 C  CA  . GLU A 1 52  ? -1.081  -13.681 1.897   1.00 19.54 ? 52  GLU A CA  1 
ATOM   391 C  C   . GLU A 1 52  ? -0.029  -14.281 2.798   1.00 18.47 ? 52  GLU A C   1 
ATOM   392 O  O   . GLU A 1 52  ? -0.274  -15.311 3.453   1.00 17.60 ? 52  GLU A O   1 
ATOM   393 C  CB  . GLU A 1 52  ? -1.105  -14.419 0.561   1.00 20.72 ? 52  GLU A CB  1 
ATOM   394 C  CG  . GLU A 1 52  ? -2.463  -14.347 -0.134  1.00 26.08 ? 52  GLU A CG  1 
ATOM   395 C  CD  . GLU A 1 52  ? -3.478  -15.305 0.461   1.00 29.40 ? 52  GLU A CD  1 
ATOM   396 O  OE1 . GLU A 1 52  ? -4.021  -15.014 1.553   1.00 31.45 ? 52  GLU A OE1 1 
ATOM   397 O  OE2 . GLU A 1 52  ? -3.727  -16.370 -0.162  1.00 36.20 ? 52  GLU A OE2 1 
ATOM   398 N  N   . ASN A 1 53  ? 1.132   -13.644 2.859   1.00 17.35 ? 53  ASN A N   1 
ATOM   399 C  CA  . ASN A 1 53  ? 2.195   -14.166 3.702   1.00 16.53 ? 53  ASN A CA  1 
ATOM   400 C  C   . ASN A 1 53  ? 2.785   -13.184 4.686   1.00 15.17 ? 53  ASN A C   1 
ATOM   401 O  O   . ASN A 1 53  ? 3.898   -13.405 5.169   1.00 15.00 ? 53  ASN A O   1 
ATOM   402 C  CB  . ASN A 1 53  ? 3.306   -14.782 2.853   1.00 16.97 ? 53  ASN A CB  1 
ATOM   403 C  CG  . ASN A 1 53  ? 3.969   -13.798 1.969   1.00 16.55 ? 53  ASN A CG  1 
ATOM   404 O  OD1 . ASN A 1 53  ? 4.118   -12.614 2.323   1.00 18.65 ? 53  ASN A OD1 1 
ATOM   405 N  ND2 . ASN A 1 53  ? 4.402   -14.265 0.792   1.00 20.75 ? 53  ASN A ND2 1 
ATOM   406 N  N   . GLY A 1 54  ? 2.051   -12.116 4.994   1.00 13.68 ? 54  GLY A N   1 
ATOM   407 C  CA  . GLY A 1 54  ? 2.494   -11.177 6.000   1.00 14.06 ? 54  GLY A CA  1 
ATOM   408 C  C   . GLY A 1 54  ? 3.819   -10.508 5.752   1.00 13.73 ? 54  GLY A C   1 
ATOM   409 O  O   . GLY A 1 54  ? 4.592   -10.248 6.680   1.00 12.93 ? 54  GLY A O   1 
ATOM   410 N  N   . CYS A 1 55  ? 4.073   -10.161 4.487   1.00 13.68 ? 55  CYS A N   1 
ATOM   411 C  CA  . CYS A 1 55  ? 5.297   -9.453  4.130   1.00 14.14 ? 55  CYS A CA  1 
ATOM   412 C  C   . CYS A 1 55  ? 6.566   -10.279 4.325   1.00 13.85 ? 55  CYS A C   1 
ATOM   413 O  O   . CYS A 1 55  ? 7.646   -9.712  4.510   1.00 13.16 ? 55  CYS A O   1 
ATOM   414 C  CB  . CYS A 1 55  ? 5.425   -8.113  4.859   1.00 14.09 ? 55  CYS A CB  1 
ATOM   415 S  SG  . CYS A 1 55  ? 5.384   -6.657  3.747   1.00 19.86 ? 55  CYS A SG  1 
ATOM   416 N  N   . LYS A 1 56  ? 6.442   -11.593 4.178   1.00 14.26 ? 56  LYS A N   1 
ATOM   417 C  CA  . LYS A 1 56  ? 7.568   -12.500 4.323   1.00 15.42 ? 56  LYS A CA  1 
ATOM   418 C  C   . LYS A 1 56  ? 8.724   -12.134 3.371   1.00 15.21 ? 56  LYS A C   1 
ATOM   419 O  O   . LYS A 1 56  ? 9.891   -12.271 3.732   1.00 15.21 ? 56  LYS A O   1 
ATOM   420 C  CB  . LYS A 1 56  ? 7.101   -13.923 4.085   1.00 16.04 ? 56  LYS A CB  1 
ATOM   421 C  CG  . LYS A 1 56  ? 8.199   -14.937 4.072   1.00 18.53 ? 56  LYS A CG  1 
ATOM   422 C  CD  . LYS A 1 56  ? 7.676   -16.328 4.021   1.00 20.51 ? 56  LYS A CD  1 
ATOM   423 C  CE  . LYS A 1 56  ? 7.017   -16.656 2.704   1.00 21.19 ? 56  LYS A CE  1 
ATOM   424 N  NZ  . LYS A 1 56  ? 6.722   -18.113 2.639   1.00 24.60 ? 56  LYS A NZ  1 
ATOM   425 N  N   . LYS A 1 57  ? 8.382   -11.625 2.182   1.00 14.63 ? 57  LYS A N   1 
ATOM   426 C  CA  . LYS A 1 57  ? 9.396   -11.289 1.169   1.00 14.79 ? 57  LYS A CA  1 
ATOM   427 C  C   . LYS A 1 57  ? 9.706   -9.783  1.122   1.00 15.29 ? 57  LYS A C   1 
ATOM   428 O  O   . LYS A 1 57  ? 10.462  -9.315  0.245   1.00 15.79 ? 57  LYS A O   1 
ATOM   429 C  CB  . LYS A 1 57  ? 8.897   -11.764 -0.193  1.00 15.81 ? 57  LYS A CB  1 
ATOM   430 C  CG  . LYS A 1 57  ? 8.757   -13.301 -0.289  1.00 16.52 ? 57  LYS A CG  1 
ATOM   431 C  CD  . LYS A 1 57  ? 8.236   -13.737 -1.660  1.00 20.28 ? 57  LYS A CD  1 
ATOM   432 C  CE  . LYS A 1 57  ? 7.360   -14.972 -1.558  1.00 22.55 ? 57  LYS A CE  1 
ATOM   433 N  NZ  . LYS A 1 57  ? 6.766   -15.339 -2.914  1.00 25.32 ? 57  LYS A NZ  1 
ATOM   434 N  N   . CYS A 1 58  ? 9.131   -9.013  2.044   1.00 15.22 ? 58  CYS A N   1 
ATOM   435 C  CA  . CYS A 1 58  ? 9.350   -7.571  2.056   1.00 14.98 ? 58  CYS A CA  1 
ATOM   436 C  C   . CYS A 1 58  ? 10.679  -7.158  2.658   1.00 14.58 ? 58  CYS A C   1 
ATOM   437 O  O   . CYS A 1 58  ? 11.166  -7.754  3.610   1.00 14.90 ? 58  CYS A O   1 
ATOM   438 C  CB  . CYS A 1 58  ? 8.254   -6.868  2.865   1.00 15.60 ? 58  CYS A CB  1 
ATOM   439 S  SG  . CYS A 1 58  ? 6.597   -7.072  2.151   1.00 16.43 ? 58  CYS A SG  1 
ATOM   440 N  N   . THR A 1 59  ? 11.271  -6.095  2.130   1.00 14.59 ? 59  THR A N   1 
ATOM   441 C  CA  . THR A 1 59  ? 12.444  -5.561  2.738   1.00 15.44 ? 59  THR A CA  1 
ATOM   442 C  C   . THR A 1 59  ? 12.051  -4.815  4.006   1.00 16.06 ? 59  THR A C   1 
ATOM   443 O  O   . THR A 1 59  ? 10.891  -4.517  4.228   1.00 15.38 ? 59  THR A O   1 
ATOM   444 C  CB  . THR A 1 59  ? 13.133  -4.585  1.782   1.00 16.86 ? 59  THR A CB  1 
ATOM   445 O  OG1 . THR A 1 59  ? 12.222  -3.511  1.491   1.00 16.85 ? 59  THR A OG1 1 
ATOM   446 C  CG2 . THR A 1 59  ? 13.390  -5.227  0.465   1.00 15.54 ? 59  THR A CG2 1 
ATOM   447 N  N   . GLU A 1 60  ? 13.032  -4.483  4.853   1.00 17.30 ? 60  GLU A N   1 
ATOM   448 C  CA  . GLU A 1 60  ? 12.708  -3.735  6.065   1.00 18.44 ? 60  GLU A CA  1 
ATOM   449 C  C   . GLU A 1 60  ? 12.088  -2.385  5.678   1.00 18.12 ? 60  GLU A C   1 
ATOM   450 O  O   . GLU A 1 60  ? 11.118  -1.915  6.300   1.00 18.48 ? 60  GLU A O   1 
ATOM   451 C  CB  . GLU A 1 60  ? 13.938  -3.571  6.976   1.00 19.26 ? 60  GLU A CB  1 
ATOM   452 C  CG  . GLU A 1 60  ? 14.230  -4.798  7.850   1.00 22.36 ? 60  GLU A CG  1 
ATOM   453 C  CD  . GLU A 1 60  ? 15.589  -4.755  8.545   1.00 26.34 ? 60  GLU A CD  1 
ATOM   454 O  OE1 . GLU A 1 60  ? 16.504  -4.074  8.011   1.00 30.32 ? 60  GLU A OE1 1 
ATOM   455 O  OE2 . GLU A 1 60  ? 15.759  -5.415  9.600   1.00 23.50 ? 60  GLU A OE2 1 
ATOM   456 N  N   . ASN A 1 61  ? 12.612  -1.763  4.631   1.00 18.21 ? 61  ASN A N   1 
ATOM   457 C  CA  . ASN A 1 61  ? 12.054  -0.491  4.202   1.00 18.31 ? 61  ASN A CA  1 
ATOM   458 C  C   . ASN A 1 61  ? 10.612  -0.613  3.711   1.00 17.17 ? 61  ASN A C   1 
ATOM   459 O  O   . ASN A 1 61  ? 9.796   0.285   3.908   1.00 18.44 ? 61  ASN A O   1 
ATOM   460 C  CB  . ASN A 1 61  ? 12.910  0.130   3.109   1.00 18.58 ? 61  ASN A CB  1 
ATOM   461 C  CG  . ASN A 1 61  ? 14.172  0.763   3.670   1.00 21.40 ? 61  ASN A CG  1 
ATOM   462 O  OD1 . ASN A 1 61  ? 14.114  1.592   4.582   1.00 27.74 ? 61  ASN A OD1 1 
ATOM   463 N  ND2 . ASN A 1 61  ? 15.311  0.337   3.166   1.00 25.76 ? 61  ASN A ND2 1 
ATOM   464 N  N   . GLN A 1 62  ? 10.300  -1.714  3.047   1.00 16.60 ? 62  GLN A N   1 
ATOM   465 C  CA  . GLN A 1 62  ? 8.945   -1.915  2.567   1.00 15.78 ? 62  GLN A CA  1 
ATOM   466 C  C   . GLN A 1 62  ? 7.945   -2.110  3.709   1.00 16.42 ? 62  GLN A C   1 
ATOM   467 O  O   . GLN A 1 62  ? 6.813   -1.630  3.632   1.00 14.97 ? 62  GLN A O   1 
ATOM   468 C  CB  . GLN A 1 62  ? 8.885   -3.099  1.580   1.00 15.80 ? 62  GLN A CB  1 
ATOM   469 C  CG  . GLN A 1 62  ? 9.524   -2.760  0.204   1.00 15.97 ? 62  GLN A CG  1 
ATOM   470 C  CD  . GLN A 1 62  ? 9.973   -3.971  -0.584  1.00 15.64 ? 62  GLN A CD  1 
ATOM   471 O  OE1 . GLN A 1 62  ? 9.822   -5.122  -0.142  1.00 17.72 ? 62  GLN A OE1 1 
ATOM   472 N  NE2 . GLN A 1 62  ? 10.644  -3.716  -1.697  1.00 17.31 ? 62  GLN A NE2 1 
ATOM   473 N  N   . GLU A 1 63  ? 8.375   -2.816  4.749   1.00 16.39 ? 63  GLU A N   1 
ATOM   474 C  CA  . GLU A 1 63  ? 7.526   -3.084  5.913   1.00 17.75 ? 63  GLU A CA  1 
ATOM   475 C  C   . GLU A 1 63  ? 7.235   -1.752  6.622   1.00 17.26 ? 63  GLU A C   1 
ATOM   476 O  O   . GLU A 1 63  ? 6.093   -1.433  6.993   1.00 17.36 ? 63  GLU A O   1 
ATOM   477 C  CB  . GLU A 1 63  ? 8.243   -4.027  6.896   1.00 18.47 ? 63  GLU A CB  1 
ATOM   478 C  CG  . GLU A 1 63  ? 8.302   -5.481  6.475   1.00 21.64 ? 63  GLU A CG  1 
ATOM   479 C  CD  . GLU A 1 63  ? 8.611   -6.471  7.610   1.00 21.91 ? 63  GLU A CD  1 
ATOM   480 O  OE1 . GLU A 1 63  ? 8.938   -6.070  8.753   1.00 27.53 ? 63  GLU A OE1 1 
ATOM   481 O  OE2 . GLU A 1 63  ? 8.545   -7.672  7.336   1.00 22.73 ? 63  GLU A OE2 1 
ATOM   482 N  N   . LYS A 1 64  ? 8.288   -0.966  6.753   1.00 17.88 ? 64  LYS A N   1 
ATOM   483 C  CA  . LYS A 1 64  ? 8.230   0.332   7.439   1.00 18.58 ? 64  LYS A CA  1 
ATOM   484 C  C   . LYS A 1 64  ? 7.305   1.276   6.648   1.00 16.91 ? 64  LYS A C   1 
ATOM   485 O  O   . LYS A 1 64  ? 6.433   1.980   7.198   1.00 16.25 ? 64  LYS A O   1 
ATOM   486 C  CB  . LYS A 1 64  ? 9.647   0.881   7.548   1.00 20.06 ? 64  LYS A CB  1 
ATOM   487 C  CG  . LYS A 1 64  ? 9.772   2.137   8.387   1.00 23.80 ? 64  LYS A CG  1 
ATOM   488 C  CD  . LYS A 1 64  ? 11.190  2.716   8.367   1.00 28.83 ? 64  LYS A CD  1 
ATOM   489 C  CE  . LYS A 1 64  ? 11.163  4.079   9.023   1.00 31.42 ? 64  LYS A CE  1 
ATOM   490 N  NZ  . LYS A 1 64  ? 9.824   4.712   8.833   1.00 32.69 ? 64  LYS A NZ  1 
ATOM   491 N  N   . GLY A 1 65  ? 7.488   1.232   5.343   1.00 16.74 ? 65  GLY A N   1 
ATOM   492 C  CA  . GLY A 1 65  ? 6.727   2.018   4.408   1.00 16.52 ? 65  GLY A CA  1 
ATOM   493 C  C   . GLY A 1 65  ? 5.283   1.628   4.405   1.00 15.71 ? 65  GLY A C   1 
ATOM   494 O  O   . GLY A 1 65  ? 4.428   2.480   4.307   1.00 15.18 ? 65  GLY A O   1 
ATOM   495 N  N   . ALA A 1 66  ? 4.995   0.326   4.463   1.00 15.74 ? 66  ALA A N   1 
ATOM   496 C  CA  . ALA A 1 66  ? 3.612   -0.135  4.486   1.00 16.21 ? 66  ALA A CA  1 
ATOM   497 C  C   . ALA A 1 66  ? 2.862   0.400   5.686   1.00 17.42 ? 66  ALA A C   1 
ATOM   498 O  O   . ALA A 1 66  ? 1.737   0.916   5.572   1.00 17.26 ? 66  ALA A O   1 
ATOM   499 C  CB  . ALA A 1 66  ? 3.573   -1.684  4.456   1.00 17.58 ? 66  ALA A CB  1 
ATOM   500 N  N   . TYR A 1 67  ? 3.500   0.337   6.840   1.00 17.90 ? 67  TYR A N   1 
ATOM   501 C  CA  . TYR A 1 67  ? 2.851   0.789   8.041   1.00 18.13 ? 67  TYR A CA  1 
ATOM   502 C  C   . TYR A 1 67  ? 2.584   2.303   7.955   1.00 17.12 ? 67  TYR A C   1 
ATOM   503 O  O   . TYR A 1 67  ? 1.493   2.783   8.261   1.00 16.55 ? 67  TYR A O   1 
ATOM   504 C  CB  . TYR A 1 67  ? 3.680   0.467   9.251   1.00 19.53 ? 67  TYR A CB  1 
ATOM   505 C  CG  . TYR A 1 67  ? 3.012   0.975   10.489  1.00 25.15 ? 67  TYR A CG  1 
ATOM   506 C  CD1 . TYR A 1 67  ? 1.659   0.735   10.712  1.00 30.84 ? 67  TYR A CD1 1 
ATOM   507 C  CD2 . TYR A 1 67  ? 3.711   1.708   11.424  1.00 30.47 ? 67  TYR A CD2 1 
ATOM   508 C  CE1 . TYR A 1 67  ? 1.033   1.206   11.837  1.00 33.55 ? 67  TYR A CE1 1 
ATOM   509 C  CE2 . TYR A 1 67  ? 3.092   2.184   12.552  1.00 33.20 ? 67  TYR A CE2 1 
ATOM   510 C  CZ  . TYR A 1 67  ? 1.750   1.935   12.751  1.00 34.56 ? 67  TYR A CZ  1 
ATOM   511 O  OH  . TYR A 1 67  ? 1.112   2.405   13.873  1.00 39.08 ? 67  TYR A OH  1 
ATOM   512 N  N   . ARG A 1 68  ? 3.555   3.036   7.450   1.00 15.50 ? 68  ARG A N   1 
ATOM   513 C  CA  . ARG A 1 68  ? 3.404   4.471   7.272   1.00 16.02 ? 68  ARG A CA  1 
ATOM   514 C  C   . ARG A 1 68  ? 2.200   4.849   6.396   1.00 15.58 ? 68  ARG A C   1 
ATOM   515 O  O   . ARG A 1 68  ? 1.413   5.760   6.734   1.00 15.52 ? 68  ARG A O   1 
ATOM   516 C  CB  . ARG A 1 68  ? 4.693   4.961   6.623   1.00 17.34 ? 68  ARG A CB  1 
ATOM   517 C  CG  . ARG A 1 68  ? 4.783   6.407   6.333   1.00 18.86 ? 68  ARG A CG  1 
ATOM   518 C  CD  . ARG A 1 68  ? 4.878   7.304   7.522   1.00 23.37 ? 68  ARG A CD  1 
ATOM   519 N  NE  . ARG A 1 68  ? 5.048   8.677   7.068   1.00 22.94 ? 68  ARG A NE  1 
ATOM   520 C  CZ  . ARG A 1 68  ? 4.159   9.638   7.219   1.00 25.46 ? 68  ARG A CZ  1 
ATOM   521 N  NH1 . ARG A 1 68  ? 3.003   9.399   7.833   1.00 28.24 ? 68  ARG A NH1 1 
ATOM   522 N  NH2 . ARG A 1 68  ? 4.427   10.846  6.756   1.00 27.78 ? 68  ARG A NH2 1 
ATOM   523 N  N   . VAL A 1 69  ? 2.115   4.199   5.241   1.00 14.14 ? 69  VAL A N   1 
ATOM   524 C  CA  . VAL A 1 69  ? 1.045   4.459   4.281   1.00 14.40 ? 69  VAL A CA  1 
ATOM   525 C  C   . VAL A 1 69  ? -0.309  3.998   4.795   1.00 14.30 ? 69  VAL A C   1 
ATOM   526 O  O   . VAL A 1 69  ? -1.312  4.706   4.649   1.00 14.56 ? 69  VAL A O   1 
ATOM   527 C  CB  . VAL A 1 69  ? 1.361   3.790   2.915   1.00 15.16 ? 69  VAL A CB  1 
ATOM   528 C  CG1 . VAL A 1 69  ? 0.164   3.892   1.960   1.00 15.67 ? 69  VAL A CG1 1 
ATOM   529 C  CG2 . VAL A 1 69  ? 2.602   4.416   2.306   1.00 13.75 ? 69  VAL A CG2 1 
ATOM   530 N  N   . ILE A 1 70  ? -0.349  2.822   5.400   1.00 14.20 ? 70  ILE A N   1 
ATOM   531 C  CA  . ILE A 1 70  ? -1.602  2.310   5.932   1.00 15.31 ? 70  ILE A CA  1 
ATOM   532 C  C   . ILE A 1 70  ? -2.112  3.195   7.074   1.00 14.43 ? 70  ILE A C   1 
ATOM   533 O  O   . ILE A 1 70  ? -3.277  3.558   7.084   1.00 14.34 ? 70  ILE A O   1 
ATOM   534 C  CB  . ILE A 1 70  ? -1.459  0.841   6.365   1.00 15.16 ? 70  ILE A CB  1 
ATOM   535 C  CG1 . ILE A 1 70  ? -1.288  -0.052  5.134   1.00 18.17 ? 70  ILE A CG1 1 
ATOM   536 C  CG2 . ILE A 1 70  ? -2.634  0.433   7.202   1.00 15.49 ? 70  ILE A CG2 1 
ATOM   537 C  CD1 . ILE A 1 70  ? -0.836  -1.500  5.451   1.00 17.71 ? 70  ILE A CD1 1 
ATOM   538 N  N   . GLU A 1 71  ? -1.239  3.606   7.997   1.00 15.40 ? 71  GLU A N   1 
ATOM   539 C  CA  . GLU A 1 71  ? -1.698  4.496   9.075   1.00 15.49 ? 71  GLU A CA  1 
ATOM   540 C  C   . GLU A 1 71  ? -2.242  5.832   8.545   1.00 15.67 ? 71  GLU A C   1 
ATOM   541 O  O   . GLU A 1 71  ? -3.269  6.354   9.028   1.00 16.05 ? 71  GLU A O   1 
ATOM   542 C  CB  . GLU A 1 71  ? -0.631  4.708   10.132  1.00 16.14 ? 71  GLU A CB  1 
ATOM   543 C  CG  . GLU A 1 71  ? -1.156  5.429   11.366  1.00 20.41 ? 71  GLU A CG  1 
ATOM   544 C  CD  . GLU A 1 71  ? -0.045  5.850   12.310  1.00 23.17 ? 71  GLU A CD  1 
ATOM   545 O  OE1 . GLU A 1 71  ? 1.068   5.317   12.198  1.00 28.65 ? 71  GLU A OE1 1 
ATOM   546 O  OE2 . GLU A 1 71  ? -0.286  6.719   13.157  1.00 28.87 ? 71  GLU A OE2 1 
ATOM   547 N  N   . HIS A 1 72  ? -1.597  6.368   7.514   1.00 15.66 ? 72  HIS A N   1 
ATOM   548 C  CA  . HIS A 1 72  ? -2.075  7.597   6.901   1.00 15.48 ? 72  HIS A CA  1 
ATOM   549 C  C   . HIS A 1 72  ? -3.469  7.412   6.280   1.00 14.74 ? 72  HIS A C   1 
ATOM   550 O  O   . HIS A 1 72  ? -4.335  8.281   6.422   1.00 16.05 ? 72  HIS A O   1 
ATOM   551 C  CB  . HIS A 1 72  ? -1.125  8.065   5.812   1.00 15.11 ? 72  HIS A CB  1 
ATOM   552 C  CG  . HIS A 1 72  ? -1.618  9.272   5.082   1.00 17.32 ? 72  HIS A CG  1 
ATOM   553 N  ND1 . HIS A 1 72  ? -2.266  9.201   3.864   1.00 18.27 ? 72  HIS A ND1 1 
ATOM   554 C  CD2 . HIS A 1 72  ? -1.590  10.589  5.419   1.00 18.12 ? 72  HIS A CD2 1 
ATOM   555 C  CE1 . HIS A 1 72  ? -2.598  10.420  3.474   1.00 16.42 ? 72  HIS A CE1 1 
ATOM   556 N  NE2 . HIS A 1 72  ? -2.212  11.278  4.402   1.00 20.03 ? 72  HIS A NE2 1 
ATOM   557 N  N   . LEU A 1 73  ? -3.680  6.292   5.594   1.00 15.20 ? 73  LEU A N   1 
ATOM   558 C  CA  . LEU A 1 73  ? -4.957  6.037   4.934   1.00 15.16 ? 73  LEU A CA  1 
ATOM   559 C  C   . LEU A 1 73  ? -6.049  5.827   5.948   1.00 15.59 ? 73  LEU A C   1 
ATOM   560 O  O   . LEU A 1 73  ? -7.175  6.286   5.764   1.00 16.29 ? 73  LEU A O   1 
ATOM   561 C  CB  . LEU A 1 73  ? -4.855  4.815   4.027   1.00 15.79 ? 73  LEU A CB  1 
ATOM   562 C  CG  . LEU A 1 73  ? -3.914  4.899   2.818   1.00 16.45 ? 73  LEU A CG  1 
ATOM   563 C  CD1 . LEU A 1 73  ? -3.917  3.589   2.103   1.00 18.03 ? 73  LEU A CD1 1 
ATOM   564 C  CD2 . LEU A 1 73  ? -4.336  6.011   1.929   1.00 16.53 ? 73  LEU A CD2 1 
ATOM   565 N  N   . ILE A 1 74  ? -5.725  5.168   7.045   1.00 15.32 ? 74  ILE A N   1 
ATOM   566 C  CA  . ILE A 1 74  ? -6.741  4.923   8.063   1.00 16.05 ? 74  ILE A CA  1 
ATOM   567 C  C   . ILE A 1 74  ? -7.189  6.205   8.735   1.00 16.61 ? 74  ILE A C   1 
ATOM   568 O  O   . ILE A 1 74  ? -8.366  6.403   9.004   1.00 16.60 ? 74  ILE A O   1 
ATOM   569 C  CB  . ILE A 1 74  ? -6.246  3.915   9.077   1.00 16.38 ? 74  ILE A CB  1 
ATOM   570 C  CG1 . ILE A 1 74  ? -6.271  2.524   8.437   1.00 15.71 ? 74  ILE A CG1 1 
ATOM   571 C  CG2 . ILE A 1 74  ? -7.141  3.898   10.340  1.00 17.55 ? 74  ILE A CG2 1 
ATOM   572 C  CD1 . ILE A 1 74  ? -5.460  1.488   9.141   1.00 16.78 ? 74  ILE A CD1 1 
ATOM   573 N  N   . LYS A 1 75  ? -6.238  7.094   8.978   1.00 17.44 ? 75  LYS A N   1 
ATOM   574 C  CA  . LYS A 1 75  ? -6.530  8.328   9.694   1.00 19.05 ? 75  LYS A CA  1 
ATOM   575 C  C   . LYS A 1 75  ? -7.142  9.383   8.802   1.00 19.27 ? 75  LYS A C   1 
ATOM   576 O  O   . LYS A 1 75  ? -8.063  10.084  9.232   1.00 18.83 ? 75  LYS A O   1 
ATOM   577 C  CB  . LYS A 1 75  ? -5.254  8.881   10.331  1.00 19.73 ? 75  LYS A CB  1 
ATOM   578 C  CG  . LYS A 1 75  ? -4.809  8.081   11.536  1.00 22.10 ? 75  LYS A CG  1 
ATOM   579 C  CD  . LYS A 1 75  ? -3.601  8.692   12.205  1.00 26.04 ? 75  LYS A CD  1 
ATOM   580 C  CE  . LYS A 1 75  ? -2.933  7.717   13.165  1.00 27.82 ? 75  LYS A CE  1 
ATOM   581 N  NZ  . LYS A 1 75  ? -3.598  7.663   14.455  1.00 29.00 ? 75  LYS A NZ  1 
ATOM   582 N  N   . ASN A 1 76  ? -6.639  9.488   7.568   1.00 18.87 ? 76  ASN A N   1 
ATOM   583 C  CA  . ASN A 1 76  ? -6.988  10.595  6.668   1.00 19.04 ? 76  ASN A CA  1 
ATOM   584 C  C   . ASN A 1 76  ? -7.772  10.317  5.384   1.00 18.34 ? 76  ASN A C   1 
ATOM   585 O  O   . ASN A 1 76  ? -8.252  11.246  4.724   1.00 16.83 ? 76  ASN A O   1 
ATOM   586 C  CB  . ASN A 1 76  ? -5.705  11.284  6.244   1.00 18.91 ? 76  ASN A CB  1 
ATOM   587 C  CG  . ASN A 1 76  ? -4.887  11.764  7.424   1.00 21.78 ? 76  ASN A CG  1 
ATOM   588 O  OD1 . ASN A 1 76  ? -5.295  12.686  8.148   1.00 24.69 ? 76  ASN A OD1 1 
ATOM   589 N  ND2 . ASN A 1 76  ? -3.730  11.162  7.617   1.00 19.54 ? 76  ASN A ND2 1 
ATOM   590 N  N   . GLU A 1 77  ? -7.849  9.061   4.985   1.00 18.14 ? 77  GLU A N   1 
ATOM   591 C  CA  . GLU A 1 77  ? -8.517  8.715   3.753   1.00 17.64 ? 77  GLU A CA  1 
ATOM   592 C  C   . GLU A 1 77  ? -9.187  7.396   4.000   1.00 17.94 ? 77  GLU A C   1 
ATOM   593 O  O   . GLU A 1 77  ? -8.950  6.406   3.280   1.00 16.84 ? 77  GLU A O   1 
ATOM   594 C  CB  . GLU A 1 77  ? -7.500  8.586   2.610   1.00 18.02 ? 77  GLU A CB  1 
ATOM   595 C  CG  . GLU A 1 77  ? -6.737  9.866   2.328   1.00 17.71 ? 77  GLU A CG  1 
ATOM   596 C  CD  . GLU A 1 77  ? -7.535  10.919  1.574   1.00 20.43 ? 77  GLU A CD  1 
ATOM   597 O  OE1 . GLU A 1 77  ? -8.691  10.653  1.172   1.00 21.50 ? 77  GLU A OE1 1 
ATOM   598 O  OE2 . GLU A 1 77  ? -6.988  12.031  1.367   1.00 17.04 ? 77  GLU A OE2 1 
ATOM   599 N  N   . ILE A 1 78  ? -10.045 7.389   5.023   1.00 18.21 ? 78  ILE A N   1 
ATOM   600 C  CA  . ILE A 1 78  ? -10.687 6.162   5.465   1.00 19.35 ? 78  ILE A CA  1 
ATOM   601 C  C   . ILE A 1 78  ? -11.400 5.457   4.324   1.00 17.60 ? 78  ILE A C   1 
ATOM   602 O  O   . ILE A 1 78  ? -11.403 4.227   4.258   1.00 18.25 ? 78  ILE A O   1 
ATOM   603 C  CB  . ILE A 1 78  ? -11.695 6.452   6.623   1.00 20.12 ? 78  ILE A CB  1 
ATOM   604 C  CG1 . ILE A 1 78  ? -11.106 7.415   7.638   1.00 23.23 ? 78  ILE A CG1 1 
ATOM   605 C  CG2 . ILE A 1 78  ? -12.115 5.158   7.315   1.00 21.55 ? 78  ILE A CG2 1 
ATOM   606 C  CD1 . ILE A 1 78  ? -12.065 8.454   8.090   1.00 25.41 ? 78  ILE A CD1 1 
ATOM   607 N  N   . GLU A 1 79  ? -11.998 6.222   3.415   1.00 17.30 ? 79  GLU A N   1 
ATOM   608 C  CA  . GLU A 1 79  ? -12.775 5.616   2.333   1.00 17.20 ? 79  GLU A CA  1 
ATOM   609 C  C   . GLU A 1 79  ? -11.872 4.835   1.359   1.00 16.86 ? 79  GLU A C   1 
ATOM   610 O  O   . GLU A 1 79  ? -12.260 3.755   0.899   1.00 16.52 ? 79  GLU A O   1 
ATOM   611 C  CB  . GLU A 1 79  ? -13.585 6.685   1.598   1.00 17.82 ? 79  GLU A CB  1 
ATOM   612 C  CG  . GLU A 1 79  ? -14.568 7.422   2.499   1.00 18.73 ? 79  GLU A CG  1 
ATOM   613 C  CD  . GLU A 1 79  ? -13.967 8.592   3.307   1.00 22.51 ? 79  GLU A CD  1 
ATOM   614 O  OE1 . GLU A 1 79  ? -12.772 9.021   3.117   1.00 19.03 ? 79  GLU A OE1 1 
ATOM   615 O  OE2 . GLU A 1 79  ? -14.732 9.096   4.159   1.00 26.24 ? 79  GLU A OE2 1 
ATOM   616 N  N   . ILE A 1 80  ? -10.691 5.379   1.069   1.00 17.45 ? 80  ILE A N   1 
ATOM   617 C  CA  . ILE A 1 80  ? -9.659  4.721   0.243   1.00 16.69 ? 80  ILE A CA  1 
ATOM   618 C  C   . ILE A 1 80  ? -9.139  3.452   0.948   1.00 16.61 ? 80  ILE A C   1 
ATOM   619 O  O   . ILE A 1 80  ? -9.025  2.398   0.312   1.00 16.00 ? 80  ILE A O   1 
ATOM   620 C  CB  . ILE A 1 80  ? -8.488  5.695   -0.107  1.00 17.34 ? 80  ILE A CB  1 
ATOM   621 C  CG1 . ILE A 1 80  ? -8.961  6.799   -1.095  1.00 19.09 ? 80  ILE A CG1 1 
ATOM   622 C  CG2 . ILE A 1 80  ? -7.351  4.943   -0.744  1.00 16.79 ? 80  ILE A CG2 1 
ATOM   623 C  CD1 . ILE A 1 80  ? -7.949  7.874   -1.330  1.00 18.60 ? 80  ILE A CD1 1 
ATOM   624 N  N   . TRP A 1 81  ? -8.871  3.541   2.260   1.00 15.47 ? 81  TRP A N   1 
ATOM   625 C  CA  . TRP A 1 81  ? -8.545  2.356   3.072   1.00 15.32 ? 81  TRP A CA  1 
ATOM   626 C  C   . TRP A 1 81  ? -9.613  1.287   2.924   1.00 14.61 ? 81  TRP A C   1 
ATOM   627 O  O   . TRP A 1 81  ? -9.284  0.125   2.697   1.00 14.14 ? 81  TRP A O   1 
ATOM   628 C  CB  . TRP A 1 81  ? -8.386  2.733   4.571   1.00 15.59 ? 81  TRP A CB  1 
ATOM   629 C  CG  . TRP A 1 81  ? -8.350  1.574   5.549   1.00 16.23 ? 81  TRP A CG  1 
ATOM   630 C  CD1 . TRP A 1 81  ? -9.230  1.317   6.569   1.00 17.27 ? 81  TRP A CD1 1 
ATOM   631 C  CD2 . TRP A 1 81  ? -7.345  0.550   5.633   1.00 14.52 ? 81  TRP A CD2 1 
ATOM   632 N  NE1 . TRP A 1 81  ? -8.860  0.174   7.248   1.00 17.60 ? 81  TRP A NE1 1 
ATOM   633 C  CE2 . TRP A 1 81  ? -7.699  -0.309  6.699   1.00 16.78 ? 81  TRP A CE2 1 
ATOM   634 C  CE3 . TRP A 1 81  ? -6.195  0.266   4.902   1.00 12.63 ? 81  TRP A CE3 1 
ATOM   635 C  CZ2 . TRP A 1 81  ? -6.925  -1.424  7.055   1.00 15.93 ? 81  TRP A CZ2 1 
ATOM   636 C  CZ3 . TRP A 1 81  ? -5.455  -0.863  5.234   1.00 14.71 ? 81  TRP A CZ3 1 
ATOM   637 C  CH2 . TRP A 1 81  ? -5.817  -1.683  6.298   1.00 14.19 ? 81  TRP A CH2 1 
ATOM   638 N  N   . ARG A 1 82  ? -10.894 1.644   3.005   1.00 14.61 ? 82  ARG A N   1 
ATOM   639 C  CA  . ARG A 1 82  ? -11.937 0.622   2.932   1.00 16.02 ? 82  ARG A CA  1 
ATOM   640 C  C   . ARG A 1 82  ? -11.957 -0.063  1.610   1.00 15.47 ? 82  ARG A C   1 
ATOM   641 O  O   . ARG A 1 82  ? -12.165 -1.281  1.551   1.00 16.68 ? 82  ARG A O   1 
ATOM   642 C  CB  . ARG A 1 82  ? -13.335 1.172   3.202   1.00 16.62 ? 82  ARG A CB  1 
ATOM   643 C  CG  . ARG A 1 82  ? -13.690 1.026   4.628   1.00 21.89 ? 82  ARG A CG  1 
ATOM   644 C  CD  . ARG A 1 82  ? -14.077 2.289   5.279   1.00 29.46 ? 82  ARG A CD  1 
ATOM   645 N  NE  . ARG A 1 82  ? -15.303 2.844   4.744   1.00 33.47 ? 82  ARG A NE  1 
ATOM   646 C  CZ  . ARG A 1 82  ? -16.516 2.495   5.139   1.00 37.40 ? 82  ARG A CZ  1 
ATOM   647 N  NH1 . ARG A 1 82  ? -16.674 1.560   6.068   1.00 40.11 ? 82  ARG A NH1 1 
ATOM   648 N  NH2 . ARG A 1 82  ? -17.574 3.084   4.603   1.00 37.24 ? 82  ARG A NH2 1 
ATOM   649 N  N   . GLU A 1 83  ? -11.774 0.709   0.544   1.00 15.95 ? 83  GLU A N   1 
ATOM   650 C  CA  . GLU A 1 83  ? -11.785 0.115   -0.796  1.00 16.64 ? 83  GLU A CA  1 
ATOM   651 C  C   . GLU A 1 83  ? -10.580 -0.802  -1.004  1.00 15.03 ? 83  GLU A C   1 
ATOM   652 O  O   . GLU A 1 83  ? -10.694 -1.859  -1.634  1.00 17.08 ? 83  GLU A O   1 
ATOM   653 C  CB  . GLU A 1 83  ? -11.919 1.170   -1.922  1.00 17.41 ? 83  GLU A CB  1 
ATOM   654 C  CG  . GLU A 1 83  ? -10.686 1.963   -2.308  1.00 23.99 ? 83  GLU A CG  1 
ATOM   655 C  CD  . GLU A 1 83  ? -11.021 3.108   -3.276  1.00 29.13 ? 83  GLU A CD  1 
ATOM   656 O  OE1 . GLU A 1 83  ? -12.063 3.016   -3.987  1.00 29.62 ? 83  GLU A OE1 1 
ATOM   657 O  OE2 . GLU A 1 83  ? -10.263 4.118   -3.313  1.00 32.94 ? 83  GLU A OE2 1 
ATOM   658 N  N   . LEU A 1 84  ? -9.420  -0.404  -0.514  1.00 14.83 ? 84  LEU A N   1 
ATOM   659 C  CA  . LEU A 1 84  ? -8.234  -1.229  -0.705  1.00 14.88 ? 84  LEU A CA  1 
ATOM   660 C  C   . LEU A 1 84  ? -8.246  -2.547  0.067   1.00 15.52 ? 84  LEU A C   1 
ATOM   661 O  O   . LEU A 1 84  ? -7.859  -3.631  -0.483  1.00 14.91 ? 84  LEU A O   1 
ATOM   662 C  CB  . LEU A 1 84  ? -6.976  -0.439  -0.349  1.00 16.04 ? 84  LEU A CB  1 
ATOM   663 C  CG  . LEU A 1 84  ? -6.563  0.705   -1.272  1.00 16.49 ? 84  LEU A CG  1 
ATOM   664 C  CD1 . LEU A 1 84  ? -5.510  1.628   -0.628  1.00 19.26 ? 84  LEU A CD1 1 
ATOM   665 C  CD2 . LEU A 1 84  ? -6.039  0.141   -2.603  1.00 20.87 ? 84  LEU A CD2 1 
ATOM   666 N  N   . THR A 1 85  ? -8.627  -2.455  1.341   1.00 14.58 ? 85  THR A N   1 
ATOM   667 C  CA  . THR A 1 85  ? -8.641  -3.624  2.218   1.00 15.81 ? 85  THR A CA  1 
ATOM   668 C  C   . THR A 1 85  ? -9.691  -4.614  1.714   1.00 15.93 ? 85  THR A C   1 
ATOM   669 O  O   . THR A 1 85  ? -9.477  -5.836  1.731   1.00 17.48 ? 85  THR A O   1 
ATOM   670 C  CB  . THR A 1 85  ? -8.796  -3.196  3.749   1.00 15.63 ? 85  THR A CB  1 
ATOM   671 O  OG1 . THR A 1 85  ? -8.463  -4.287  4.631   1.00 17.56 ? 85  THR A OG1 1 
ATOM   672 C  CG2 . THR A 1 85  ? -10.244 -2.768  4.115   1.00 14.53 ? 85  THR A CG2 1 
ATOM   673 N  N   . ALA A 1 86  ? -10.803 -4.107  1.211   1.00 15.93 ? 86  ALA A N   1 
ATOM   674 C  CA  . ALA A 1 86  ? -11.851 -5.009  0.701   1.00 16.26 ? 86  ALA A CA  1 
ATOM   675 C  C   . ALA A 1 86  ? -11.433 -5.783  -0.577  1.00 16.43 ? 86  ALA A C   1 
ATOM   676 O  O   . ALA A 1 86  ? -11.813 -6.969  -0.773  1.00 17.23 ? 86  ALA A O   1 
ATOM   677 C  CB  . ALA A 1 86  ? -13.122 -4.255  0.485   1.00 16.11 ? 86  ALA A CB  1 
ATOM   678 N  N   . LYS A 1 87  ? -10.672 -5.122  -1.448  1.00 15.75 ? 87  LYS A N   1 
ATOM   679 C  CA  . LYS A 1 87  ? -10.251 -5.710  -2.713  1.00 16.12 ? 87  LYS A CA  1 
ATOM   680 C  C   . LYS A 1 87  ? -9.081  -6.672  -2.518  1.00 16.32 ? 87  LYS A C   1 
ATOM   681 O  O   . LYS A 1 87  ? -9.105  -7.801  -3.026  1.00 17.89 ? 87  LYS A O   1 
ATOM   682 C  CB  . LYS A 1 87  ? -9.850  -4.619  -3.749  1.00 16.18 ? 87  LYS A CB  1 
ATOM   683 C  CG  . LYS A 1 87  ? -9.413  -5.199  -5.164  1.00 17.69 ? 87  LYS A CG  1 
ATOM   684 C  CD  . LYS A 1 87  ? -8.673  -4.189  -6.033  1.00 23.42 ? 87  LYS A CD  1 
ATOM   685 C  CE  . LYS A 1 87  ? -8.407  -4.641  -7.480  1.00 25.53 ? 87  LYS A CE  1 
ATOM   686 N  NZ  . LYS A 1 87  ? -8.245  -6.117  -7.676  1.00 27.72 ? 87  LYS A NZ  1 
ATOM   687 N  N   . TYR A 1 88  ? -8.089  -6.238  -1.766  1.00 14.99 ? 88  TYR A N   1 
ATOM   688 C  CA  . TYR A 1 88  ? -6.838  -6.989  -1.623  1.00 16.29 ? 88  TYR A CA  1 
ATOM   689 C  C   . TYR A 1 88  ? -6.762  -7.922  -0.403  1.00 16.73 ? 88  TYR A C   1 
ATOM   690 O  O   . TYR A 1 88  ? -5.970  -8.891  -0.398  1.00 17.17 ? 88  TYR A O   1 
ATOM   691 C  CB  . TYR A 1 88  ? -5.648  -6.029  -1.666  1.00 16.83 ? 88  TYR A CB  1 
ATOM   692 C  CG  . TYR A 1 88  ? -5.279  -5.595  -3.063  1.00 13.64 ? 88  TYR A CG  1 
ATOM   693 C  CD1 . TYR A 1 88  ? -4.520  -6.418  -3.877  1.00 15.68 ? 88  TYR A CD1 1 
ATOM   694 C  CD2 . TYR A 1 88  ? -5.732  -4.385  -3.601  1.00 15.86 ? 88  TYR A CD2 1 
ATOM   695 C  CE1 . TYR A 1 88  ? -4.187  -6.040  -5.166  1.00 15.80 ? 88  TYR A CE1 1 
ATOM   696 C  CE2 . TYR A 1 88  ? -5.421  -4.023  -4.923  1.00 16.33 ? 88  TYR A CE2 1 
ATOM   697 C  CZ  . TYR A 1 88  ? -4.634  -4.841  -5.689  1.00 13.37 ? 88  TYR A CZ  1 
ATOM   698 O  OH  . TYR A 1 88  ? -4.302  -4.522  -7.025  1.00 15.64 ? 88  TYR A OH  1 
ATOM   699 N  N   . ASP A 1 89  ? -7.614  -7.672  0.591   1.00 16.82 ? 89  ASP A N   1 
ATOM   700 C  CA  . ASP A 1 89  ? -7.667  -8.488  1.826   1.00 17.17 ? 89  ASP A CA  1 
ATOM   701 C  C   . ASP A 1 89  ? -9.143  -8.811  2.128   1.00 17.76 ? 89  ASP A C   1 
ATOM   702 O  O   . ASP A 1 89  ? -9.697  -8.413  3.167   1.00 16.55 ? 89  ASP A O   1 
ATOM   703 C  CB  . ASP A 1 89  ? -7.024  -7.727  2.986   1.00 16.88 ? 89  ASP A CB  1 
ATOM   704 C  CG  . ASP A 1 89  ? -6.806  -8.591  4.229   1.00 18.69 ? 89  ASP A CG  1 
ATOM   705 O  OD1 . ASP A 1 89  ? -7.036  -9.831  4.181   1.00 15.37 ? 89  ASP A OD1 1 
ATOM   706 O  OD2 . ASP A 1 89  ? -6.405  -8.081  5.299   1.00 17.95 ? 89  ASP A OD2 1 
ATOM   707 N  N   . PRO A 1 90  ? -9.783  -9.550  1.231   1.00 18.52 ? 90  PRO A N   1 
ATOM   708 C  CA  . PRO A 1 90  ? -11.229 -9.782  1.338   1.00 19.52 ? 90  PRO A CA  1 
ATOM   709 C  C   . PRO A 1 90  ? -11.625 -10.556 2.596   1.00 19.78 ? 90  PRO A C   1 
ATOM   710 O  O   . PRO A 1 90  ? -12.704 -10.304 3.133   1.00 20.92 ? 90  PRO A O   1 
ATOM   711 C  CB  . PRO A 1 90  ? -11.583 -10.595 0.080   1.00 19.75 ? 90  PRO A CB  1 
ATOM   712 C  CG  . PRO A 1 90  ? -10.326 -10.975 -0.566  1.00 20.25 ? 90  PRO A CG  1 
ATOM   713 C  CD  . PRO A 1 90  ? -9.180  -10.250 0.088   1.00 19.81 ? 90  PRO A CD  1 
ATOM   714 N  N   . THR A 1 91  ? -10.774 -11.453 3.071   1.00 20.27 ? 91  THR A N   1 
ATOM   715 C  CA  . THR A 1 91  ? -11.071 -12.201 4.321   1.00 20.43 ? 91  THR A CA  1 
ATOM   716 C  C   . THR A 1 91  ? -10.641 -11.458 5.588   1.00 20.30 ? 91  THR A C   1 
ATOM   717 O  O   . THR A 1 91  ? -10.740 -12.004 6.712   1.00 20.97 ? 91  THR A O   1 
ATOM   718 C  CB  . THR A 1 91  ? -10.422 -13.606 4.335   1.00 20.96 ? 91  THR A CB  1 
ATOM   719 O  OG1 . THR A 1 91  ? -8.997  -13.502 4.525   1.00 21.49 ? 91  THR A OG1 1 
ATOM   720 C  CG2 . THR A 1 91  ? -10.624 -14.320 3.010   1.00 21.33 ? 91  THR A CG2 1 
ATOM   721 N  N   . GLY A 1 92  ? -10.115 -10.251 5.415   1.00 19.55 ? 92  GLY A N   1 
ATOM   722 C  CA  . GLY A 1 92  ? -9.792  -9.395  6.545   1.00 19.53 ? 92  GLY A CA  1 
ATOM   723 C  C   . GLY A 1 92  ? -8.715  -9.950  7.461   1.00 19.00 ? 92  GLY A C   1 
ATOM   724 O  O   . GLY A 1 92  ? -8.829  -9.914  8.701   1.00 17.36 ? 92  GLY A O   1 
ATOM   725 N  N   . ASN A 1 93  ? -7.653  -10.464 6.855   1.00 18.84 ? 93  ASN A N   1 
ATOM   726 C  CA  . ASN A 1 93  ? -6.553  -11.017 7.638   1.00 20.09 ? 93  ASN A CA  1 
ATOM   727 C  C   . ASN A 1 93  ? -5.873  -9.954  8.504   1.00 18.64 ? 93  ASN A C   1 
ATOM   728 O  O   . ASN A 1 93  ? -5.548  -10.210 9.675   1.00 19.89 ? 93  ASN A O   1 
ATOM   729 C  CB  . ASN A 1 93  ? -5.549  -11.704 6.708   1.00 21.11 ? 93  ASN A CB  1 
ATOM   730 C  CG  . ASN A 1 93  ? -6.093  -13.015 6.169   1.00 20.10 ? 93  ASN A CG  1 
ATOM   731 O  OD1 . ASN A 1 93  ? -6.378  -13.920 6.929   1.00 25.68 ? 93  ASN A OD1 1 
ATOM   732 N  ND2 . ASN A 1 93  ? -6.297  -13.089 4.863   1.00 29.23 ? 93  ASN A ND2 1 
ATOM   733 N  N   . TRP A 1 94  ? -5.727  -8.752  7.964   1.00 17.28 ? 94  TRP A N   1 
ATOM   734 C  CA  . TRP A 1 94  ? -4.955  -7.694  8.609   1.00 16.58 ? 94  TRP A CA  1 
ATOM   735 C  C   . TRP A 1 94  ? -5.749  -6.427  8.937   1.00 16.36 ? 94  TRP A C   1 
ATOM   736 O  O   . TRP A 1 94  ? -5.245  -5.540  9.618   1.00 17.11 ? 94  TRP A O   1 
ATOM   737 C  CB  . TRP A 1 94  ? -3.791  -7.282  7.707   1.00 17.04 ? 94  TRP A CB  1 
ATOM   738 C  CG  . TRP A 1 94  ? -2.970  -8.438  7.269   1.00 17.56 ? 94  TRP A CG  1 
ATOM   739 C  CD1 . TRP A 1 94  ? -2.993  -9.037  6.059   1.00 20.75 ? 94  TRP A CD1 1 
ATOM   740 C  CD2 . TRP A 1 94  ? -2.003  -9.139  8.051   1.00 18.26 ? 94  TRP A CD2 1 
ATOM   741 N  NE1 . TRP A 1 94  ? -2.096  -10.075 6.031   1.00 17.41 ? 94  TRP A NE1 1 
ATOM   742 C  CE2 . TRP A 1 94  ? -1.478  -10.160 7.249   1.00 16.93 ? 94  TRP A CE2 1 
ATOM   743 C  CE3 . TRP A 1 94  ? -1.505  -8.980  9.340   1.00 17.24 ? 94  TRP A CE3 1 
ATOM   744 C  CZ2 . TRP A 1 94  ? -0.506  -11.033 7.697   1.00 14.21 ? 94  TRP A CZ2 1 
ATOM   745 C  CZ3 . TRP A 1 94  ? -0.532  -9.852  9.786   1.00 18.35 ? 94  TRP A CZ3 1 
ATOM   746 C  CH2 . TRP A 1 94  ? -0.044  -10.865 8.963   1.00 16.45 ? 94  TRP A CH2 1 
ATOM   747 N  N   . ARG A 1 95  ? -6.978  -6.324  8.467   1.00 15.82 ? 95  ARG A N   1 
ATOM   748 C  CA  . ARG A 1 95  ? -7.720  -5.083  8.671   1.00 16.11 ? 95  ARG A CA  1 
ATOM   749 C  C   . ARG A 1 95  ? -7.780  -4.607  10.127  1.00 15.33 ? 95  ARG A C   1 
ATOM   750 O  O   . ARG A 1 95  ? -7.376  -3.481  10.459  1.00 15.59 ? 95  ARG A O   1 
ATOM   751 C  CB  . ARG A 1 95  ? -9.120  -5.211  8.080   1.00 15.54 ? 95  ARG A CB  1 
ATOM   752 C  CG  . ARG A 1 95  ? -9.915  -3.932  8.183   1.00 16.83 ? 95  ARG A CG  1 
ATOM   753 C  CD  . ARG A 1 95  ? -11.223 -3.954  7.481   1.00 13.98 ? 95  ARG A CD  1 
ATOM   754 N  NE  . ARG A 1 95  ? -11.945 -2.710  7.732   1.00 16.62 ? 95  ARG A NE  1 
ATOM   755 C  CZ  . ARG A 1 95  ? -13.091 -2.386  7.147   1.00 17.80 ? 95  ARG A CZ  1 
ATOM   756 N  NH1 . ARG A 1 95  ? -13.624 -3.176  6.238   1.00 19.40 ? 95  ARG A NH1 1 
ATOM   757 N  NH2 . ARG A 1 95  ? -13.671 -1.252  7.443   1.00 17.83 ? 95  ARG A NH2 1 
ATOM   758 N  N   . LYS A 1 96  ? -8.281  -5.448  11.013  1.00 14.86 ? 96  LYS A N   1 
ATOM   759 C  CA  . LYS A 1 96  ? -8.440  -5.032  12.388  1.00 15.19 ? 96  LYS A CA  1 
ATOM   760 C  C   . LYS A 1 96  ? -7.070  -4.801  13.039  1.00 14.74 ? 96  LYS A C   1 
ATOM   761 O  O   . LYS A 1 96  ? -6.900  -3.891  13.843  1.00 14.78 ? 96  LYS A O   1 
ATOM   762 C  CB  . LYS A 1 96  ? -9.279  -6.049  13.175  1.00 15.24 ? 96  LYS A CB  1 
ATOM   763 C  CG  . LYS A 1 96  ? -9.523  -5.608  14.607  1.00 17.83 ? 96  LYS A CG  1 
ATOM   764 C  CD  . LYS A 1 96  ? -10.484 -6.494  15.402  1.00 22.17 ? 96  LYS A CD  1 
ATOM   765 C  CE  . LYS A 1 96  ? -10.691 -5.899  16.807  1.00 24.41 ? 96  LYS A CE  1 
ATOM   766 N  NZ  . LYS A 1 96  ? -9.527  -6.089  17.726  1.00 24.63 ? 96  LYS A NZ  1 
ATOM   767 N  N   . LYS A 1 97  ? -6.093  -5.646  12.740  1.00 14.52 ? 97  LYS A N   1 
ATOM   768 C  CA  . LYS A 1 97  ? -4.758  -5.439  13.284  1.00 14.87 ? 97  LYS A CA  1 
ATOM   769 C  C   . LYS A 1 97  ? -4.139  -4.054  13.010  1.00 15.35 ? 97  LYS A C   1 
ATOM   770 O  O   . LYS A 1 97  ? -3.562  -3.428  13.908  1.00 16.15 ? 97  LYS A O   1 
ATOM   771 C  CB  . LYS A 1 97  ? -3.807  -6.514  12.806  1.00 15.28 ? 97  LYS A CB  1 
ATOM   772 C  CG  . LYS A 1 97  ? -3.961  -7.770  13.540  1.00 15.37 ? 97  LYS A CG  1 
ATOM   773 C  CD  . LYS A 1 97  ? -3.075  -8.846  12.964  1.00 17.01 ? 97  LYS A CD  1 
ATOM   774 C  CE  . LYS A 1 97  ? -3.202  -10.103 13.799  1.00 16.08 ? 97  LYS A CE  1 
ATOM   775 N  NZ  . LYS A 1 97  ? -2.675  -11.290 13.075  1.00 16.97 ? 97  LYS A NZ  1 
ATOM   776 N  N   . TYR A 1 98  ? -4.218  -3.606  11.772  1.00 15.74 ? 98  TYR A N   1 
ATOM   777 C  CA  . TYR A 1 98  ? -3.670  -2.309  11.394  1.00 16.27 ? 98  TYR A CA  1 
ATOM   778 C  C   . TYR A 1 98  ? -4.525  -1.190  11.967  1.00 16.60 ? 98  TYR A C   1 
ATOM   779 O  O   . TYR A 1 98  ? -4.000  -0.157  12.378  1.00 17.64 ? 98  TYR A O   1 
ATOM   780 C  CB  . TYR A 1 98  ? -3.589  -2.161  9.867   1.00 16.25 ? 98  TYR A CB  1 
ATOM   781 C  CG  . TYR A 1 98  ? -2.354  -2.776  9.226   1.00 18.72 ? 98  TYR A CG  1 
ATOM   782 C  CD1 . TYR A 1 98  ? -1.097  -2.216  9.420   1.00 22.17 ? 98  TYR A CD1 1 
ATOM   783 C  CD2 . TYR A 1 98  ? -2.451  -3.865  8.394   1.00 18.92 ? 98  TYR A CD2 1 
ATOM   784 C  CE1 . TYR A 1 98  ? 0.032   -2.748  8.825   1.00 22.98 ? 98  TYR A CE1 1 
ATOM   785 C  CE2 . TYR A 1 98  ? -1.312  -4.423  7.803   1.00 22.79 ? 98  TYR A CE2 1 
ATOM   786 C  CZ  . TYR A 1 98  ? -0.080  -3.854  8.036   1.00 24.72 ? 98  TYR A CZ  1 
ATOM   787 O  OH  . TYR A 1 98  ? 1.046   -4.345  7.449   1.00 29.42 ? 98  TYR A OH  1 
ATOM   788 N  N   . GLU A 1 99  ? -5.844  -1.375  11.984  1.00 15.96 ? 99  GLU A N   1 
ATOM   789 C  CA  . GLU A 1 99  ? -6.688  -0.333  12.525  1.00 16.94 ? 99  GLU A CA  1 
ATOM   790 C  C   . GLU A 1 99  ? -6.386  -0.185  14.018  1.00 18.03 ? 99  GLU A C   1 
ATOM   791 O  O   . GLU A 1 99  ? -6.267  0.929   14.526  1.00 18.18 ? 99  GLU A O   1 
ATOM   792 C  CB  . GLU A 1 99  ? -8.159  -0.636  12.275  1.00 17.00 ? 99  GLU A CB  1 
ATOM   793 C  CG  . GLU A 1 99  ? -8.564  -0.412  10.827  1.00 17.24 ? 99  GLU A CG  1 
ATOM   794 C  CD  . GLU A 1 99  ? -9.966  -0.928  10.536  1.00 18.37 ? 99  GLU A CD  1 
ATOM   795 O  OE1 . GLU A 1 99  ? -10.543 -1.573  11.447  1.00 18.55 ? 99  GLU A OE1 1 
ATOM   796 O  OE2 . GLU A 1 99  ? -10.454 -0.715  9.411   1.00 17.33 ? 99  GLU A OE2 1 
ATOM   797 N  N   . ASP A 1 100 ? -6.246  -1.307  14.718  1.00 18.61 ? 100 ASP A N   1 
ATOM   798 C  CA  . ASP A 1 100 ? -5.913  -1.254  16.151  1.00 20.36 ? 100 ASP A CA  1 
ATOM   799 C  C   . ASP A 1 100 ? -4.598  -0.536  16.438  1.00 21.69 ? 100 ASP A C   1 
ATOM   800 O  O   . ASP A 1 100 ? -4.495  0.226   17.419  1.00 21.64 ? 100 ASP A O   1 
ATOM   801 C  CB  . ASP A 1 100 ? -5.894  -2.659  16.744  1.00 19.34 ? 100 ASP A CB  1 
ATOM   802 C  CG  . ASP A 1 100 ? -7.290  -3.226  16.946  1.00 20.39 ? 100 ASP A CG  1 
ATOM   803 O  OD1 . ASP A 1 100 ? -8.287  -2.514  16.658  1.00 16.07 ? 100 ASP A OD1 1 
ATOM   804 O  OD2 . ASP A 1 100 ? -7.487  -4.379  17.395  1.00 18.18 ? 100 ASP A OD2 1 
ATOM   805 N  N   . ARG A 1 101 ? -3.585  -0.776  15.601  1.00 23.91 ? 101 ARG A N   1 
ATOM   806 C  CA  . ARG A 1 101 ? -2.299  -0.097  15.768  1.00 25.71 ? 101 ARG A CA  1 
ATOM   807 C  C   . ARG A 1 101 ? -2.447  1.393   15.486  1.00 25.90 ? 101 ARG A C   1 
ATOM   808 O  O   . ARG A 1 101 ? -1.841  2.222   16.167  1.00 25.79 ? 101 ARG A O   1 
ATOM   809 C  CB  . ARG A 1 101 ? -1.234  -0.647  14.834  1.00 26.40 ? 101 ARG A CB  1 
ATOM   810 C  CG  . ARG A 1 101 ? -0.647  -1.966  15.206  1.00 29.93 ? 101 ARG A CG  1 
ATOM   811 C  CD  . ARG A 1 101 ? 0.439   -2.436  14.241  1.00 34.41 ? 101 ARG A CD  1 
ATOM   812 N  NE  . ARG A 1 101 ? 1.585   -1.524  14.163  1.00 39.06 ? 101 ARG A NE  1 
ATOM   813 C  CZ  . ARG A 1 101 ? 2.547   -1.587  13.235  1.00 42.52 ? 101 ARG A CZ  1 
ATOM   814 N  NH1 . ARG A 1 101 ? 2.519   -2.512  12.279  1.00 43.46 ? 101 ARG A NH1 1 
ATOM   815 N  NH2 . ARG A 1 101 ? 3.554   -0.716  13.259  1.00 43.62 ? 101 ARG A NH2 1 
ATOM   816 N  N   . ALA A 1 102 ? -3.247  1.720   14.478  1.00 25.69 ? 102 ALA A N   1 
ATOM   817 C  CA  . ALA A 1 102 ? -3.477  3.105   14.085  1.00 26.22 ? 102 ALA A CA  1 
ATOM   818 C  C   . ALA A 1 102 ? -4.150  3.866   15.194  1.00 26.35 ? 102 ALA A C   1 
ATOM   819 O  O   . ALA A 1 102 ? -3.764  5.013   15.380  1.00 26.48 ? 102 ALA A O   1 
ATOM   820 C  CB  . ALA A 1 102 ? -4.309  3.190   12.800  1.00 26.29 ? 102 ALA A CB  1 
HETATM 821 O  O1  . BDD B 2 .   ? 9.987   -0.419  -3.086  1.00 37.55 ? 411 BDD A O1  1 
HETATM 822 C  C1  . BDD B 2 .   ? 8.647   -0.329  -2.588  1.00 35.30 ? 411 BDD A C1  1 
HETATM 823 C  C2  . BDD B 2 .   ? 7.747   0.098   -3.738  1.00 35.17 ? 411 BDD A C2  1 
HETATM 824 C  C3  . BDD B 2 .   ? 6.547   0.909   -3.280  1.00 34.07 ? 411 BDD A C3  1 
HETATM 825 C  C4  . BDD B 2 .   ? 6.346   2.064   -4.208  1.00 33.06 ? 411 BDD A C4  1 
HETATM 826 C  C5  . BDD B 2 .   ? 4.903   2.557   -4.231  1.00 30.44 ? 411 BDD A C5  1 
HETATM 827 C  C6  . BDD B 2 .   ? 4.515   3.301   -2.967  1.00 29.47 ? 411 BDD A C6  1 
HETATM 828 C  C7  . BDD B 2 .   ? 3.195   4.041   -3.163  1.00 26.04 ? 411 BDD A C7  1 
HETATM 829 C  C8  . BDD B 2 .   ? 2.530   4.426   -1.849  1.00 22.68 ? 411 BDD A C8  1 
HETATM 830 C  C9  . BDD B 2 .   ? 1.119   4.943   -2.115  1.00 22.29 ? 411 BDD A C9  1 
HETATM 831 C  C10 . BDD B 2 .   ? 0.091   3.832   -2.057  1.00 19.51 ? 411 BDD A C10 1 
HETATM 832 C  C11 . BDD B 2 .   ? -1.324  4.318   -1.795  1.00 18.10 ? 411 BDD A C11 1 
HETATM 833 C  C12 . BDD B 2 .   ? -2.362  3.201   -1.774  1.00 19.01 ? 411 BDD A C12 1 
HETATM 834 BR BR  . BDD B 2 .   ? -2.301  2.405   -3.133  1.00 2.15  ? 411 BDD A BR  1 
HETATM 835 O  O1  . BDD C 2 .   ? 0.558   -7.474  6.056   1.00 36.45 ? 412 BDD A O1  1 
HETATM 836 C  C1  . BDD C 2 .   ? 1.289   -7.022  4.926   1.00 34.50 ? 412 BDD A C1  1 
HETATM 837 C  C2  . BDD C 2 .   ? 0.385   -6.162  4.051   1.00 33.99 ? 412 BDD A C2  1 
HETATM 838 C  C3  . BDD C 2 .   ? 0.973   -4.800  3.784   1.00 33.79 ? 412 BDD A C3  1 
HETATM 839 C  C4  . BDD C 2 .   ? 1.137   -4.588  2.303   1.00 32.85 ? 412 BDD A C4  1 
HETATM 840 C  C5  . BDD C 2 .   ? 2.559   -4.882  1.905   1.00 32.57 ? 412 BDD A C5  1 
HETATM 841 C  C6  . BDD C 2 .   ? 2.863   -4.035  0.692   1.00 31.53 ? 412 BDD A C6  1 
HETATM 842 C  C7  . BDD C 2 .   ? 3.784   -4.807  -0.195  1.00 30.89 ? 412 BDD A C7  1 
HETATM 843 C  C8  . BDD C 2 .   ? 5.023   -4.036  -0.488  1.00 28.88 ? 412 BDD A C8  1 
HETATM 844 C  C9  . BDD C 2 .   ? 5.753   -4.841  -1.516  1.00 26.80 ? 412 BDD A C9  1 
HETATM 845 C  C10 . BDD C 2 .   ? 6.750   -3.986  -2.258  1.00 28.59 ? 412 BDD A C10 1 
HETATM 846 C  C11 . BDD C 2 .   ? 6.422   -3.985  -3.749  1.00 25.54 ? 412 BDD A C11 1 
HETATM 847 C  C12 . BDD C 2 .   ? 7.613   -3.409  -4.499  1.00 25.42 ? 412 BDD A C12 1 
HETATM 848 BR BR  . BDD C 2 .   ? 7.199   -2.006  -5.124  1.00 12.85 ? 412 BDD A BR  1 
HETATM 849 O  O1  . BDD D 2 .   ? -5.781  -5.318  5.174   1.00 19.63 ? 413 BDD A O1  1 
HETATM 850 C  C1  . BDD D 2 .   ? -4.556  -5.063  4.496   1.00 22.78 ? 413 BDD A C1  1 
HETATM 851 C  C2  . BDD D 2 .   ? -4.756  -4.099  3.331   1.00 22.51 ? 413 BDD A C2  1 
HETATM 852 C  C3  . BDD D 2 .   ? -3.401  -3.535  2.917   1.00 23.96 ? 413 BDD A C3  1 
HETATM 853 C  C4  . BDD D 2 .   ? -3.499  -2.467  1.820   1.00 25.98 ? 413 BDD A C4  1 
HETATM 854 C  C5  . BDD D 2 .   ? -2.083  -1.850  1.709   1.00 26.54 ? 413 BDD A C5  1 
HETATM 855 C  C6  . BDD D 2 .   ? -1.822  -0.789  0.631   1.00 27.79 ? 413 BDD A C6  1 
HETATM 856 C  C7  . BDD D 2 .   ? -0.591  0.090   0.847   1.00 26.31 ? 413 BDD A C7  1 
HETATM 857 C  C8  . BDD D 2 .   ? 0.831   -0.493  0.783   1.00 22.99 ? 413 BDD A C8  1 
HETATM 858 C  C9  . BDD D 2 .   ? 1.892   0.536   0.376   1.00 25.60 ? 413 BDD A C9  1 
HETATM 859 C  C10 . BDD D 2 .   ? 3.286   -0.094  0.378   1.00 23.89 ? 413 BDD A C10 1 
HETATM 860 C  C11 . BDD D 2 .   ? 4.453   0.881   0.408   1.00 23.50 ? 413 BDD A C11 1 
HETATM 861 C  C12 . BDD D 2 .   ? 5.772   0.093   0.457   1.00 21.91 ? 413 BDD A C12 1 
HETATM 862 BR BR  . BDD D 2 .   ? 7.000   1.109   0.587   1.00 9.96  ? 413 BDD A BR  1 
HETATM 863 O  O   . HOH E 3 .   ? 5.744   -11.212 1.093   1.00 20.22 ? 414 HOH A O   1 
HETATM 864 O  O   . HOH E 3 .   ? -10.622 -6.292  4.736   1.00 26.51 ? 415 HOH A O   1 
HETATM 865 O  O   . HOH E 3 .   ? 9.594   1.713   0.594   1.00 19.41 ? 416 HOH A O   1 
HETATM 866 O  O   . HOH E 3 .   ? 4.256   13.892  4.275   1.00 33.20 ? 417 HOH A O   1 
HETATM 867 O  O   . HOH E 3 .   ? 0.404   1.616   -6.770  1.00 39.97 ? 418 HOH A O   1 
HETATM 868 O  O   . HOH E 3 .   ? 11.826  -1.658  -4.340  1.00 18.53 ? 419 HOH A O   1 
HETATM 869 O  O   . HOH E 3 .   ? -4.123  12.365  2.038   1.00 27.17 ? 420 HOH A O   1 
HETATM 870 O  O   . HOH E 3 .   ? -8.043  -11.842 2.661   1.00 34.48 ? 421 HOH A O   1 
HETATM 871 O  O   . HOH E 3 .   ? 13.421  -9.091  3.798   1.00 38.02 ? 422 HOH A O   1 
HETATM 872 O  O   . HOH E 3 .   ? 6.384   5.791   -9.476  1.00 37.13 ? 423 HOH A O   1 
HETATM 873 O  O   . HOH E 3 .   ? 7.947   -2.263  -12.680 1.00 40.94 ? 424 HOH A O   1 
HETATM 874 O  O   . HOH E 3 .   ? -12.506 0.656   -8.984  1.00 52.14 ? 425 HOH A O   1 
HETATM 875 O  O   . HOH E 3 .   ? -1.729  8.165   16.864  1.00 45.11 ? 426 HOH A O   1 
HETATM 876 O  O   . HOH E 3 .   ? -8.430  -16.123 5.181   1.00 70.39 ? 427 HOH A O   1 
HETATM 877 O  O   . HOH E 3 .   ? -2.378  -4.555  16.179  1.00 31.22 ? 428 HOH A O   1 
HETATM 878 O  O   . HOH E 3 .   ? -9.927  6.197   11.281  1.00 44.85 ? 429 HOH A O   1 
HETATM 879 O  O   . HOH E 3 .   ? 0.746   -8.884  11.758  1.00 42.87 ? 430 HOH A O   1 
HETATM 880 O  O   . HOH E 3 .   ? 7.028   -19.524 0.336   1.00 57.41 ? 431 HOH A O   1 
HETATM 881 O  O   . HOH E 3 .   ? -2.905  13.647  0.261   1.00 33.68 ? 432 HOH A O   1 
HETATM 882 O  O   . HOH E 3 .   ? -4.185  1.628   -20.419 1.00 63.45 ? 433 HOH A O   1 
HETATM 883 O  O   . HOH E 3 .   ? 15.340  -1.301  8.894   1.00 47.10 ? 434 HOH A O   1 
HETATM 884 O  O   . HOH E 3 .   ? -10.571 12.367  2.454   1.00 31.24 ? 435 HOH A O   1 
HETATM 885 O  O   . HOH E 3 .   ? -13.279 -2.420  -2.891  1.00 25.23 ? 436 HOH A O   1 
HETATM 886 O  O   . HOH E 3 .   ? 1.514   7.675   8.540   1.00 32.14 ? 437 HOH A O   1 
HETATM 887 O  O   . HOH E 3 .   ? -16.199 4.696   2.506   1.00 48.94 ? 438 HOH A O   1 
HETATM 888 O  O   . HOH E 3 .   ? 20.774  -3.323  -2.301  1.00 23.82 ? 439 HOH A O   1 
HETATM 889 O  O   . HOH E 3 .   ? -6.730  -8.395  11.619  1.00 14.85 ? 440 HOH A O   1 
HETATM 890 O  O   . HOH E 3 .   ? -10.465 9.810   6.694   1.00 30.94 ? 441 HOH A O   1 
HETATM 891 O  O   . HOH E 3 .   ? -10.878 8.730   1.190   1.00 27.85 ? 442 HOH A O   1 
HETATM 892 O  O   . HOH E 3 .   ? -13.539 -1.716  -7.416  1.00 32.78 ? 443 HOH A O   1 
HETATM 893 O  O   . HOH E 3 .   ? -1.098  -8.458  -6.317  1.00 17.17 ? 444 HOH A O   1 
HETATM 894 O  O   . HOH E 3 .   ? -3.095  5.923   -12.036 1.00 22.83 ? 445 HOH A O   1 
HETATM 895 O  O   . HOH E 3 .   ? -9.342  -8.205  10.571  1.00 21.63 ? 446 HOH A O   1 
HETATM 896 O  O   . HOH E 3 .   ? 10.604  9.388   -5.086  1.00 25.82 ? 447 HOH A O   1 
HETATM 897 O  O   . HOH E 3 .   ? 11.496  4.637   0.981   1.00 45.41 ? 448 HOH A O   1 
HETATM 898 O  O   . HOH E 3 .   ? 0.793   -10.704 -5.488  1.00 17.71 ? 449 HOH A O   1 
HETATM 899 O  O   . HOH E 3 .   ? 3.375   -10.242 9.949   1.00 46.92 ? 450 HOH A O   1 
HETATM 900 O  O   . HOH E 3 .   ? 14.978  3.671   -4.860  1.00 26.32 ? 451 HOH A O   1 
HETATM 901 O  O   . HOH E 3 .   ? 9.968   -1.061  -15.292 1.00 54.86 ? 452 HOH A O   1 
HETATM 902 O  O   . HOH E 3 .   ? 15.507  -1.733  1.504   1.00 36.83 ? 453 HOH A O   1 
HETATM 903 O  O   . HOH E 3 .   ? 13.999  -0.993  -13.508 1.00 31.17 ? 454 HOH A O   1 
HETATM 904 O  O   . HOH E 3 .   ? -14.111 -7.759  0.299   1.00 32.22 ? 455 HOH A O   1 
HETATM 905 O  O   . HOH E 3 .   ? 3.511   -3.337  8.042   1.00 36.25 ? 456 HOH A O   1 
HETATM 906 O  O   . HOH E 3 .   ? 11.267  -11.450 5.261   1.00 29.80 ? 457 HOH A O   1 
HETATM 907 O  O   . HOH E 3 .   ? -12.146 9.273   -0.878  1.00 32.31 ? 458 HOH A O   1 
HETATM 908 O  O   . HOH E 3 .   ? -13.680 -2.377  3.538   1.00 36.33 ? 459 HOH A O   1 
HETATM 909 O  O   . HOH E 3 .   ? 10.096  -7.389  -6.655  1.00 34.65 ? 460 HOH A O   1 
HETATM 910 O  O   . HOH E 3 .   ? 7.446   10.206  -4.383  1.00 28.41 ? 461 HOH A O   1 
HETATM 911 O  O   . HOH E 3 .   ? -12.702 -5.287  4.461   1.00 27.09 ? 462 HOH A O   1 
HETATM 912 O  O   . HOH E 3 .   ? -0.114  -1.108  -15.575 1.00 58.00 ? 463 HOH A O   1 
HETATM 913 O  O   . HOH E 3 .   ? -3.722  -0.463  -13.274 1.00 31.72 ? 464 HOH A O   1 
HETATM 914 O  O   . HOH E 3 .   ? -9.412  6.754   -13.207 1.00 42.90 ? 465 HOH A O   1 
HETATM 915 O  O   . HOH E 3 .   ? 4.163   -16.956 0.266   1.00 37.66 ? 466 HOH A O   1 
HETATM 916 O  O   . HOH E 3 .   ? 13.832  6.012   -5.473  1.00 29.86 ? 467 HOH A O   1 
HETATM 917 O  O   . HOH E 3 .   ? -0.285  -4.759  -14.511 1.00 58.17 ? 468 HOH A O   1 
HETATM 918 O  O   . HOH E 3 .   ? 5.778   -8.302  8.495   1.00 35.01 ? 469 HOH A O   1 
HETATM 919 O  O   . HOH E 3 .   ? 1.042   4.682   -10.277 1.00 25.29 ? 470 HOH A O   1 
HETATM 920 O  O   . HOH E 3 .   ? -13.158 8.098   -2.524  1.00 69.33 ? 471 HOH A O   1 
HETATM 921 O  O   . HOH E 3 .   ? 7.906   12.894  -4.741  1.00 37.53 ? 472 HOH A O   1 
HETATM 922 O  O   . HOH E 3 .   ? -4.124  11.709  -9.919  1.00 36.00 ? 473 HOH A O   1 
HETATM 923 O  O   . HOH E 3 .   ? -13.696 -0.780  -5.157  1.00 33.72 ? 474 HOH A O   1 
HETATM 924 O  O   . HOH E 3 .   ? -4.106  6.908   -16.289 1.00 31.51 ? 475 HOH A O   1 
HETATM 925 O  O   . HOH E 3 .   ? 13.572  -5.931  -10.737 1.00 39.01 ? 476 HOH A O   1 
HETATM 926 O  O   . HOH E 3 .   ? 11.966  5.020   -10.410 1.00 29.86 ? 477 HOH A O   1 
HETATM 927 O  O   . HOH E 3 .   ? 5.304   4.879   10.858  1.00 35.41 ? 478 HOH A O   1 
HETATM 928 O  O   . HOH E 3 .   ? 15.305  -2.312  4.192   1.00 30.71 ? 479 HOH A O   1 
HETATM 929 O  O   . HOH E 3 .   ? 3.686   0.794   -15.703 1.00 41.30 ? 480 HOH A O   1 
HETATM 930 O  O   . HOH E 3 .   ? 4.999   -8.062  11.937  1.00 43.82 ? 481 HOH A O   1 
HETATM 931 O  O   . HOH E 3 .   ? 9.022   -7.422  11.847  1.00 27.38 ? 482 HOH A O   1 
HETATM 932 O  O   . HOH E 3 .   ? -10.263 12.359  -1.442  1.00 56.60 ? 483 HOH A O   1 
HETATM 933 O  O   . HOH E 3 .   ? -7.025  -13.067 0.335   1.00 30.86 ? 484 HOH A O   1 
HETATM 934 O  O   . HOH E 3 .   ? 10.404  3.177   3.910   1.00 33.62 ? 485 HOH A O   1 
HETATM 935 O  O   . HOH E 3 .   ? -0.968  1.289   -19.592 1.00 53.78 ? 486 HOH A O   1 
HETATM 936 O  O   . HOH E 3 .   ? 6.758   3.291   9.820   1.00 32.11 ? 487 HOH A O   1 
HETATM 937 O  O   . HOH E 3 .   ? 15.693  -5.607  4.244   1.00 25.71 ? 488 HOH A O   1 
HETATM 938 O  O   . HOH E 3 .   ? -1.809  1.641   11.224  1.00 33.14 ? 489 HOH A O   1 
HETATM 939 O  O   . HOH E 3 .   ? 2.592   16.589  -5.866  1.00 56.38 ? 490 HOH A O   1 
HETATM 940 O  O   . HOH E 3 .   ? -6.758  -0.513  19.574  1.00 58.32 ? 491 HOH A O   1 
HETATM 941 O  O   . HOH E 3 .   ? -19.357 4.069   5.937   1.00 50.83 ? 492 HOH A O   1 
HETATM 942 O  O   . HOH E 3 .   ? 0.585   12.853  -10.710 1.00 45.21 ? 493 HOH A O   1 
HETATM 943 O  O   . HOH E 3 .   ? -6.856  -4.358  20.187  1.00 32.26 ? 494 HOH A O   1 
HETATM 944 O  O   . HOH E 3 .   ? -14.747 -10.711 0.583   1.00 36.29 ? 495 HOH A O   1 
HETATM 945 O  O   . HOH E 3 .   ? 18.867  6.392   1.711   1.00 42.71 ? 496 HOH A O   1 
HETATM 946 O  O   . HOH E 3 .   ? 8.753   4.882   5.803   1.00 46.27 ? 497 HOH A O   1 
HETATM 947 O  O   . HOH E 3 .   ? -5.914  -15.405 3.119   1.00 40.11 ? 498 HOH A O   1 
HETATM 948 O  O   . HOH E 3 .   ? -12.084 -0.728  -13.474 1.00 46.80 ? 499 HOH A O   1 
HETATM 949 O  O   . HOH E 3 .   ? 2.535   8.859   -11.940 1.00 37.61 ? 500 HOH A O   1 
HETATM 950 O  O   . HOH E 3 .   ? -4.790  8.107   -12.463 1.00 37.45 ? 501 HOH A O   1 
HETATM 951 O  O   . HOH E 3 .   ? -8.155  -9.174  -6.732  1.00 28.95 ? 502 HOH A O   1 
HETATM 952 O  O   . HOH E 3 .   ? -3.898  -6.469  -8.739  1.00 36.44 ? 503 HOH A O   1 
HETATM 953 O  O   . HOH E 3 .   ? 11.359  -5.221  9.367   1.00 40.72 ? 504 HOH A O   1 
HETATM 954 O  O   . HOH E 3 .   ? -14.076 -1.749  -13.555 1.00 60.16 ? 505 HOH A O   1 
HETATM 955 O  O   . HOH E 3 .   ? 10.815  12.155  5.440   1.00 48.92 ? 506 HOH A O   1 
HETATM 956 O  O   . HOH E 3 .   ? -12.144 6.344   10.961  1.00 34.39 ? 507 HOH A O   1 
HETATM 957 O  O   . HOH E 3 .   ? -7.498  6.994   -16.020 1.00 54.11 ? 508 HOH A O   1 
HETATM 958 O  O   . HOH E 3 .   ? 17.188  -3.547  1.054   1.00 44.41 ? 509 HOH A O   1 
HETATM 959 O  O   . HOH E 3 .   ? -14.666 -12.481 2.011   1.00 43.72 ? 510 HOH A O   1 
HETATM 960 O  O   . HOH E 3 .   ? -4.399  -1.055  20.748  1.00 60.57 ? 511 HOH A O   1 
HETATM 961 O  O   . HOH E 3 .   ? 7.714   -0.658  -15.508 1.00 41.01 ? 512 HOH A O   1 
HETATM 962 O  O   . HOH E 3 .   ? 16.866  -5.686  -6.217  1.00 69.53 ? 513 HOH A O   1 
HETATM 963 O  O   . HOH E 3 .   ? -7.496  -10.485 -8.491  1.00 37.52 ? 514 HOH A O   1 
HETATM 964 O  O   . HOH E 3 .   ? -7.279  -17.153 -1.430  1.00 42.79 ? 515 HOH A O   1 
HETATM 965 O  O   . HOH E 3 .   ? 9.767   8.474   -7.186  1.00 50.51 ? 516 HOH A O   1 
HETATM 966 O  O   . HOH E 3 .   ? -6.607  15.856  0.131   1.00 45.41 ? 517 HOH A O   1 
HETATM 967 O  O   . HOH E 3 .   ? -5.521  -9.132  -11.301 1.00 49.42 ? 518 HOH A O   1 
HETATM 968 O  O   . HOH E 3 .   ? -15.120 2.519   8.785   1.00 52.49 ? 519 HOH A O   1 
HETATM 969 O  O   . HOH E 3 .   ? -3.362  16.253  0.856   1.00 51.04 ? 520 HOH A O   1 
HETATM 970 O  O   . HOH E 3 .   ? -6.631  -16.569 7.086   1.00 43.74 ? 521 HOH A O   1 
HETATM 971 O  O   . HOH E 3 .   ? 2.807   -8.226  7.989   1.00 48.06 ? 522 HOH A O   1 
HETATM 972 O  O   . HOH E 3 .   ? -4.014  14.449  4.296   1.00 38.66 ? 523 HOH A O   1 
# 
